data_9KZ7
#
_entry.id   9KZ7
#
_cell.length_a   1.00
_cell.length_b   1.00
_cell.length_c   1.00
_cell.angle_alpha   90.00
_cell.angle_beta   90.00
_cell.angle_gamma   90.00
#
_symmetry.space_group_name_H-M   'P 1'
#
loop_
_entity.id
_entity.type
_entity.pdbx_description
1 polymer Maltase-glucoamylase
2 branched 4,6-dideoxy-4-{[(1S,4R,5S,6S)-4,5,6-trihydroxy-3-(hydroxymethyl)cyclohex-2-en-1-yl]amino}-alpha-D-glucopyranose-(1-4)-alpha-D-glucopyranose-(1-4)-alpha-D-glucopyranose-(1-4)-beta-D-glucopyranose
3 branched 2-acetamido-2-deoxy-beta-D-glucopyranose-(1-4)-2-acetamido-2-deoxy-beta-D-glucopyranose
4 branched 2-acetamido-2-deoxy-beta-D-glucopyranose-(1-4)-[alpha-L-fucopyranose-(1-6)]2-acetamido-2-deoxy-beta-D-glucopyranose
5 non-polymer 2-acetamido-2-deoxy-beta-D-glucopyranose
#
_entity_poly.entity_id   1
_entity_poly.type   'polypeptide(L)'
_entity_poly.pdbx_seq_one_letter_code
;VLSARESLESKDAGTPGPSTPDSAECAVANELERINCIPDQSPTKATCDQRGCCWKPQGAISVPWCYYSTNHGYQVEGDL
VNTNAGFTAQLKRLPSPSLFGNDINNVLLRAEYQTATRFHFKLTDQNQDRYEVPHEHVQPFQGNAASPLTYEVMVSKQPF
SIKVIRTSNSRVLFDSSIGPLLFADQFLQLSIRLPSANVYGLGEHVHQQYRHDMNWKTWPIFARDTVPNGDGNNLYGAQT
FFLCLEDASGLSFGVFLMNSNAMEVALQPAPAVTYRTTGGILDFYVLLGNTPEQVVQEYLQLIGLPALPPYWALGFHLSR
YDYETLDNMREVVERNRAAQLPYDVQHADIDYMDKRRDFTYNPVDFKGFPELAQDLHNNGQKLVIIVDPAISNDSSPSSP
YGPYDRGSDAKIWVNDPDGVTPLIGEVWPGKTVFPDYTNPKCTTWWENEFKLFHNQVDFDGIWIDMNEVANFVDGSVSGC
STSNLNYPPFTPRILDGYLFSKTLCMDAVQHWGKQYDVHNLYGYSMAIATAEAVKTVFSNKRSFILTRSTFAGSGKFAAH
WLGDNAATWDDLRWSIPGMLEFNLFGIPMVGSDICGFLLDTSEELCRRWMQVGAFYPFSRNHNGQGYKVQDPASFGADSL
LLNSSRHYLSIRYTLLPYLYTLFYHAHSRGDTVARPLLHEFYEDSNTWDVYQQFLWGPGLLITPVLDEGAEKVTAYVPDA
VWYDYETGGRVTWRKQKVEMELPGDKIGLHLRGGYIFPTQQPATTTVASRQNPLGLIIALDDNKEAKGELFWDDGEAKDT
VANKVYLLYEFSVTQNRLDVKILQSTYTDPNNLVFKEIKILGTQEPSNVIVKQNDIPVQVSPNVAYDSNLQVALITEIEL
ELGKNYTVEWDVKIRDEEKIDCYPDETGASEGNCVARGCAWEASTSPGVPHCYFVDELYSVSDVQYDSFGATAAISLKSS
LYASALPSVPVNSLRLSVTYHKENMLQFKIYDPSNNRYEVPVPLNVPRVPSGTSESRLYDVLIKKNPFGIEIRRKSTGTV
IWDSQLLGFTFNDMFIQISTRLPSQYLYGFGETEHTAFRRNLNWHTWGMFSRDQPPGYKMNSYGVHPYYMALEEDGNAHG
VLLLNSNAMDVTFQPLPALTYRTTGGILDFYVLLGPTPELVTQQYTELIGRPVMVPYWSLGFQLCRYGYENDSEIASLYE
DMVAAQIPYDVQYSDIDYMERQLDFTLSPKFDGFPALINRMKANGMRVILILDPAISGNETKPYPPFTRGVEDDVFIKYP
NDGSIVWGKVWPDFPDIFVNSSLDWDSQVEQYRAYVAFPDFFRNSTITWWKRELRELYTNPQDPEKSLKFDGMWIDMNEP
SSFVNGAVSPGCRDSSLNHPPYMPYLESRNSGLSSKTLCMEGEQILPDGSRVRHYDVHSLYGWSQTRPTYEVVQEVTGER
GIIISRSTYPSSGRWSGHWLGDNTAAWDQLRKSIIGMMEFSLFGISYTGADICGFFQDAEFEMCARWMQLGAFYPFSRNH
NSIGTRRQDPVSWNDTFVNISRSVLETRYTLLPYLYTLMHMAHTEGSTVVRALLHEFVSDRVTWDLDSQFLLGPAFLVSP
VLEPNARNVTAYFPRARWYDYYTGVDINARGEWRDLSAPLDHINLHIRGGYILPWQEPAQNTYFSRQKFMGFKVALDDDG
TAEGWLFWDDGQSIDTYEQGLYYLANFSVSQNTMQSHVIFNKYISDANPLKLGYIEIWGVGSAPISSVSISASGEVITPI
FIHDSATQVLNINVTNGNLSLHNFSSLTWTSAPDS
;
_entity_poly.pdbx_strand_id   A
#
loop_
_chem_comp.id
_chem_comp.type
_chem_comp.name
_chem_comp.formula
AC1 D-saccharide 4,6-dideoxy-4-{[(1S,4R,5S,6S)-4,5,6-trihydroxy-3-(hydroxymethyl)cyclohex-2-en-1-yl]amino}-alpha-D-glucopyranose 'C13 H23 N O8'
BGC D-saccharide, beta linking beta-D-glucopyranose 'C6 H12 O6'
FUC L-saccharide, alpha linking alpha-L-fucopyranose 'C6 H12 O5'
GLC D-saccharide, alpha linking alpha-D-glucopyranose 'C6 H12 O6'
NAG D-saccharide, beta linking 2-acetamido-2-deoxy-beta-D-glucopyranose 'C8 H15 N O6'
#
# COMPACT_ATOMS: atom_id res chain seq x y z
N SER A 23 3.07 52.44 3.26
CA SER A 23 2.14 52.98 2.23
C SER A 23 1.45 51.84 1.49
N ALA A 24 0.41 52.19 0.70
CA ALA A 24 -0.38 51.21 -0.04
C ALA A 24 0.39 50.71 -1.27
N GLU A 25 1.39 51.46 -1.71
CA GLU A 25 2.30 51.05 -2.78
C GLU A 25 3.09 49.82 -2.32
N CYS A 26 3.57 49.87 -1.06
CA CYS A 26 4.44 48.86 -0.50
C CYS A 26 3.63 47.67 0.02
N ALA A 27 2.30 47.73 -0.09
CA ALA A 27 1.42 46.70 0.42
C ALA A 27 1.61 45.42 -0.40
N VAL A 28 2.59 44.62 0.02
CA VAL A 28 2.73 43.25 -0.45
C VAL A 28 2.29 42.35 0.71
N ALA A 29 1.19 41.62 0.48
CA ALA A 29 0.58 40.77 1.48
C ALA A 29 1.64 39.86 2.12
N ASN A 30 2.50 39.28 1.27
CA ASN A 30 3.28 38.13 1.65
C ASN A 30 4.76 38.35 1.30
N GLU A 31 5.67 38.22 2.29
CA GLU A 31 7.10 38.46 2.10
C GLU A 31 7.65 37.56 0.99
N LEU A 32 7.00 36.40 0.76
CA LEU A 32 7.41 35.46 -0.27
C LEU A 32 7.04 35.98 -1.67
N GLU A 33 6.22 37.04 -1.77
CA GLU A 33 5.79 37.56 -3.06
C GLU A 33 6.58 38.80 -3.45
N ARG A 34 7.63 39.11 -2.68
CA ARG A 34 8.50 40.23 -3.01
C ARG A 34 9.36 39.88 -4.22
N ILE A 35 9.43 40.79 -5.20
CA ILE A 35 10.31 40.66 -6.35
C ILE A 35 11.53 41.54 -6.12
N ASN A 36 12.73 40.96 -6.15
CA ASN A 36 13.98 41.66 -5.84
C ASN A 36 14.19 42.79 -6.84
N CYS A 37 14.25 44.03 -6.31
CA CYS A 37 14.45 45.24 -7.08
C CYS A 37 15.93 45.52 -7.34
N ILE A 38 16.81 44.86 -6.57
CA ILE A 38 18.24 45.07 -6.74
C ILE A 38 18.93 43.72 -6.89
N PRO A 39 18.72 43.04 -8.04
CA PRO A 39 19.36 41.75 -8.25
C PRO A 39 20.85 41.84 -8.61
N ASP A 40 21.34 43.03 -8.99
CA ASP A 40 22.64 43.19 -9.63
C ASP A 40 23.73 43.49 -8.60
N GLN A 41 23.36 43.78 -7.36
CA GLN A 41 24.33 44.15 -6.33
C GLN A 41 23.71 43.96 -4.95
N SER A 42 24.55 44.08 -3.91
CA SER A 42 24.06 44.02 -2.54
C SER A 42 23.12 45.20 -2.28
N PRO A 43 21.92 44.97 -1.69
CA PRO A 43 20.96 46.05 -1.52
C PRO A 43 21.33 47.00 -0.37
N THR A 44 21.15 48.34 -0.59
CA THR A 44 21.20 49.37 0.44
C THR A 44 19.93 50.21 0.37
N LYS A 45 19.55 50.89 1.44
CA LYS A 45 18.36 51.79 1.33
C LYS A 45 18.66 52.92 0.34
N ALA A 46 19.93 53.14 0.00
CA ALA A 46 20.27 54.28 -0.88
C ALA A 46 19.95 53.95 -2.33
N THR A 47 20.29 52.73 -2.75
CA THR A 47 19.95 52.33 -4.11
C THR A 47 18.46 52.11 -4.21
N CYS A 48 17.83 51.47 -3.22
CA CYS A 48 16.37 51.26 -3.22
C CYS A 48 15.59 52.56 -3.30
N ASP A 49 16.17 53.67 -2.88
CA ASP A 49 15.49 54.97 -2.88
C ASP A 49 15.65 55.58 -4.26
N GLN A 50 16.81 55.43 -4.84
CA GLN A 50 17.04 55.91 -6.23
C GLN A 50 16.22 55.11 -7.23
N ARG A 51 15.91 53.85 -6.92
CA ARG A 51 15.21 53.06 -7.93
C ARG A 51 13.69 53.13 -7.75
N GLY A 52 13.30 53.93 -6.75
CA GLY A 52 11.90 54.12 -6.41
C GLY A 52 11.26 52.89 -5.90
N CYS A 53 11.94 52.09 -5.11
CA CYS A 53 11.29 50.82 -4.72
C CYS A 53 10.85 50.85 -3.26
N CYS A 54 10.66 49.69 -2.65
CA CYS A 54 10.18 49.58 -1.27
C CYS A 54 11.21 48.91 -0.36
N TRP A 55 11.71 49.63 0.65
CA TRP A 55 12.77 49.12 1.51
C TRP A 55 12.20 48.61 2.82
N LYS A 56 12.46 47.34 3.14
CA LYS A 56 12.00 46.72 4.38
C LYS A 56 12.94 45.61 4.80
N PRO A 57 13.93 45.87 5.68
CA PRO A 57 14.94 44.87 6.04
C PRO A 57 14.47 43.80 7.02
N GLN A 58 13.26 43.98 7.55
CA GLN A 58 12.54 42.87 8.18
C GLN A 58 12.43 41.75 7.15
N GLY A 59 12.89 40.54 7.53
CA GLY A 59 12.61 39.37 6.73
C GLY A 59 13.50 38.19 7.13
N ALA A 60 13.10 37.00 6.65
CA ALA A 60 13.85 35.76 6.84
C ALA A 60 15.12 35.80 5.99
N ILE A 61 15.84 34.67 5.93
CA ILE A 61 17.03 34.55 5.10
C ILE A 61 16.62 34.65 3.63
N SER A 62 17.49 35.26 2.81
CA SER A 62 17.43 35.16 1.35
C SER A 62 16.28 35.98 0.74
N VAL A 63 15.36 36.49 1.57
CA VAL A 63 14.22 37.26 1.14
C VAL A 63 14.66 38.69 0.84
N PRO A 64 14.24 39.29 -0.30
CA PRO A 64 14.67 40.65 -0.69
C PRO A 64 14.35 41.69 0.38
N TRP A 65 15.15 42.75 0.43
CA TRP A 65 14.93 43.88 1.37
C TRP A 65 14.46 45.05 0.54
N CYS A 66 14.85 45.09 -0.73
CA CYS A 66 14.35 46.13 -1.66
C CYS A 66 13.48 45.43 -2.71
N TYR A 67 12.18 45.72 -2.72
CA TYR A 67 11.25 45.04 -3.66
C TYR A 67 10.55 46.09 -4.48
N TYR A 68 9.89 45.69 -5.56
CA TYR A 68 9.25 46.67 -6.47
C TYR A 68 7.95 47.17 -5.87
N SER A 69 7.59 48.42 -6.18
CA SER A 69 6.30 48.98 -5.73
C SER A 69 5.23 48.64 -6.78
N THR A 70 4.12 49.36 -6.77
CA THR A 70 3.08 49.15 -7.80
C THR A 70 3.14 50.33 -8.73
N ASN A 71 4.11 51.22 -8.50
CA ASN A 71 4.30 52.39 -9.40
C ASN A 71 5.18 51.95 -10.56
N HIS A 72 5.69 50.73 -10.51
CA HIS A 72 6.57 50.20 -11.58
C HIS A 72 5.73 49.34 -12.53
N GLY A 73 5.99 49.45 -13.83
CA GLY A 73 5.27 48.58 -14.78
C GLY A 73 4.70 49.35 -15.95
N TYR A 74 3.74 48.76 -16.64
CA TYR A 74 3.13 49.39 -17.83
C TYR A 74 1.61 49.40 -17.65
N GLN A 75 0.92 50.28 -18.38
CA GLN A 75 -0.55 50.34 -18.31
C GLN A 75 -1.10 50.10 -19.73
N VAL A 76 -2.23 49.42 -19.85
CA VAL A 76 -2.86 49.23 -21.19
C VAL A 76 -3.51 50.56 -21.60
N GLU A 77 -3.21 51.04 -22.80
CA GLU A 77 -3.82 52.30 -23.31
C GLU A 77 -4.85 51.91 -24.35
N GLY A 78 -6.13 52.27 -24.13
CA GLY A 78 -7.21 51.84 -25.05
C GLY A 78 -7.74 50.50 -24.61
N ASP A 79 -8.11 49.64 -25.56
CA ASP A 79 -8.62 48.28 -25.22
C ASP A 79 -7.88 47.22 -26.05
N LEU A 80 -8.30 45.97 -25.93
CA LEU A 80 -7.62 44.86 -26.66
C LEU A 80 -8.17 44.74 -28.08
N VAL A 81 -7.63 45.50 -29.04
CA VAL A 81 -8.05 45.36 -30.46
C VAL A 81 -7.91 43.87 -30.86
N ASN A 82 -8.94 43.29 -31.46
CA ASN A 82 -8.93 41.85 -31.83
C ASN A 82 -8.30 41.68 -33.22
N THR A 83 -7.68 40.52 -33.48
CA THR A 83 -7.03 40.26 -34.77
C THR A 83 -7.44 38.88 -35.24
N ASN A 84 -6.88 38.43 -36.37
CA ASN A 84 -7.28 37.11 -36.95
C ASN A 84 -6.78 35.96 -36.08
N ALA A 85 -5.62 36.12 -35.41
CA ALA A 85 -5.04 35.01 -34.62
C ALA A 85 -5.25 35.23 -33.13
N GLY A 86 -5.51 36.47 -32.73
CA GLY A 86 -5.77 36.77 -31.31
C GLY A 86 -6.06 38.24 -31.13
N PHE A 87 -5.23 38.95 -30.35
CA PHE A 87 -5.50 40.37 -30.06
C PHE A 87 -4.20 41.14 -29.95
N THR A 88 -4.27 42.46 -30.06
CA THR A 88 -3.09 43.32 -29.90
C THR A 88 -3.44 44.41 -28.90
N ALA A 89 -2.49 44.82 -28.07
CA ALA A 89 -2.75 45.88 -27.07
C ALA A 89 -1.56 46.85 -27.00
N GLN A 90 -1.85 48.14 -26.81
CA GLN A 90 -0.77 49.16 -26.68
C GLN A 90 -0.54 49.40 -25.19
N LEU A 91 0.73 49.45 -24.76
CA LEU A 91 1.05 49.60 -23.32
C LEU A 91 1.93 50.84 -23.11
N LYS A 92 1.56 51.70 -22.18
CA LYS A 92 2.39 52.89 -21.87
C LYS A 92 3.06 52.67 -20.51
N ARG A 93 4.31 53.11 -20.37
CA ARG A 93 5.07 52.86 -19.12
C ARG A 93 4.55 53.76 -17.99
N LEU A 94 4.43 53.21 -16.79
CA LEU A 94 4.04 53.99 -15.63
C LEU A 94 5.19 54.91 -15.20
N PRO A 95 4.93 56.15 -14.71
CA PRO A 95 6.00 57.05 -14.28
C PRO A 95 6.72 56.52 -13.04
N SER A 96 7.84 55.83 -13.29
CA SER A 96 8.73 55.34 -12.24
C SER A 96 10.18 55.63 -12.63
N PRO A 97 11.15 55.76 -11.68
CA PRO A 97 12.56 55.93 -12.03
C PRO A 97 13.12 54.79 -12.88
N SER A 98 14.00 55.16 -13.83
CA SER A 98 14.68 54.18 -14.67
C SER A 98 15.70 53.39 -13.83
N LEU A 99 15.76 52.06 -14.01
CA LEU A 99 16.66 51.24 -13.22
C LEU A 99 18.03 51.14 -13.90
N PHE A 100 18.03 50.91 -15.21
CA PHE A 100 19.28 50.71 -15.93
C PHE A 100 19.39 51.62 -17.15
N GLY A 101 18.46 52.59 -17.30
CA GLY A 101 18.48 53.53 -18.41
C GLY A 101 17.85 52.96 -19.69
N ASN A 102 17.50 53.87 -20.63
CA ASN A 102 16.97 53.54 -21.95
C ASN A 102 15.70 52.71 -21.87
N ASP A 103 14.77 53.13 -21.00
CA ASP A 103 13.48 52.40 -20.85
C ASP A 103 12.62 52.62 -22.10
N ILE A 104 11.95 51.58 -22.57
CA ILE A 104 11.05 51.69 -23.76
C ILE A 104 9.69 52.16 -23.26
N ASN A 105 9.27 53.36 -23.64
CA ASN A 105 7.99 53.92 -23.11
C ASN A 105 6.78 53.23 -23.75
N ASN A 106 6.82 53.00 -25.07
CA ASN A 106 5.64 52.43 -25.77
C ASN A 106 5.91 50.98 -26.18
N VAL A 107 5.17 50.04 -25.59
CA VAL A 107 5.37 48.59 -25.90
C VAL A 107 4.11 48.04 -26.58
N LEU A 108 4.25 47.08 -27.50
CA LEU A 108 3.09 46.45 -28.17
C LEU A 108 2.94 44.99 -27.72
N LEU A 109 1.74 44.58 -27.28
CA LEU A 109 1.45 43.15 -26.93
C LEU A 109 0.72 42.50 -28.10
N ARG A 110 1.27 41.44 -28.67
CA ARG A 110 0.62 40.70 -29.78
C ARG A 110 0.39 39.27 -29.28
N ALA A 111 -0.85 38.94 -28.94
CA ALA A 111 -1.16 37.57 -28.51
C ALA A 111 -1.74 36.75 -29.66
N GLU A 112 -1.49 35.45 -29.63
CA GLU A 112 -1.97 34.56 -30.66
C GLU A 112 -2.45 33.25 -30.06
N TYR A 113 -3.63 32.78 -30.50
CA TYR A 113 -4.14 31.45 -30.07
C TYR A 113 -3.78 30.48 -31.18
N GLN A 114 -2.54 29.97 -31.18
CA GLN A 114 -2.07 29.11 -32.29
C GLN A 114 -2.79 27.76 -32.30
N THR A 115 -2.93 27.11 -31.15
CA THR A 115 -3.53 25.76 -31.13
C THR A 115 -4.41 25.61 -29.91
N ALA A 116 -5.22 24.55 -29.88
CA ALA A 116 -6.09 24.32 -28.74
C ALA A 116 -5.32 24.26 -27.43
N THR A 117 -4.02 23.99 -27.51
CA THR A 117 -3.21 23.77 -26.28
C THR A 117 -1.91 24.54 -26.34
N ARG A 118 -1.85 25.62 -27.11
CA ARG A 118 -0.60 26.40 -27.27
C ARG A 118 -0.90 27.91 -27.38
N PHE A 119 -0.56 28.67 -26.34
CA PHE A 119 -0.71 30.14 -26.37
C PHE A 119 0.63 30.78 -26.69
N HIS A 120 0.65 31.81 -27.52
CA HIS A 120 1.85 32.55 -27.81
C HIS A 120 1.60 34.04 -27.64
N PHE A 121 2.47 34.73 -26.90
CA PHE A 121 2.37 36.17 -26.85
C PHE A 121 3.77 36.78 -26.88
N LYS A 122 3.81 37.99 -27.41
CA LYS A 122 5.07 38.66 -27.57
C LYS A 122 4.93 40.14 -27.19
N LEU A 123 5.95 40.64 -26.48
CA LEU A 123 6.07 42.03 -26.06
C LEU A 123 7.29 42.62 -26.74
N THR A 124 7.09 43.71 -27.48
CA THR A 124 8.16 44.31 -28.24
C THR A 124 8.02 45.83 -28.25
N ASP A 125 9.00 46.52 -28.82
CA ASP A 125 8.92 48.00 -28.94
C ASP A 125 7.90 48.35 -30.02
N GLN A 126 7.21 49.49 -29.88
CA GLN A 126 6.17 49.89 -30.86
C GLN A 126 6.79 50.73 -31.98
N ASN A 127 7.84 51.48 -31.69
CA ASN A 127 8.41 52.40 -32.72
C ASN A 127 9.62 51.75 -33.40
N GLN A 128 10.51 51.12 -32.64
CA GLN A 128 11.75 50.57 -33.25
C GLN A 128 11.67 49.04 -33.31
N ASP A 129 12.44 48.44 -34.23
CA ASP A 129 12.49 46.96 -34.34
C ASP A 129 13.70 46.46 -33.55
N ARG A 130 13.55 45.35 -32.82
CA ARG A 130 14.64 44.84 -31.97
C ARG A 130 15.04 43.43 -32.43
N TYR A 131 16.07 42.86 -31.85
CA TYR A 131 16.58 41.56 -32.25
C TYR A 131 15.57 40.48 -31.87
N GLU A 132 15.27 39.60 -32.83
CA GLU A 132 14.47 38.42 -32.57
C GLU A 132 15.20 37.19 -33.08
N VAL A 133 15.10 36.10 -32.33
CA VAL A 133 15.85 34.90 -32.62
C VAL A 133 15.43 34.39 -33.99
N PRO A 134 16.38 34.25 -34.95
CA PRO A 134 16.06 33.60 -36.20
C PRO A 134 16.04 32.07 -36.08
N HIS A 135 15.00 31.51 -35.49
CA HIS A 135 14.94 30.04 -35.28
C HIS A 135 14.68 29.36 -36.63
N GLU A 136 15.41 28.28 -36.92
CA GLU A 136 15.27 27.61 -38.24
C GLU A 136 13.92 26.87 -38.34
N HIS A 137 13.40 26.33 -37.24
CA HIS A 137 12.15 25.54 -37.31
C HIS A 137 10.94 26.42 -37.02
N VAL A 138 10.99 27.20 -35.95
CA VAL A 138 9.82 28.02 -35.54
C VAL A 138 9.68 29.16 -36.56
N GLN A 139 8.63 29.11 -37.37
CA GLN A 139 8.40 30.16 -38.41
C GLN A 139 7.18 30.99 -38.00
N PRO A 140 7.07 32.27 -38.40
CA PRO A 140 5.91 33.10 -38.06
C PRO A 140 4.58 32.41 -38.34
N PHE A 141 3.68 32.48 -37.35
CA PHE A 141 2.36 31.87 -37.43
C PHE A 141 1.47 32.72 -38.34
N GLN A 142 0.86 32.10 -39.38
CA GLN A 142 -0.04 32.81 -40.28
C GLN A 142 -1.49 32.34 -40.13
N GLY A 143 -1.72 31.30 -39.33
CA GLY A 143 -3.08 30.74 -39.23
C GLY A 143 -4.05 31.67 -38.52
N ASN A 144 -5.29 31.24 -38.35
CA ASN A 144 -6.28 32.06 -37.60
C ASN A 144 -6.41 31.48 -36.19
N ALA A 145 -7.17 32.14 -35.32
CA ALA A 145 -7.26 31.68 -33.92
C ALA A 145 -7.98 30.34 -33.89
N ALA A 146 -7.50 29.42 -33.04
CA ALA A 146 -8.10 28.07 -32.94
C ALA A 146 -9.38 28.12 -32.10
N SER A 147 -10.28 27.15 -32.29
CA SER A 147 -11.53 27.09 -31.49
C SER A 147 -12.07 25.66 -31.52
N PRO A 148 -12.49 25.08 -30.37
CA PRO A 148 -12.37 25.74 -29.04
C PRO A 148 -10.96 25.61 -28.48
N LEU A 149 -10.68 26.30 -27.37
CA LEU A 149 -9.35 26.20 -26.71
C LEU A 149 -9.53 25.47 -25.39
N THR A 150 -8.44 25.00 -24.77
CA THR A 150 -8.53 24.35 -23.45
C THR A 150 -8.11 25.36 -22.43
N TYR A 151 -7.90 26.61 -22.86
CA TYR A 151 -7.38 27.66 -21.94
C TYR A 151 -8.05 28.97 -22.20
N GLU A 152 -7.94 29.89 -21.24
CA GLU A 152 -8.49 31.26 -21.42
C GLU A 152 -7.40 32.28 -21.05
N VAL A 153 -7.38 33.43 -21.71
CA VAL A 153 -6.37 34.45 -21.48
C VAL A 153 -7.06 35.72 -20.98
N MET A 154 -6.53 36.29 -19.88
CA MET A 154 -7.06 37.49 -19.25
C MET A 154 -5.96 38.56 -19.19
N VAL A 155 -6.29 39.76 -19.65
CA VAL A 155 -5.36 40.88 -19.60
C VAL A 155 -5.91 41.93 -18.63
N SER A 156 -5.11 42.25 -17.61
CA SER A 156 -5.39 43.35 -16.70
C SER A 156 -4.84 44.66 -17.26
N LYS A 157 -5.58 45.76 -17.08
CA LYS A 157 -5.28 47.02 -17.75
C LYS A 157 -4.29 47.88 -16.96
N GLN A 158 -4.43 47.99 -15.61
CA GLN A 158 -3.53 48.85 -14.85
C GLN A 158 -3.32 48.32 -13.42
N PRO A 159 -2.09 47.88 -13.04
CA PRO A 159 -0.98 47.70 -13.96
C PRO A 159 -1.23 46.52 -14.90
N PHE A 160 -0.60 46.56 -16.07
CA PHE A 160 -0.74 45.50 -17.06
C PHE A 160 -0.30 44.16 -16.48
N SER A 161 -1.09 43.11 -16.74
CA SER A 161 -0.70 41.74 -16.45
C SER A 161 -1.46 40.76 -17.35
N ILE A 162 -0.84 39.62 -17.65
CA ILE A 162 -1.50 38.59 -18.50
C ILE A 162 -1.74 37.36 -17.62
N LYS A 163 -2.83 36.64 -17.87
CA LYS A 163 -3.16 35.45 -17.05
C LYS A 163 -3.65 34.33 -17.98
N VAL A 164 -3.12 33.12 -17.85
CA VAL A 164 -3.61 31.98 -18.66
C VAL A 164 -4.31 31.01 -17.70
N ILE A 165 -5.57 30.67 -17.97
CA ILE A 165 -6.36 29.84 -17.03
C ILE A 165 -6.82 28.56 -17.73
N ARG A 166 -6.67 27.41 -17.08
CA ARG A 166 -7.19 26.14 -17.65
C ARG A 166 -8.72 26.20 -17.52
N THR A 167 -9.45 26.08 -18.61
CA THR A 167 -10.91 26.20 -18.58
C THR A 167 -11.54 25.04 -17.83
N SER A 168 -11.03 23.81 -17.98
CA SER A 168 -11.71 22.67 -17.39
C SER A 168 -11.87 22.82 -15.88
N ASN A 169 -10.92 23.48 -15.18
CA ASN A 169 -10.96 23.55 -13.71
C ASN A 169 -10.68 24.96 -13.19
N SER A 170 -10.55 25.93 -14.09
CA SER A 170 -10.42 27.35 -13.75
C SER A 170 -9.14 27.63 -12.96
N ARG A 171 -8.13 26.77 -13.11
CA ARG A 171 -6.84 26.96 -12.46
C ARG A 171 -6.01 27.99 -13.22
N VAL A 172 -5.36 28.89 -12.48
CA VAL A 172 -4.50 29.90 -13.08
C VAL A 172 -3.10 29.29 -13.25
N LEU A 173 -2.65 29.22 -14.51
CA LEU A 173 -1.40 28.54 -14.82
C LEU A 173 -0.25 29.53 -14.90
N PHE A 174 -0.55 30.67 -15.51
CA PHE A 174 0.44 31.67 -15.81
C PHE A 174 -0.12 33.03 -15.38
N ASP A 175 0.49 33.63 -14.36
CA ASP A 175 0.02 34.94 -13.84
C ASP A 175 1.20 35.91 -13.75
N SER A 176 1.14 37.01 -14.51
CA SER A 176 2.25 37.99 -14.54
C SER A 176 1.95 39.20 -13.62
N SER A 177 1.06 39.04 -12.64
CA SER A 177 0.68 40.18 -11.77
C SER A 177 1.61 40.27 -10.55
N ILE A 178 2.22 39.16 -10.15
CA ILE A 178 3.12 39.15 -8.95
C ILE A 178 4.18 40.25 -9.08
N GLY A 179 4.63 40.59 -10.29
CA GLY A 179 5.62 41.66 -10.34
C GLY A 179 5.46 42.53 -11.59
N PRO A 180 6.25 43.64 -11.73
CA PRO A 180 6.05 44.53 -12.87
C PRO A 180 6.68 44.02 -14.17
N LEU A 181 6.11 44.41 -15.32
CA LEU A 181 6.80 44.29 -16.60
C LEU A 181 7.86 45.40 -16.70
N LEU A 182 9.14 45.01 -16.88
CA LEU A 182 10.22 45.94 -17.10
C LEU A 182 10.76 45.76 -18.51
N PHE A 183 10.79 46.84 -19.27
CA PHE A 183 11.19 46.73 -20.66
C PHE A 183 12.13 47.88 -21.02
N ALA A 184 13.45 47.63 -20.93
CA ALA A 184 14.50 48.57 -21.32
C ALA A 184 15.33 47.98 -22.47
N ASP A 185 16.23 48.81 -23.02
CA ASP A 185 17.08 48.36 -24.12
C ASP A 185 17.93 47.14 -23.74
N GLN A 186 18.63 47.17 -22.57
CA GLN A 186 19.53 46.09 -22.15
C GLN A 186 19.09 45.49 -20.81
N PHE A 187 17.76 45.54 -20.51
CA PHE A 187 17.18 44.92 -19.32
C PHE A 187 15.67 44.67 -19.51
N LEU A 188 15.27 43.39 -19.57
CA LEU A 188 13.88 42.97 -19.69
C LEU A 188 13.54 42.02 -18.56
N GLN A 189 12.34 42.16 -17.98
CA GLN A 189 11.96 41.30 -16.86
C GLN A 189 10.47 40.98 -16.89
N LEU A 190 10.15 39.71 -16.61
CA LEU A 190 8.78 39.29 -16.42
C LEU A 190 8.73 38.22 -15.34
N SER A 191 7.84 38.42 -14.36
CA SER A 191 7.67 37.49 -13.25
C SER A 191 6.35 36.76 -13.40
N ILE A 192 6.36 35.44 -13.18
CA ILE A 192 5.14 34.62 -13.37
C ILE A 192 4.84 33.81 -12.09
N ARG A 193 3.65 33.96 -11.53
CA ARG A 193 3.24 33.15 -10.36
C ARG A 193 2.75 31.79 -10.87
N LEU A 194 3.17 30.70 -10.23
CA LEU A 194 2.83 29.36 -10.74
C LEU A 194 1.87 28.65 -9.78
N PRO A 195 0.98 27.77 -10.29
CA PRO A 195 0.02 27.07 -9.46
C PRO A 195 0.62 26.07 -8.49
N SER A 196 1.85 25.60 -8.71
CA SER A 196 2.48 24.65 -7.80
C SER A 196 4.00 24.85 -7.78
N ALA A 197 4.66 24.20 -6.81
CA ALA A 197 6.11 24.27 -6.65
C ALA A 197 6.79 23.10 -7.36
N ASN A 198 6.02 22.32 -8.15
CA ASN A 198 6.59 21.22 -8.90
C ASN A 198 7.10 21.69 -10.27
N VAL A 199 8.32 22.25 -10.31
CA VAL A 199 8.92 22.85 -11.50
C VAL A 199 10.13 22.03 -11.93
N TYR A 200 10.22 21.75 -13.25
CA TYR A 200 11.31 20.99 -13.83
C TYR A 200 11.83 21.67 -15.09
N GLY A 201 13.16 21.61 -15.28
CA GLY A 201 13.78 22.10 -16.49
C GLY A 201 14.75 23.24 -16.23
N LEU A 202 14.80 24.17 -17.17
CA LEU A 202 15.80 25.23 -17.17
C LEU A 202 17.19 24.59 -17.30
N GLY A 203 18.04 25.15 -18.17
CA GLY A 203 19.38 24.63 -18.37
C GLY A 203 20.26 25.63 -19.11
N GLU A 204 21.56 25.33 -19.27
CA GLU A 204 22.19 24.10 -18.80
C GLU A 204 22.97 24.35 -17.51
N HIS A 205 22.71 23.49 -16.51
CA HIS A 205 23.24 23.66 -15.17
C HIS A 205 23.37 22.30 -14.53
N VAL A 206 24.16 22.21 -13.44
CA VAL A 206 24.07 21.09 -12.52
C VAL A 206 23.13 21.50 -11.40
N HIS A 207 21.95 20.89 -11.34
CA HIS A 207 20.91 21.31 -10.41
C HIS A 207 20.97 20.45 -9.15
N GLN A 208 21.58 19.28 -9.30
CA GLN A 208 21.83 18.36 -8.20
C GLN A 208 20.58 17.54 -7.93
N GLN A 209 19.40 18.14 -8.08
CA GLN A 209 18.15 17.39 -7.99
C GLN A 209 17.28 17.68 -9.21
N TYR A 210 16.27 16.83 -9.43
CA TYR A 210 15.45 16.94 -10.62
C TYR A 210 14.40 18.01 -10.42
N ARG A 211 13.59 17.92 -9.35
CA ARG A 211 12.61 18.97 -9.04
C ARG A 211 13.30 20.18 -8.43
N HIS A 212 12.94 21.37 -8.90
CA HIS A 212 13.68 22.59 -8.50
C HIS A 212 13.45 22.99 -7.05
N ASP A 213 14.47 23.59 -6.44
CA ASP A 213 14.34 24.15 -5.08
C ASP A 213 13.87 25.58 -5.31
N MET A 214 12.64 25.89 -4.92
CA MET A 214 12.08 27.23 -5.21
C MET A 214 12.47 28.24 -4.13
N ASN A 215 13.53 27.98 -3.38
CA ASN A 215 13.88 28.86 -2.27
C ASN A 215 14.94 29.88 -2.69
N TRP A 216 14.49 30.96 -3.35
CA TRP A 216 15.30 32.13 -3.68
C TRP A 216 16.60 31.75 -4.39
N LYS A 217 16.55 30.84 -5.38
CA LYS A 217 17.69 30.39 -6.19
C LYS A 217 17.69 31.03 -7.59
N THR A 218 18.84 31.57 -8.05
CA THR A 218 18.96 32.22 -9.35
C THR A 218 19.91 31.45 -10.26
N TRP A 219 19.47 31.21 -11.50
CA TRP A 219 20.26 30.42 -12.43
C TRP A 219 20.64 31.24 -13.65
N PRO A 220 21.95 31.43 -13.91
CA PRO A 220 22.38 32.14 -15.11
C PRO A 220 22.31 31.26 -16.37
N ILE A 221 21.91 31.85 -17.50
CA ILE A 221 21.82 31.12 -18.75
C ILE A 221 22.63 31.87 -19.80
N PHE A 222 23.82 31.33 -20.11
CA PHE A 222 24.72 31.89 -21.09
C PHE A 222 25.80 30.86 -21.39
N ALA A 223 25.90 30.42 -22.65
CA ALA A 223 26.75 29.28 -22.97
C ALA A 223 28.20 29.62 -22.63
N ARG A 224 28.88 28.66 -21.98
CA ARG A 224 30.23 28.90 -21.50
C ARG A 224 30.98 27.59 -21.34
N ASP A 225 32.28 27.65 -21.69
CA ASP A 225 33.18 26.49 -21.49
C ASP A 225 33.70 26.49 -20.06
N THR A 226 33.21 25.57 -19.24
CA THR A 226 33.62 25.38 -17.87
C THR A 226 33.14 24.01 -17.40
N VAL A 227 33.78 23.53 -16.34
CA VAL A 227 33.50 22.20 -15.83
C VAL A 227 32.17 22.23 -15.06
N PRO A 228 31.34 21.17 -15.15
CA PRO A 228 30.10 21.07 -14.31
C PRO A 228 30.48 20.60 -12.91
N ASN A 229 30.27 21.42 -11.88
CA ASN A 229 30.78 21.06 -10.57
C ASN A 229 29.84 21.37 -9.41
N GLY A 230 28.69 21.98 -9.61
CA GLY A 230 27.81 22.22 -8.48
C GLY A 230 28.14 23.50 -7.70
N ASP A 231 28.56 24.55 -8.42
CA ASP A 231 28.63 25.92 -7.92
C ASP A 231 27.51 26.79 -8.51
N GLY A 232 26.59 26.20 -9.30
CA GLY A 232 25.46 26.92 -9.88
C GLY A 232 25.88 27.87 -11.00
N ASN A 233 26.92 27.49 -11.75
CA ASN A 233 27.36 28.29 -12.87
C ASN A 233 26.59 27.90 -14.13
N ASN A 234 26.63 28.82 -15.11
CA ASN A 234 26.16 28.57 -16.47
C ASN A 234 27.13 27.65 -17.20
N LEU A 235 26.62 26.71 -18.01
CA LEU A 235 27.46 25.74 -18.69
C LEU A 235 27.39 25.88 -20.20
N TYR A 236 27.29 24.77 -20.92
CA TYR A 236 27.49 24.82 -22.39
C TYR A 236 26.30 25.25 -23.21
N GLY A 237 25.09 25.09 -22.70
CA GLY A 237 23.93 25.35 -23.52
C GLY A 237 23.01 26.40 -22.90
N ALA A 238 21.95 26.72 -23.63
CA ALA A 238 20.95 27.68 -23.19
C ALA A 238 19.55 27.09 -23.41
N GLN A 239 18.88 26.68 -22.32
CA GLN A 239 17.53 26.14 -22.36
C GLN A 239 16.60 26.91 -21.42
N THR A 240 15.53 27.52 -21.95
CA THR A 240 14.66 28.37 -21.14
C THR A 240 13.32 27.69 -20.84
N PHE A 241 13.17 26.43 -21.18
CA PHE A 241 11.88 25.77 -21.03
C PHE A 241 11.75 25.16 -19.64
N PHE A 242 10.56 25.28 -19.03
CA PHE A 242 10.31 24.51 -17.81
C PHE A 242 8.90 23.92 -17.85
N LEU A 243 8.74 22.79 -17.17
CA LEU A 243 7.49 22.07 -17.01
C LEU A 243 7.00 22.23 -15.58
N CYS A 244 5.67 22.37 -15.40
CA CYS A 244 5.07 22.43 -14.08
C CYS A 244 3.87 21.49 -13.97
N LEU A 245 3.92 20.60 -12.97
CA LEU A 245 2.87 19.61 -12.71
C LEU A 245 1.87 20.20 -11.73
N GLU A 246 0.63 20.42 -12.17
CA GLU A 246 -0.31 21.21 -11.40
C GLU A 246 -0.71 20.44 -10.14
N ASP A 247 -1.01 19.15 -10.32
CA ASP A 247 -1.56 18.35 -9.24
C ASP A 247 -1.52 16.87 -9.63
N ALA A 248 -2.06 16.01 -8.74
CA ALA A 248 -1.93 14.57 -8.90
C ALA A 248 -2.90 14.02 -9.94
N SER A 249 -3.68 14.87 -10.63
CA SER A 249 -4.47 14.43 -11.77
C SER A 249 -3.58 14.17 -12.99
N GLY A 250 -2.35 14.69 -12.99
CA GLY A 250 -1.50 14.66 -14.15
C GLY A 250 -1.49 16.01 -14.87
N LEU A 251 -2.47 16.87 -14.63
CA LEU A 251 -2.59 18.07 -15.45
C LEU A 251 -1.34 18.91 -15.26
N SER A 252 -0.76 19.31 -16.39
CA SER A 252 0.55 19.92 -16.42
C SER A 252 0.54 21.02 -17.46
N PHE A 253 1.50 21.95 -17.34
CA PHE A 253 1.73 22.94 -18.40
C PHE A 253 3.22 23.29 -18.47
N GLY A 254 3.64 23.89 -19.59
CA GLY A 254 5.02 24.30 -19.78
C GLY A 254 5.14 25.73 -20.28
N VAL A 255 6.30 26.36 -20.01
CA VAL A 255 6.59 27.70 -20.48
C VAL A 255 7.94 27.72 -21.20
N PHE A 256 7.98 28.43 -22.32
CA PHE A 256 9.18 28.51 -23.13
C PHE A 256 9.37 29.97 -23.56
N LEU A 257 10.56 30.53 -23.25
CA LEU A 257 10.94 31.86 -23.67
C LEU A 257 11.92 31.78 -24.84
N MET A 258 11.53 32.33 -26.01
CA MET A 258 12.39 32.38 -27.19
C MET A 258 13.22 33.66 -27.14
N ASN A 259 14.41 33.56 -26.51
CA ASN A 259 15.34 34.67 -26.33
C ASN A 259 16.74 34.11 -26.19
N SER A 260 17.68 34.61 -27.00
CA SER A 260 19.02 34.05 -27.03
C SER A 260 20.00 34.94 -26.26
N ASN A 261 19.57 36.09 -25.77
CA ASN A 261 20.48 36.97 -25.07
C ASN A 261 20.87 36.37 -23.71
N ALA A 262 21.96 36.87 -23.11
CA ALA A 262 22.37 36.47 -21.76
C ALA A 262 21.27 36.76 -20.75
N MET A 263 21.00 35.79 -19.87
CA MET A 263 19.87 35.96 -18.98
C MET A 263 20.05 35.18 -17.68
N GLU A 264 19.15 35.45 -16.74
CA GLU A 264 19.06 34.65 -15.52
C GLU A 264 17.60 34.40 -15.16
N VAL A 265 17.38 33.26 -14.50
CA VAL A 265 16.06 32.91 -14.01
C VAL A 265 16.11 32.77 -12.50
N ALA A 266 15.25 33.54 -11.83
CA ALA A 266 15.16 33.53 -10.36
C ALA A 266 13.89 32.81 -9.91
N LEU A 267 14.02 31.93 -8.93
CA LEU A 267 12.88 31.18 -8.37
C LEU A 267 12.60 31.70 -6.96
N GLN A 268 11.34 31.74 -6.55
CA GLN A 268 10.96 32.28 -5.23
C GLN A 268 9.91 31.33 -4.67
N PRO A 269 9.64 31.28 -3.34
CA PRO A 269 8.72 30.28 -2.73
C PRO A 269 7.24 30.68 -2.80
N ALA A 270 6.84 31.56 -3.72
CA ALA A 270 5.44 32.03 -3.83
C ALA A 270 4.43 30.96 -4.28
N PRO A 271 4.61 30.05 -5.27
CA PRO A 271 5.83 29.88 -6.12
C PRO A 271 5.80 30.78 -7.34
N ALA A 272 6.96 31.29 -7.74
CA ALA A 272 7.05 32.19 -8.91
C ALA A 272 8.37 32.01 -9.66
N VAL A 273 8.41 32.42 -10.93
CA VAL A 273 9.63 32.35 -11.77
C VAL A 273 9.84 33.74 -12.39
N THR A 274 11.05 34.28 -12.38
CA THR A 274 11.36 35.57 -12.95
C THR A 274 12.45 35.43 -14.01
N TYR A 275 12.16 35.89 -15.23
CA TYR A 275 13.13 35.97 -16.32
C TYR A 275 13.72 37.38 -16.38
N ARG A 276 15.05 37.46 -16.38
CA ARG A 276 15.75 38.76 -16.48
C ARG A 276 16.76 38.66 -17.63
N THR A 277 16.55 39.38 -18.73
CA THR A 277 17.42 39.24 -19.92
C THR A 277 18.11 40.55 -20.24
N THR A 278 19.19 40.50 -21.03
CA THR A 278 20.00 41.70 -21.32
C THR A 278 19.68 42.25 -22.68
N GLY A 279 18.71 41.68 -23.37
CA GLY A 279 18.29 42.25 -24.64
C GLY A 279 17.25 41.39 -25.36
N GLY A 280 16.94 41.75 -26.61
CA GLY A 280 15.94 41.05 -27.40
C GLY A 280 14.51 41.46 -27.03
N ILE A 281 13.57 40.50 -27.18
CA ILE A 281 12.16 40.70 -26.88
C ILE A 281 11.68 39.60 -25.93
N LEU A 282 10.53 39.82 -25.29
CA LEU A 282 9.86 38.80 -24.50
C LEU A 282 8.85 38.05 -25.38
N ASP A 283 9.25 36.83 -25.80
CA ASP A 283 8.51 36.01 -26.75
C ASP A 283 8.14 34.68 -26.10
N PHE A 284 6.94 34.60 -25.49
CA PHE A 284 6.57 33.46 -24.65
C PHE A 284 5.64 32.49 -25.35
N TYR A 285 5.80 31.21 -25.00
CA TYR A 285 4.89 30.15 -25.35
C TYR A 285 4.39 29.45 -24.09
N VAL A 286 3.07 29.35 -23.96
CA VAL A 286 2.48 28.59 -22.82
C VAL A 286 1.90 27.32 -23.45
N LEU A 287 2.31 26.16 -22.97
CA LEU A 287 1.88 24.88 -23.59
C LEU A 287 1.12 24.07 -22.56
N LEU A 288 -0.06 23.56 -22.95
CA LEU A 288 -0.91 22.81 -22.00
C LEU A 288 -0.97 21.34 -22.39
N GLY A 289 -1.10 20.46 -21.40
CA GLY A 289 -1.24 19.04 -21.60
C GLY A 289 -1.94 18.40 -20.40
N ASN A 290 -2.58 17.28 -20.64
CA ASN A 290 -3.26 16.57 -19.57
C ASN A 290 -2.25 15.80 -18.74
N THR A 291 -1.07 15.52 -19.31
CA THR A 291 -0.01 14.81 -18.61
C THR A 291 1.32 15.50 -18.87
N PRO A 292 2.36 15.28 -18.02
CA PRO A 292 3.70 15.79 -18.30
C PRO A 292 4.21 15.46 -19.71
N GLU A 293 3.97 14.23 -20.18
CA GLU A 293 4.46 13.79 -21.47
C GLU A 293 3.79 14.58 -22.59
N GLN A 294 2.52 14.90 -22.44
CA GLN A 294 1.85 15.66 -23.46
C GLN A 294 2.40 17.08 -23.54
N VAL A 295 2.80 17.64 -22.40
CA VAL A 295 3.39 18.97 -22.42
C VAL A 295 4.71 18.93 -23.18
N VAL A 296 5.53 17.90 -22.93
CA VAL A 296 6.80 17.77 -23.62
C VAL A 296 6.56 17.60 -25.13
N GLN A 297 5.56 16.80 -25.48
CA GLN A 297 5.20 16.59 -26.88
C GLN A 297 4.79 17.89 -27.55
N GLU A 298 4.01 18.70 -26.85
CA GLU A 298 3.59 19.96 -27.41
C GLU A 298 4.82 20.83 -27.64
N TYR A 299 5.74 20.86 -26.69
CA TYR A 299 6.94 21.68 -26.79
C TYR A 299 7.81 21.22 -27.96
N LEU A 300 7.98 19.91 -28.12
CA LEU A 300 8.88 19.40 -29.13
C LEU A 300 8.27 19.57 -30.51
N GLN A 301 6.94 19.51 -30.60
CA GLN A 301 6.30 19.75 -31.88
C GLN A 301 6.53 21.19 -32.33
N LEU A 302 6.72 22.09 -31.38
CA LEU A 302 6.94 23.52 -31.72
C LEU A 302 8.42 23.80 -32.06
N ILE A 303 9.37 23.25 -31.32
CA ILE A 303 10.82 23.60 -31.50
C ILE A 303 11.51 22.63 -32.47
N GLY A 304 10.95 21.44 -32.65
CA GLY A 304 11.56 20.48 -33.60
C GLY A 304 11.71 19.12 -32.97
N LEU A 305 11.29 18.07 -33.67
CA LEU A 305 11.35 16.73 -33.13
C LEU A 305 12.77 16.19 -33.23
N PRO A 306 13.22 15.42 -32.22
CA PRO A 306 14.59 14.94 -32.21
C PRO A 306 14.92 14.05 -33.40
N ALA A 307 16.19 14.06 -33.81
CA ALA A 307 16.67 13.20 -34.88
C ALA A 307 16.61 11.76 -34.45
N LEU A 308 16.29 10.85 -35.38
CA LEU A 308 16.41 9.43 -35.13
C LEU A 308 17.86 9.01 -35.30
N PRO A 309 18.58 8.52 -34.27
CA PRO A 309 20.00 8.20 -34.44
C PRO A 309 20.22 6.95 -35.28
N PRO A 310 21.41 6.75 -35.90
CA PRO A 310 21.68 5.47 -36.53
C PRO A 310 21.69 4.36 -35.49
N TYR A 311 21.29 3.16 -35.87
CA TYR A 311 21.18 2.07 -34.92
C TYR A 311 22.52 1.83 -34.20
N TRP A 312 23.64 1.95 -34.92
CA TRP A 312 24.95 1.65 -34.33
C TRP A 312 25.32 2.65 -33.24
N ALA A 313 24.75 3.86 -33.27
CA ALA A 313 25.07 4.86 -32.26
C ALA A 313 24.47 4.50 -30.90
N LEU A 314 23.52 3.54 -30.85
CA LEU A 314 22.92 3.11 -29.60
C LEU A 314 23.84 2.13 -28.88
N GLY A 315 24.87 1.64 -29.57
CA GLY A 315 25.84 0.75 -28.94
C GLY A 315 26.77 1.50 -27.98
N PHE A 316 27.80 0.80 -27.49
CA PHE A 316 28.76 1.37 -26.54
C PHE A 316 29.91 2.07 -27.27
N HIS A 317 30.35 3.23 -26.75
CA HIS A 317 31.41 4.04 -27.34
C HIS A 317 32.63 4.14 -26.42
N LEU A 318 33.85 4.15 -26.99
CA LEU A 318 35.10 4.27 -26.23
C LEU A 318 35.87 5.49 -26.70
N SER A 319 36.47 6.21 -25.76
CA SER A 319 37.27 7.41 -26.11
C SER A 319 38.28 7.76 -25.00
N ARG A 320 39.33 8.49 -25.36
CA ARG A 320 40.28 9.16 -24.45
C ARG A 320 40.83 10.42 -25.13
N TYR A 321 41.04 11.50 -24.36
CA TYR A 321 41.90 12.64 -24.77
C TYR A 321 43.36 12.24 -24.58
N ASP A 322 44.08 12.15 -25.71
CA ASP A 322 45.52 11.81 -25.69
C ASP A 322 45.83 10.32 -25.67
N TYR A 323 45.35 9.54 -26.64
CA TYR A 323 45.88 8.16 -26.81
C TYR A 323 47.36 8.28 -27.18
N GLU A 324 47.78 9.49 -27.63
CA GLU A 324 49.19 9.84 -27.92
C GLU A 324 49.59 9.48 -29.35
N THR A 325 49.66 8.19 -29.64
CA THR A 325 50.01 7.62 -30.94
C THR A 325 48.88 6.69 -31.43
N LEU A 326 48.87 6.38 -32.74
CA LEU A 326 47.90 5.46 -33.32
C LEU A 326 48.03 4.06 -32.71
N ASP A 327 49.26 3.62 -32.38
CA ASP A 327 49.51 2.29 -31.82
C ASP A 327 48.84 2.10 -30.47
N ASN A 328 48.93 3.12 -29.61
CA ASN A 328 48.29 3.07 -28.31
C ASN A 328 46.78 2.93 -28.47
N MET A 329 46.22 3.71 -29.41
CA MET A 329 44.79 3.63 -29.69
C MET A 329 44.45 2.22 -30.16
N ARG A 330 45.26 1.62 -31.05
CA ARG A 330 44.99 0.28 -31.56
C ARG A 330 45.03 -0.77 -30.45
N GLU A 331 45.94 -0.60 -29.50
CA GLU A 331 46.06 -1.55 -28.40
C GLU A 331 44.78 -1.56 -27.57
N VAL A 332 44.19 -0.38 -27.35
CA VAL A 332 42.96 -0.28 -26.59
C VAL A 332 41.84 -1.00 -27.33
N VAL A 333 41.78 -0.77 -28.65
CA VAL A 333 40.79 -1.40 -29.48
C VAL A 333 40.92 -2.91 -29.36
N GLU A 334 42.14 -3.43 -29.48
CA GLU A 334 42.36 -4.87 -29.53
C GLU A 334 42.06 -5.53 -28.18
N ARG A 335 42.47 -4.89 -27.10
CA ARG A 335 42.27 -5.43 -25.75
C ARG A 335 40.78 -5.62 -25.45
N ASN A 336 39.97 -4.63 -25.81
CA ASN A 336 38.53 -4.65 -25.52
C ASN A 336 37.82 -5.62 -26.44
N ARG A 337 38.30 -5.74 -27.68
CA ARG A 337 37.79 -6.78 -28.56
C ARG A 337 38.08 -8.15 -27.98
N ALA A 338 39.32 -8.34 -27.51
CA ALA A 338 39.73 -9.63 -26.97
C ALA A 338 38.87 -9.99 -25.77
N ALA A 339 38.36 -8.98 -25.06
CA ALA A 339 37.55 -9.19 -23.87
C ALA A 339 36.10 -9.51 -24.23
N GLN A 340 35.76 -9.40 -25.53
CA GLN A 340 34.43 -9.68 -26.03
C GLN A 340 33.42 -8.74 -25.38
N LEU A 341 33.84 -7.50 -25.19
CA LEU A 341 32.95 -6.47 -24.62
C LEU A 341 32.09 -5.93 -25.75
N PRO A 342 30.78 -5.72 -25.54
CA PRO A 342 29.92 -5.06 -26.56
C PRO A 342 30.48 -3.67 -26.80
N TYR A 343 31.02 -3.41 -27.99
CA TYR A 343 31.69 -2.13 -28.31
C TYR A 343 31.49 -1.89 -29.79
N ASP A 344 31.04 -0.71 -30.15
CA ASP A 344 30.67 -0.46 -31.56
C ASP A 344 31.35 0.77 -32.14
N VAL A 345 31.63 1.78 -31.32
CA VAL A 345 32.16 3.06 -31.86
C VAL A 345 33.45 3.46 -31.16
N GLN A 346 34.48 3.83 -31.94
CA GLN A 346 35.72 4.37 -31.36
C GLN A 346 35.74 5.86 -31.67
N HIS A 347 36.09 6.68 -30.68
CA HIS A 347 36.24 8.10 -30.92
C HIS A 347 37.71 8.48 -31.03
N ALA A 348 37.98 9.44 -31.92
CA ALA A 348 39.35 9.98 -32.07
C ALA A 348 39.30 11.44 -31.65
N ASP A 349 40.07 11.81 -30.64
CA ASP A 349 40.12 13.22 -30.15
C ASP A 349 41.19 14.01 -30.91
N ILE A 350 41.52 15.23 -30.47
CA ILE A 350 42.42 16.16 -31.23
C ILE A 350 43.84 15.63 -31.46
N ASP A 351 44.30 14.64 -30.69
CA ASP A 351 45.64 14.02 -30.91
C ASP A 351 45.86 13.56 -32.36
N TYR A 352 44.84 13.04 -33.03
CA TYR A 352 45.00 12.52 -34.41
C TYR A 352 45.40 13.62 -35.35
N MET A 353 45.14 14.87 -34.99
CA MET A 353 45.35 15.98 -35.93
C MET A 353 46.81 16.42 -36.00
N ASP A 354 47.16 17.25 -36.98
CA ASP A 354 48.53 17.77 -37.13
C ASP A 354 48.68 19.09 -36.38
N LYS A 355 49.35 19.08 -35.24
CA LYS A 355 49.55 20.31 -34.44
C LYS A 355 48.18 20.87 -34.05
N ARG A 356 47.21 19.99 -33.77
CA ARG A 356 45.86 20.40 -33.31
C ARG A 356 45.13 21.22 -34.39
N ARG A 357 45.38 20.93 -35.66
CA ARG A 357 44.71 21.65 -36.77
C ARG A 357 43.65 20.74 -37.42
N ASP A 358 42.48 21.28 -37.72
CA ASP A 358 41.36 20.45 -38.24
C ASP A 358 41.56 20.04 -39.69
N PHE A 359 40.86 18.99 -40.11
CA PHE A 359 40.94 18.53 -41.52
C PHE A 359 42.35 18.07 -41.78
N THR A 360 43.07 17.73 -40.71
CA THR A 360 44.40 17.16 -40.93
C THR A 360 44.58 15.94 -40.03
N TYR A 361 45.54 15.05 -40.34
CA TYR A 361 45.99 14.05 -39.38
C TYR A 361 47.52 14.03 -39.37
N ASN A 362 48.10 13.81 -38.18
CA ASN A 362 49.53 13.83 -37.94
C ASN A 362 50.23 12.71 -38.72
N PRO A 363 51.13 13.06 -39.67
CA PRO A 363 51.73 12.06 -40.54
C PRO A 363 52.76 11.17 -39.84
N VAL A 364 53.14 11.50 -38.59
CA VAL A 364 54.14 10.71 -37.88
C VAL A 364 53.48 9.85 -36.79
N ASP A 365 52.80 10.46 -35.80
CA ASP A 365 52.26 9.74 -34.65
C ASP A 365 50.98 8.98 -35.02
N PHE A 366 50.35 9.37 -36.16
CA PHE A 366 49.09 8.78 -36.57
C PHE A 366 49.17 8.34 -38.03
N LYS A 367 50.38 7.96 -38.45
CA LYS A 367 50.56 7.35 -39.76
C LYS A 367 49.75 6.05 -39.81
N GLY A 368 48.81 5.95 -40.78
CA GLY A 368 47.97 4.78 -40.97
C GLY A 368 46.54 4.99 -40.44
N PHE A 369 46.20 6.24 -40.11
CA PHE A 369 44.90 6.55 -39.55
C PHE A 369 43.81 6.04 -40.48
N PRO A 370 43.88 6.25 -41.82
CA PRO A 370 42.88 5.68 -42.72
C PRO A 370 42.75 4.17 -42.60
N GLU A 371 43.88 3.50 -42.35
CA GLU A 371 43.88 2.05 -42.22
C GLU A 371 43.14 1.65 -40.95
N LEU A 372 43.27 2.43 -39.88
CA LEU A 372 42.54 2.16 -38.65
C LEU A 372 41.04 2.21 -38.92
N ALA A 373 40.60 3.24 -39.66
CA ALA A 373 39.18 3.35 -39.99
C ALA A 373 38.69 2.09 -40.71
N GLN A 374 39.47 1.61 -41.67
CA GLN A 374 39.14 0.39 -42.40
C GLN A 374 39.12 -0.82 -41.47
N ASP A 375 40.11 -0.91 -40.57
CA ASP A 375 40.18 -2.00 -39.62
C ASP A 375 38.92 -2.05 -38.75
N LEU A 376 38.50 -0.88 -38.25
CA LEU A 376 37.25 -0.82 -37.45
C LEU A 376 36.10 -1.37 -38.30
N HIS A 377 35.96 -0.90 -39.54
CA HIS A 377 34.81 -1.30 -40.39
C HIS A 377 34.81 -2.81 -40.62
N ASN A 378 35.99 -3.41 -40.80
CA ASN A 378 36.09 -4.87 -41.07
C ASN A 378 35.69 -5.65 -39.82
N ASN A 379 35.56 -4.98 -38.68
CA ASN A 379 35.13 -5.66 -37.47
C ASN A 379 33.77 -5.14 -36.99
N GLY A 380 33.02 -4.50 -37.89
CA GLY A 380 31.70 -3.98 -37.61
C GLY A 380 31.70 -2.84 -36.58
N GLN A 381 32.74 -2.02 -36.62
CA GLN A 381 32.83 -0.91 -35.65
C GLN A 381 32.85 0.39 -36.43
N LYS A 382 32.65 1.49 -35.74
CA LYS A 382 32.58 2.79 -36.41
C LYS A 382 33.59 3.77 -35.81
N LEU A 383 33.98 4.76 -36.63
CA LEU A 383 34.91 5.80 -36.22
C LEU A 383 34.19 7.13 -36.15
N VAL A 384 34.27 7.80 -34.98
CA VAL A 384 33.79 9.17 -34.82
C VAL A 384 34.98 10.09 -34.59
N ILE A 385 35.12 11.11 -35.43
CA ILE A 385 36.29 12.04 -35.32
C ILE A 385 35.81 13.36 -34.70
N ILE A 386 36.70 14.04 -33.98
CA ILE A 386 36.36 15.37 -33.37
C ILE A 386 36.63 16.49 -34.38
N VAL A 387 35.87 17.57 -34.34
CA VAL A 387 36.12 18.73 -35.24
C VAL A 387 35.87 19.99 -34.39
N ASP A 388 36.81 20.92 -34.39
CA ASP A 388 36.67 22.15 -33.58
C ASP A 388 36.28 23.29 -34.52
N PRO A 389 35.57 24.32 -34.04
CA PRO A 389 35.14 25.45 -34.88
C PRO A 389 36.32 26.35 -35.21
N ALA A 390 37.30 26.48 -34.32
CA ALA A 390 38.36 27.44 -34.53
C ALA A 390 39.36 26.92 -35.57
N ILE A 391 39.68 27.75 -36.57
CA ILE A 391 40.61 27.41 -37.64
C ILE A 391 41.92 28.19 -37.48
N SER A 392 43.06 27.49 -37.48
CA SER A 392 44.37 28.13 -37.36
C SER A 392 44.56 29.17 -38.45
N ASN A 393 45.03 30.34 -38.05
CA ASN A 393 45.30 31.42 -38.98
C ASN A 393 46.72 31.31 -39.54
N ASP A 394 47.45 30.26 -39.14
CA ASP A 394 48.84 30.12 -39.53
C ASP A 394 48.92 29.38 -40.87
N SER A 395 48.94 30.14 -41.97
CA SER A 395 49.11 29.61 -43.31
C SER A 395 50.10 30.49 -44.07
N SER A 396 51.15 29.89 -44.66
CA SER A 396 52.08 30.60 -45.53
C SER A 396 52.25 29.88 -46.87
N PRO A 397 52.75 30.54 -47.94
CA PRO A 397 53.05 29.84 -49.19
C PRO A 397 53.96 28.62 -49.02
N SER A 398 54.94 28.65 -48.10
CA SER A 398 55.85 27.54 -47.87
C SER A 398 55.22 26.40 -47.06
N SER A 399 54.16 26.71 -46.28
CA SER A 399 53.45 25.74 -45.47
C SER A 399 51.94 26.01 -45.52
N PRO A 400 51.26 25.75 -46.68
CA PRO A 400 49.84 26.09 -46.82
C PRO A 400 48.94 25.30 -45.88
N TYR A 401 47.87 25.98 -45.41
CA TYR A 401 46.78 25.37 -44.66
C TYR A 401 45.45 25.64 -45.38
N GLY A 402 44.95 24.61 -46.06
CA GLY A 402 43.86 24.72 -47.01
C GLY A 402 42.59 25.28 -46.37
N PRO A 403 42.12 24.69 -45.24
CA PRO A 403 40.91 25.20 -44.60
C PRO A 403 40.91 26.71 -44.40
N TYR A 404 42.04 27.28 -43.98
CA TYR A 404 42.12 28.71 -43.74
C TYR A 404 42.08 29.49 -45.05
N ASP A 405 42.88 29.07 -46.04
CA ASP A 405 42.98 29.77 -47.31
C ASP A 405 41.63 29.83 -48.04
N ARG A 406 40.94 28.68 -48.13
CA ARG A 406 39.64 28.61 -48.79
C ARG A 406 38.58 29.42 -48.04
N GLY A 407 38.62 29.37 -46.69
CA GLY A 407 37.71 30.15 -45.85
C GLY A 407 37.89 31.66 -45.99
N SER A 408 39.15 32.10 -45.98
CA SER A 408 39.48 33.51 -46.19
C SER A 408 39.00 33.98 -47.56
N ASP A 409 39.15 33.13 -48.59
CA ASP A 409 38.70 33.43 -49.94
C ASP A 409 37.18 33.63 -49.98
N ALA A 410 36.45 32.92 -49.12
CA ALA A 410 34.99 32.99 -49.08
C ALA A 410 34.48 34.06 -48.11
N LYS A 411 35.37 34.68 -47.30
CA LYS A 411 35.00 35.73 -46.34
C LYS A 411 33.93 35.27 -45.36
N ILE A 412 34.19 34.19 -44.65
CA ILE A 412 33.18 33.51 -43.87
C ILE A 412 33.53 33.56 -42.39
N TRP A 413 34.44 34.45 -41.98
CA TRP A 413 34.87 34.48 -40.61
C TRP A 413 34.00 35.44 -39.80
N VAL A 414 33.95 35.23 -38.48
CA VAL A 414 33.42 36.21 -37.55
C VAL A 414 34.34 37.41 -37.57
N ASN A 415 33.75 38.61 -37.63
CA ASN A 415 34.54 39.81 -37.82
C ASN A 415 34.55 40.68 -36.57
N ASP A 416 35.59 41.52 -36.45
CA ASP A 416 35.64 42.60 -35.49
C ASP A 416 34.51 43.59 -35.74
N PRO A 417 34.27 44.56 -34.81
CA PRO A 417 33.16 45.50 -34.95
C PRO A 417 33.10 46.23 -36.31
N ASP A 418 34.23 46.37 -37.02
CA ASP A 418 34.26 47.03 -38.33
C ASP A 418 33.50 46.22 -39.40
N GLY A 419 33.24 44.94 -39.09
CA GLY A 419 32.44 44.09 -39.97
C GLY A 419 33.25 43.50 -41.13
N VAL A 420 34.56 43.78 -41.20
CA VAL A 420 35.39 43.37 -42.33
C VAL A 420 36.59 42.53 -41.85
N THR A 421 37.23 42.93 -40.75
CA THR A 421 38.46 42.28 -40.28
C THR A 421 38.12 41.05 -39.44
N PRO A 422 38.61 39.84 -39.83
CA PRO A 422 38.43 38.65 -39.01
C PRO A 422 38.94 38.81 -37.59
N LEU A 423 38.09 38.45 -36.62
CA LEU A 423 38.47 38.49 -35.22
C LEU A 423 39.46 37.38 -34.94
N ILE A 424 40.53 37.70 -34.21
CA ILE A 424 41.57 36.71 -33.92
C ILE A 424 41.49 36.31 -32.46
N GLY A 425 41.30 35.00 -32.21
CA GLY A 425 41.28 34.43 -30.87
C GLY A 425 42.38 33.40 -30.68
N GLU A 426 42.28 32.59 -29.64
CA GLU A 426 43.30 31.53 -29.38
C GLU A 426 42.59 30.27 -28.88
N VAL A 427 42.93 29.10 -29.45
CA VAL A 427 42.35 27.83 -28.93
C VAL A 427 43.44 26.75 -28.94
N TRP A 428 43.17 25.57 -29.50
CA TRP A 428 44.11 24.47 -29.41
C TRP A 428 45.28 24.67 -30.38
N PRO A 429 45.06 25.06 -31.67
CA PRO A 429 46.14 25.25 -32.64
C PRO A 429 46.86 26.60 -32.51
N GLY A 430 46.69 27.32 -31.39
CA GLY A 430 47.26 28.65 -31.25
C GLY A 430 46.29 29.74 -31.69
N LYS A 431 46.76 30.73 -32.46
CA LYS A 431 45.93 31.86 -32.88
C LYS A 431 44.98 31.40 -33.99
N THR A 432 43.69 31.71 -33.82
CA THR A 432 42.67 31.12 -34.68
C THR A 432 41.68 32.19 -35.14
N VAL A 433 41.04 31.92 -36.29
CA VAL A 433 39.82 32.60 -36.73
C VAL A 433 38.61 31.70 -36.46
N PHE A 434 37.42 32.32 -36.41
CA PHE A 434 36.19 31.62 -36.09
C PHE A 434 35.23 31.70 -37.27
N PRO A 435 34.83 30.54 -37.81
CA PRO A 435 33.82 30.54 -38.85
C PRO A 435 32.47 31.09 -38.42
N ASP A 436 31.82 31.87 -39.29
CA ASP A 436 30.48 32.37 -39.07
C ASP A 436 29.46 31.40 -39.67
N TYR A 437 28.94 30.48 -38.87
CA TYR A 437 28.06 29.43 -39.37
C TYR A 437 26.66 29.96 -39.68
N THR A 438 26.38 31.20 -39.30
CA THR A 438 25.10 31.82 -39.63
C THR A 438 25.14 32.34 -41.06
N ASN A 439 26.35 32.42 -41.64
CA ASN A 439 26.56 32.78 -43.03
C ASN A 439 26.39 31.56 -43.94
N PRO A 440 25.43 31.58 -44.90
CA PRO A 440 25.25 30.47 -45.84
C PRO A 440 26.50 30.04 -46.62
N LYS A 441 27.39 31.00 -46.96
CA LYS A 441 28.64 30.70 -47.63
C LYS A 441 29.54 29.85 -46.74
N CYS A 442 29.42 30.07 -45.41
CA CYS A 442 30.19 29.29 -44.46
C CYS A 442 29.77 27.83 -44.50
N THR A 443 28.45 27.58 -44.64
CA THR A 443 27.92 26.22 -44.71
C THR A 443 28.51 25.49 -45.91
N THR A 444 28.60 26.18 -47.06
CA THR A 444 29.18 25.61 -48.27
C THR A 444 30.65 25.24 -48.07
N TRP A 445 31.41 26.16 -47.47
CA TRP A 445 32.81 25.94 -47.16
C TRP A 445 32.97 24.73 -46.25
N TRP A 446 32.16 24.68 -45.20
CA TRP A 446 32.20 23.61 -44.21
C TRP A 446 31.97 22.25 -44.87
N GLU A 447 30.94 22.20 -45.75
CA GLU A 447 30.61 21.01 -46.52
C GLU A 447 31.84 20.51 -47.30
N ASN A 448 32.49 21.43 -48.00
CA ASN A 448 33.63 21.10 -48.87
C ASN A 448 34.80 20.56 -48.05
N GLU A 449 35.07 21.15 -46.88
CA GLU A 449 36.17 20.71 -46.04
C GLU A 449 35.97 19.27 -45.56
N PHE A 450 34.74 18.96 -45.17
CA PHE A 450 34.41 17.62 -44.73
C PHE A 450 34.59 16.64 -45.88
N LYS A 451 34.21 17.07 -47.08
CA LYS A 451 34.31 16.19 -48.29
C LYS A 451 35.77 15.81 -48.57
N LEU A 452 36.69 16.79 -48.55
CA LEU A 452 38.11 16.52 -48.84
C LEU A 452 38.71 15.60 -47.77
N PHE A 453 38.32 15.77 -46.51
CA PHE A 453 38.94 14.97 -45.41
C PHE A 453 38.30 13.59 -45.38
N HIS A 454 37.00 13.51 -45.69
CA HIS A 454 36.35 12.21 -45.73
C HIS A 454 36.98 11.34 -46.81
N ASN A 455 37.43 11.98 -47.92
CA ASN A 455 38.10 11.28 -49.01
C ASN A 455 39.44 10.71 -48.56
N GLN A 456 40.00 11.25 -47.48
CA GLN A 456 41.25 10.76 -46.94
C GLN A 456 41.02 9.74 -45.83
N VAL A 457 40.12 10.08 -44.89
CA VAL A 457 39.80 9.20 -43.78
C VAL A 457 38.30 8.94 -43.79
N ASP A 458 37.94 7.66 -43.86
CA ASP A 458 36.56 7.25 -44.00
C ASP A 458 35.87 7.16 -42.62
N PHE A 459 35.52 8.29 -42.00
CA PHE A 459 34.89 8.30 -40.67
C PHE A 459 33.37 8.18 -40.79
N ASP A 460 32.65 7.87 -39.69
CA ASP A 460 31.23 7.54 -39.72
C ASP A 460 30.38 8.60 -39.03
N GLY A 461 30.97 9.40 -38.16
CA GLY A 461 30.25 10.43 -37.43
C GLY A 461 31.14 11.58 -37.03
N ILE A 462 30.50 12.66 -36.58
CA ILE A 462 31.19 13.90 -36.28
C ILE A 462 30.87 14.32 -34.85
N TRP A 463 31.94 14.60 -34.10
CA TRP A 463 31.86 15.18 -32.77
C TRP A 463 32.34 16.62 -32.80
N ILE A 464 31.41 17.57 -32.66
CA ILE A 464 31.77 19.02 -32.66
C ILE A 464 31.93 19.50 -31.21
N ASP A 465 33.01 20.25 -30.91
CA ASP A 465 33.29 20.67 -29.52
C ASP A 465 33.66 22.14 -29.46
N MET A 466 33.80 22.71 -28.26
CA MET A 466 34.25 24.12 -28.10
C MET A 466 33.34 25.04 -28.92
N ASN A 467 32.09 24.69 -29.10
CA ASN A 467 31.17 25.46 -29.98
C ASN A 467 30.34 26.46 -29.17
N GLU A 468 30.83 26.87 -28.02
CA GLU A 468 30.10 27.86 -27.18
C GLU A 468 29.98 29.23 -27.91
N VAL A 469 31.03 29.84 -28.47
CA VAL A 469 32.32 29.25 -28.91
C VAL A 469 33.36 29.56 -27.83
N ALA A 470 34.20 28.59 -27.50
CA ALA A 470 35.28 28.76 -26.50
C ALA A 470 36.44 29.59 -27.05
N ASN A 471 37.14 30.30 -26.17
CA ASN A 471 38.33 31.11 -26.55
C ASN A 471 39.26 31.06 -25.33
N PHE A 472 40.55 30.79 -25.53
CA PHE A 472 41.48 30.64 -24.38
C PHE A 472 41.78 32.03 -23.81
N VAL A 473 41.47 33.09 -24.59
CA VAL A 473 41.65 34.49 -24.11
C VAL A 473 40.27 35.14 -23.92
N ASP A 474 40.21 36.36 -23.38
CA ASP A 474 38.96 37.08 -23.19
C ASP A 474 38.71 38.01 -24.36
N GLY A 475 37.71 37.67 -25.17
CA GLY A 475 37.32 38.48 -26.32
C GLY A 475 38.18 38.16 -27.55
N SER A 476 39.33 38.84 -27.66
CA SER A 476 40.26 38.65 -28.77
C SER A 476 41.68 38.77 -28.26
N VAL A 477 42.65 38.47 -29.13
CA VAL A 477 44.05 38.62 -28.79
C VAL A 477 44.34 40.10 -28.47
N SER A 478 43.64 41.03 -29.12
CA SER A 478 43.86 42.45 -28.87
C SER A 478 42.96 43.00 -27.77
N GLY A 479 42.11 42.17 -27.14
CA GLY A 479 41.15 42.64 -26.14
C GLY A 479 39.86 43.17 -26.78
N CYS A 480 38.92 43.65 -25.94
CA CYS A 480 37.61 44.14 -26.39
C CYS A 480 37.47 45.63 -26.11
N SER A 481 36.69 46.31 -26.96
CA SER A 481 36.47 47.75 -26.86
C SER A 481 35.63 48.06 -25.62
N THR A 482 35.68 49.33 -25.16
CA THR A 482 34.82 49.82 -24.09
C THR A 482 33.48 50.25 -24.66
N SER A 483 32.55 49.30 -24.81
CA SER A 483 31.20 49.53 -25.32
C SER A 483 30.16 48.99 -24.34
N ASN A 484 28.90 49.43 -24.47
CA ASN A 484 27.83 48.99 -23.56
C ASN A 484 27.45 47.53 -23.85
N LEU A 485 27.95 46.96 -24.96
CA LEU A 485 27.74 45.57 -25.29
C LEU A 485 28.68 44.67 -24.50
N ASN A 486 29.95 45.07 -24.44
CA ASN A 486 30.95 44.32 -23.68
C ASN A 486 30.79 44.56 -22.19
N TYR A 487 30.28 45.75 -21.82
CA TYR A 487 30.03 46.15 -20.44
C TYR A 487 28.59 46.63 -20.29
N PRO A 488 27.58 45.74 -20.33
CA PRO A 488 26.20 46.19 -20.27
C PRO A 488 25.84 46.72 -18.89
N PRO A 489 24.78 47.56 -18.77
CA PRO A 489 24.35 48.05 -17.47
C PRO A 489 23.94 46.96 -16.48
N PHE A 490 23.48 45.81 -17.00
CA PHE A 490 23.12 44.67 -16.16
C PHE A 490 23.82 43.41 -16.67
N THR A 491 24.41 42.66 -15.73
CA THR A 491 25.08 41.39 -16.08
C THR A 491 24.41 40.28 -15.30
N PRO A 492 24.11 39.12 -15.89
CA PRO A 492 23.31 38.07 -15.23
C PRO A 492 24.05 37.03 -14.39
N ARG A 493 24.89 37.38 -13.42
CA ARG A 493 25.49 36.41 -12.46
C ARG A 493 26.25 35.30 -13.18
N ILE A 494 26.75 35.59 -14.37
CA ILE A 494 27.52 34.60 -15.16
C ILE A 494 28.92 34.47 -14.55
N LEU A 495 29.54 33.31 -14.71
CA LEU A 495 30.86 33.08 -14.17
C LEU A 495 31.85 34.13 -14.66
N ASP A 496 32.67 34.70 -13.75
CA ASP A 496 33.73 35.69 -13.99
C ASP A 496 33.22 37.12 -14.17
N GLY A 497 31.93 37.30 -14.43
CA GLY A 497 31.30 38.60 -14.30
C GLY A 497 31.38 39.47 -15.55
N TYR A 498 31.91 38.92 -16.66
CA TYR A 498 31.89 39.63 -17.94
C TYR A 498 31.41 38.67 -19.02
N LEU A 499 30.67 39.22 -19.98
CA LEU A 499 30.08 38.40 -21.02
C LEU A 499 31.17 37.84 -21.93
N PHE A 500 32.29 38.56 -22.12
CA PHE A 500 33.28 38.16 -23.12
C PHE A 500 34.41 37.32 -22.52
N SER A 501 34.22 36.80 -21.32
CA SER A 501 35.20 35.92 -20.71
C SER A 501 35.15 34.54 -21.35
N LYS A 502 36.33 34.05 -21.76
CA LYS A 502 36.54 32.76 -22.41
C LYS A 502 35.58 32.57 -23.58
N THR A 503 35.29 33.66 -24.30
CA THR A 503 34.49 33.66 -25.52
C THR A 503 34.91 34.88 -26.36
N LEU A 504 34.11 35.25 -27.38
CA LEU A 504 34.43 36.36 -28.28
C LEU A 504 33.88 37.68 -27.76
N CYS A 505 34.36 38.79 -28.33
CA CYS A 505 33.89 40.13 -27.91
C CYS A 505 32.41 40.25 -28.28
N MET A 506 31.61 40.92 -27.45
CA MET A 506 30.15 40.96 -27.68
C MET A 506 29.81 41.88 -28.86
N ASP A 507 30.77 42.69 -29.30
CA ASP A 507 30.54 43.61 -30.44
C ASP A 507 31.01 42.93 -31.73
N ALA A 508 31.47 41.67 -31.63
CA ALA A 508 31.86 40.95 -32.83
C ALA A 508 30.63 40.76 -33.73
N VAL A 509 30.85 40.76 -35.04
CA VAL A 509 29.75 40.79 -36.00
C VAL A 509 29.68 39.46 -36.74
N GLN A 510 28.46 38.92 -36.78
CA GLN A 510 28.13 37.73 -37.56
C GLN A 510 26.97 38.05 -38.49
N HIS A 511 26.64 37.11 -39.38
CA HIS A 511 25.57 37.28 -40.34
C HIS A 511 24.22 37.53 -39.65
N TRP A 512 23.90 36.78 -38.59
CA TRP A 512 22.61 36.92 -37.90
C TRP A 512 22.56 38.12 -36.97
N GLY A 513 23.73 38.66 -36.63
CA GLY A 513 23.77 39.83 -35.77
C GLY A 513 25.06 39.91 -34.98
N LYS A 514 25.02 40.66 -33.88
CA LYS A 514 26.19 40.83 -33.02
C LYS A 514 26.30 39.66 -32.07
N GLN A 515 27.53 39.36 -31.68
CA GLN A 515 27.80 38.28 -30.75
C GLN A 515 26.94 38.45 -29.49
N TYR A 516 26.65 39.69 -29.11
CA TYR A 516 25.80 39.98 -27.96
C TYR A 516 24.44 39.28 -28.04
N ASP A 517 23.89 39.17 -29.26
CA ASP A 517 22.56 38.59 -29.49
C ASP A 517 22.63 37.11 -29.85
N VAL A 518 23.70 36.67 -30.51
CA VAL A 518 23.70 35.36 -31.16
C VAL A 518 24.67 34.40 -30.48
N HIS A 519 25.31 34.83 -29.39
CA HIS A 519 26.29 34.00 -28.70
C HIS A 519 25.74 32.60 -28.39
N ASN A 520 24.55 32.56 -27.80
CA ASN A 520 23.94 31.31 -27.40
C ASN A 520 23.48 30.49 -28.61
N LEU A 521 23.58 31.03 -29.84
CA LEU A 521 23.14 30.34 -31.06
C LEU A 521 24.32 29.77 -31.84
N TYR A 522 25.55 30.02 -31.39
CA TYR A 522 26.71 29.59 -32.16
C TYR A 522 26.73 28.07 -32.31
N GLY A 523 26.64 27.35 -31.22
CA GLY A 523 26.64 25.89 -31.27
C GLY A 523 25.46 25.37 -32.08
N TYR A 524 24.29 25.97 -31.90
CA TYR A 524 23.09 25.63 -32.65
C TYR A 524 23.34 25.80 -34.15
N SER A 525 23.91 26.93 -34.54
CA SER A 525 24.16 27.22 -35.94
C SER A 525 25.20 26.26 -36.54
N MET A 526 26.22 25.90 -35.79
CA MET A 526 27.22 24.96 -36.26
C MET A 526 26.60 23.58 -36.48
N ALA A 527 25.72 23.15 -35.59
CA ALA A 527 25.09 21.85 -35.72
C ALA A 527 24.25 21.81 -36.99
N ILE A 528 23.57 22.92 -37.29
CA ILE A 528 22.79 23.02 -38.50
C ILE A 528 23.71 22.86 -39.72
N ALA A 529 24.81 23.62 -39.74
CA ALA A 529 25.74 23.57 -40.85
C ALA A 529 26.30 22.15 -41.00
N THR A 530 26.60 21.50 -39.87
CA THR A 530 27.19 20.16 -39.93
C THR A 530 26.17 19.17 -40.47
N ALA A 531 24.91 19.32 -40.06
CA ALA A 531 23.84 18.47 -40.54
C ALA A 531 23.71 18.58 -42.05
N GLU A 532 23.92 19.80 -42.57
CA GLU A 532 23.91 20.03 -44.00
C GLU A 532 25.10 19.36 -44.67
N ALA A 533 26.28 19.45 -44.05
CA ALA A 533 27.49 18.85 -44.61
C ALA A 533 27.28 17.34 -44.76
N VAL A 534 26.62 16.73 -43.79
CA VAL A 534 26.52 15.28 -43.72
C VAL A 534 25.69 14.79 -44.90
N LYS A 535 24.71 15.60 -45.29
CA LYS A 535 23.81 15.24 -46.38
C LYS A 535 24.61 15.01 -47.65
N THR A 536 25.70 15.76 -47.79
CA THR A 536 26.49 15.74 -49.01
C THR A 536 27.57 14.67 -48.91
N VAL A 537 28.25 14.61 -47.76
CA VAL A 537 29.42 13.68 -47.61
C VAL A 537 28.95 12.22 -47.54
N PHE A 538 27.97 11.92 -46.70
CA PHE A 538 27.50 10.52 -46.54
C PHE A 538 26.43 10.27 -47.59
N SER A 539 26.34 9.05 -48.13
CA SER A 539 25.42 8.78 -49.27
C SER A 539 24.09 8.20 -48.76
N ASN A 540 23.02 9.01 -48.79
CA ASN A 540 21.69 8.54 -48.33
C ASN A 540 21.83 7.91 -46.95
N LYS A 541 22.78 8.39 -46.15
CA LYS A 541 23.02 7.79 -44.81
C LYS A 541 22.86 8.86 -43.73
N ARG A 542 22.02 8.59 -42.73
CA ARG A 542 21.93 9.51 -41.57
C ARG A 542 23.22 9.26 -40.79
N SER A 543 23.95 10.30 -40.43
CA SER A 543 25.22 10.01 -39.75
C SER A 543 24.98 10.19 -38.25
N PHE A 544 25.93 10.74 -37.52
CA PHE A 544 25.73 10.98 -36.12
C PHE A 544 26.47 12.25 -35.78
N ILE A 545 25.81 13.22 -35.15
CA ILE A 545 26.48 14.43 -34.73
C ILE A 545 26.38 14.56 -33.21
N LEU A 546 27.55 14.69 -32.57
CA LEU A 546 27.63 14.88 -31.13
C LEU A 546 28.09 16.31 -30.86
N THR A 547 27.29 17.11 -30.14
CA THR A 547 27.64 18.54 -29.87
C THR A 547 27.71 18.81 -28.38
N ARG A 548 28.34 19.91 -27.99
CA ARG A 548 28.41 20.31 -26.56
C ARG A 548 27.47 21.50 -26.33
N SER A 549 27.61 22.55 -27.15
CA SER A 549 26.75 23.74 -27.02
C SER A 549 25.41 23.47 -27.71
N THR A 550 24.32 23.80 -27.02
CA THR A 550 22.96 23.58 -27.50
C THR A 550 22.07 24.78 -27.22
N PHE A 551 21.01 24.92 -28.03
CA PHE A 551 19.90 25.84 -27.85
C PHE A 551 18.61 25.08 -28.14
N ALA A 552 17.43 25.66 -27.80
CA ALA A 552 16.15 25.04 -28.13
C ALA A 552 16.08 24.65 -29.60
N GLY A 553 15.93 23.36 -29.91
CA GLY A 553 15.79 22.90 -31.31
C GLY A 553 17.05 22.23 -31.83
N SER A 554 18.06 22.09 -30.99
CA SER A 554 19.36 21.47 -31.39
C SER A 554 19.23 19.95 -31.52
N GLY A 555 18.32 19.33 -30.77
CA GLY A 555 18.17 17.86 -30.78
C GLY A 555 17.66 17.37 -32.12
N LYS A 556 17.18 18.27 -32.96
CA LYS A 556 16.75 17.92 -34.34
C LYS A 556 17.98 17.63 -35.21
N PHE A 557 19.16 18.00 -34.74
CA PHE A 557 20.34 17.81 -35.56
C PHE A 557 21.38 16.95 -34.85
N ALA A 558 21.45 17.04 -33.52
CA ALA A 558 22.62 16.50 -32.86
C ALA A 558 22.28 15.83 -31.53
N ALA A 559 23.15 14.91 -31.10
CA ALA A 559 23.16 14.39 -29.74
C ALA A 559 23.99 15.30 -28.83
N HIS A 560 23.91 15.09 -27.51
CA HIS A 560 24.64 15.95 -26.54
C HIS A 560 25.27 15.10 -25.44
N TRP A 561 26.41 15.52 -24.91
CA TRP A 561 26.99 14.85 -23.72
C TRP A 561 27.06 15.91 -22.63
N LEU A 562 27.08 15.51 -21.37
CA LEU A 562 26.94 16.46 -20.28
C LEU A 562 28.26 17.13 -19.92
N GLY A 563 29.27 17.05 -20.79
CA GLY A 563 30.50 17.83 -20.56
C GLY A 563 31.60 17.19 -19.75
N ASP A 564 32.61 17.99 -19.35
CA ASP A 564 33.81 17.48 -18.64
C ASP A 564 33.55 17.25 -17.16
N ASN A 565 33.08 16.06 -16.83
CA ASN A 565 32.81 15.71 -15.42
C ASN A 565 34.09 15.24 -14.75
N ALA A 566 34.04 15.02 -13.44
CA ALA A 566 35.19 14.44 -12.75
C ALA A 566 34.84 13.05 -12.24
N ALA A 567 35.87 12.19 -12.07
CA ALA A 567 35.72 10.84 -11.53
C ALA A 567 35.42 10.88 -10.03
N THR A 568 34.24 11.40 -9.63
CA THR A 568 33.79 11.46 -8.24
C THR A 568 32.38 10.88 -8.10
N TRP A 569 32.00 10.49 -6.88
CA TRP A 569 30.67 9.96 -6.62
C TRP A 569 29.58 11.02 -6.80
N ASP A 570 29.89 12.31 -6.57
CA ASP A 570 28.94 13.39 -6.82
C ASP A 570 28.55 13.47 -8.29
N ASP A 571 29.54 13.36 -9.18
CA ASP A 571 29.31 13.47 -10.61
C ASP A 571 28.50 12.27 -11.11
N LEU A 572 28.78 11.11 -10.53
CA LEU A 572 27.98 9.95 -10.85
C LEU A 572 26.52 10.26 -10.54
N ARG A 573 26.27 10.80 -9.34
CA ARG A 573 24.93 11.09 -8.87
C ARG A 573 24.25 12.18 -9.69
N TRP A 574 25.00 13.22 -10.06
CA TRP A 574 24.48 14.34 -10.81
C TRP A 574 24.12 13.97 -12.25
N SER A 575 24.65 12.85 -12.75
CA SER A 575 24.51 12.48 -14.14
C SER A 575 23.03 12.21 -14.46
N ILE A 576 22.26 11.73 -13.48
CA ILE A 576 20.91 11.26 -13.77
C ILE A 576 19.96 12.45 -13.97
N PRO A 577 19.86 13.42 -13.04
CA PRO A 577 19.04 14.58 -13.33
C PRO A 577 19.41 15.33 -14.61
N GLY A 578 20.71 15.42 -14.92
CA GLY A 578 21.14 16.05 -16.15
C GLY A 578 20.54 15.37 -17.37
N MET A 579 20.60 14.04 -17.38
CA MET A 579 20.10 13.25 -18.48
C MET A 579 18.59 13.44 -18.62
N LEU A 580 17.87 13.44 -17.50
CA LEU A 580 16.42 13.59 -17.51
C LEU A 580 16.02 14.96 -18.07
N GLU A 581 16.71 16.01 -17.71
CA GLU A 581 16.35 17.34 -18.19
C GLU A 581 16.49 17.45 -19.72
N PHE A 582 17.55 16.84 -20.27
CA PHE A 582 17.79 16.95 -21.69
C PHE A 582 16.73 16.18 -22.48
N ASN A 583 16.16 15.14 -21.89
CA ASN A 583 15.01 14.53 -22.51
C ASN A 583 13.84 15.51 -22.60
N LEU A 584 13.70 16.36 -21.57
CA LEU A 584 12.69 17.40 -21.60
C LEU A 584 12.98 18.39 -22.70
N PHE A 585 14.26 18.67 -22.96
CA PHE A 585 14.63 19.71 -23.90
C PHE A 585 14.61 19.17 -25.33
N GLY A 586 14.32 17.88 -25.50
CA GLY A 586 14.20 17.32 -26.83
C GLY A 586 15.54 16.83 -27.38
N ILE A 587 16.44 16.45 -26.47
CA ILE A 587 17.73 15.94 -26.87
C ILE A 587 17.90 14.63 -26.12
N PRO A 588 17.16 13.59 -26.54
CA PRO A 588 17.15 12.34 -25.79
C PRO A 588 18.43 11.51 -25.88
N MET A 589 19.17 11.63 -26.98
CA MET A 589 20.44 10.93 -27.08
C MET A 589 21.47 11.70 -26.26
N VAL A 590 21.58 11.38 -24.96
CA VAL A 590 22.38 12.14 -24.01
C VAL A 590 22.94 11.21 -22.93
N GLY A 591 24.16 11.51 -22.44
CA GLY A 591 24.78 10.81 -21.33
C GLY A 591 26.02 11.54 -20.79
N SER A 592 26.48 11.15 -19.59
CA SER A 592 27.71 11.69 -19.02
C SER A 592 28.88 10.80 -19.39
N ASP A 593 30.11 11.32 -19.28
CA ASP A 593 31.31 10.51 -19.48
C ASP A 593 31.45 9.46 -18.40
N ILE A 594 31.30 8.21 -18.80
CA ILE A 594 31.31 7.12 -17.86
C ILE A 594 32.71 7.01 -17.25
N CYS A 595 32.74 6.96 -15.90
CA CYS A 595 33.95 6.83 -15.06
C CYS A 595 34.64 8.18 -14.87
N GLY A 596 34.11 9.26 -15.41
CA GLY A 596 34.68 10.57 -15.15
C GLY A 596 35.75 10.92 -16.17
N PHE A 597 35.72 12.18 -16.64
CA PHE A 597 36.70 12.69 -17.58
C PHE A 597 37.97 13.16 -16.84
N LEU A 598 37.81 13.98 -15.80
CA LEU A 598 38.92 14.49 -14.99
C LEU A 598 39.21 13.53 -13.83
N LEU A 599 40.47 13.49 -13.36
CA LEU A 599 40.91 12.70 -12.20
C LEU A 599 40.99 11.21 -12.52
N ASP A 600 41.71 10.43 -11.69
CA ASP A 600 41.77 8.97 -11.80
C ASP A 600 40.56 8.34 -11.11
N THR A 601 39.92 7.36 -11.78
CA THR A 601 38.77 6.65 -11.23
C THR A 601 39.26 5.45 -10.41
N SER A 602 38.53 5.11 -9.35
CA SER A 602 38.71 3.85 -8.65
C SER A 602 37.96 2.73 -9.39
N GLU A 603 38.32 1.46 -9.12
CA GLU A 603 37.66 0.31 -9.73
C GLU A 603 36.18 0.29 -9.34
N GLU A 604 35.88 0.59 -8.07
CA GLU A 604 34.50 0.54 -7.61
C GLU A 604 33.66 1.61 -8.30
N LEU A 605 34.16 2.85 -8.29
CA LEU A 605 33.44 3.95 -8.92
C LEU A 605 33.15 3.61 -10.37
N CYS A 606 34.17 3.15 -11.09
CA CYS A 606 34.04 2.85 -12.51
C CYS A 606 33.10 1.66 -12.71
N ARG A 607 33.03 0.76 -11.74
CA ARG A 607 32.15 -0.43 -11.82
C ARG A 607 30.68 -0.04 -11.68
N ARG A 608 30.37 0.79 -10.70
CA ARG A 608 28.98 1.22 -10.46
C ARG A 608 28.57 2.25 -11.51
N TRP A 609 29.52 2.87 -12.21
CA TRP A 609 29.21 3.82 -13.30
C TRP A 609 28.98 3.06 -14.59
N MET A 610 29.75 2.01 -14.85
CA MET A 610 29.54 1.18 -16.03
C MET A 610 28.18 0.48 -15.97
N GLN A 611 27.70 0.24 -14.75
CA GLN A 611 26.40 -0.47 -14.57
C GLN A 611 25.27 0.48 -14.95
N VAL A 612 25.27 1.69 -14.38
CA VAL A 612 24.24 2.66 -14.69
C VAL A 612 24.46 3.22 -16.11
N GLY A 613 25.72 3.42 -16.50
CA GLY A 613 26.07 3.98 -17.80
C GLY A 613 25.61 3.09 -18.96
N ALA A 614 25.46 1.80 -18.71
CA ALA A 614 24.92 0.88 -19.72
C ALA A 614 23.49 1.29 -20.10
N PHE A 615 22.84 2.10 -19.27
CA PHE A 615 21.46 2.47 -19.53
C PHE A 615 21.32 3.95 -19.83
N TYR A 616 22.42 4.67 -20.05
CA TYR A 616 22.36 5.99 -20.66
C TYR A 616 21.90 5.87 -22.11
N PRO A 617 21.00 6.74 -22.63
CA PRO A 617 20.76 6.72 -24.07
C PRO A 617 22.03 6.85 -24.89
N PHE A 618 22.92 7.76 -24.49
CA PHE A 618 24.26 7.84 -25.05
C PHE A 618 25.28 7.27 -24.06
N SER A 619 25.81 6.08 -24.34
CA SER A 619 26.67 5.34 -23.44
C SER A 619 28.13 5.38 -23.92
N ARG A 620 28.96 6.24 -23.29
CA ARG A 620 30.36 6.41 -23.69
C ARG A 620 31.28 6.53 -22.48
N ASN A 621 32.38 5.77 -22.53
CA ASN A 621 33.48 5.91 -21.59
C ASN A 621 34.54 6.85 -22.16
N HIS A 622 34.77 7.99 -21.50
CA HIS A 622 35.67 9.02 -22.00
C HIS A 622 36.63 9.48 -20.89
N ASN A 623 37.93 9.27 -21.12
CA ASN A 623 38.98 9.57 -20.15
C ASN A 623 39.78 10.80 -20.59
N GLY A 624 40.29 11.59 -19.64
CA GLY A 624 41.04 12.79 -19.93
C GLY A 624 42.56 12.53 -20.01
N GLN A 625 43.29 13.58 -20.43
CA GLN A 625 44.73 13.50 -20.64
C GLN A 625 45.48 13.38 -19.32
N GLY A 626 46.45 12.46 -19.25
CA GLY A 626 47.35 12.35 -18.13
C GLY A 626 46.80 11.54 -16.95
N TYR A 627 45.71 10.82 -17.17
CA TYR A 627 45.08 10.08 -16.04
C TYR A 627 45.21 8.58 -16.29
N LYS A 628 44.96 7.79 -15.26
CA LYS A 628 45.12 6.31 -15.38
C LYS A 628 44.11 5.78 -16.40
N VAL A 629 44.54 4.82 -17.22
CA VAL A 629 43.61 4.19 -18.21
C VAL A 629 42.34 3.74 -17.48
N GLN A 630 41.22 3.66 -18.20
CA GLN A 630 39.99 3.22 -17.56
C GLN A 630 39.04 2.50 -18.52
N ASP A 631 39.45 2.15 -19.75
CA ASP A 631 38.64 1.26 -20.58
C ASP A 631 38.38 -0.04 -19.81
N PRO A 632 37.18 -0.65 -19.91
CA PRO A 632 36.86 -1.79 -19.05
C PRO A 632 37.90 -2.90 -19.01
N ALA A 633 38.50 -3.23 -20.16
CA ALA A 633 39.46 -4.32 -20.24
C ALA A 633 40.79 -3.98 -19.55
N SER A 634 41.04 -2.71 -19.23
CA SER A 634 42.22 -2.26 -18.50
C SER A 634 42.25 -2.78 -17.06
N PHE A 635 41.09 -3.11 -16.46
CA PHE A 635 41.00 -3.48 -15.04
C PHE A 635 41.32 -4.97 -14.86
N GLY A 636 41.66 -5.68 -15.96
CA GLY A 636 42.04 -7.08 -15.92
C GLY A 636 40.98 -7.97 -16.58
N ALA A 637 41.42 -9.05 -17.25
CA ALA A 637 40.53 -9.92 -18.00
C ALA A 637 39.53 -10.66 -17.10
N ASP A 638 39.83 -10.84 -15.80
CA ASP A 638 38.91 -11.55 -14.91
C ASP A 638 38.35 -10.63 -13.81
N SER A 639 38.53 -9.31 -13.98
CA SER A 639 38.08 -8.37 -12.96
C SER A 639 36.56 -8.40 -12.81
N LEU A 640 36.07 -8.13 -11.61
CA LEU A 640 34.63 -8.00 -11.40
C LEU A 640 34.07 -6.84 -12.25
N LEU A 641 34.84 -5.76 -12.43
CA LEU A 641 34.39 -4.63 -13.24
C LEU A 641 34.14 -5.05 -14.69
N LEU A 642 35.08 -5.80 -15.29
CA LEU A 642 34.96 -6.21 -16.68
C LEU A 642 33.77 -7.15 -16.86
N ASN A 643 33.62 -8.15 -15.99
CA ASN A 643 32.51 -9.10 -16.06
C ASN A 643 31.17 -8.39 -15.89
N SER A 644 31.13 -7.47 -14.92
CA SER A 644 29.93 -6.66 -14.69
C SER A 644 29.61 -5.82 -15.94
N SER A 645 30.61 -5.14 -16.50
CA SER A 645 30.43 -4.32 -17.68
C SER A 645 29.90 -5.13 -18.86
N ARG A 646 30.49 -6.31 -19.08
CA ARG A 646 30.09 -7.17 -20.18
C ARG A 646 28.65 -7.63 -20.00
N HIS A 647 28.28 -7.95 -18.74
CA HIS A 647 26.92 -8.49 -18.43
C HIS A 647 25.83 -7.46 -18.68
N TYR A 648 26.01 -6.24 -18.20
CA TYR A 648 24.93 -5.22 -18.32
C TYR A 648 24.96 -4.58 -19.71
N LEU A 649 26.10 -4.63 -20.40
CA LEU A 649 26.16 -4.10 -21.79
C LEU A 649 25.47 -5.10 -22.70
N SER A 650 25.58 -6.40 -22.39
CA SER A 650 24.87 -7.42 -23.15
C SER A 650 23.37 -7.26 -22.99
N ILE A 651 22.95 -6.90 -21.77
CA ILE A 651 21.54 -6.66 -21.52
C ILE A 651 21.09 -5.47 -22.35
N ARG A 652 21.88 -4.40 -22.34
CA ARG A 652 21.57 -3.26 -23.18
C ARG A 652 21.39 -3.69 -24.64
N TYR A 653 22.25 -4.57 -25.17
CA TYR A 653 22.19 -4.96 -26.56
C TYR A 653 20.97 -5.83 -26.83
N THR A 654 20.56 -6.61 -25.84
CA THR A 654 19.37 -7.42 -25.99
C THR A 654 18.15 -6.52 -26.20
N LEU A 655 18.15 -5.35 -25.55
CA LEU A 655 17.00 -4.49 -25.50
C LEU A 655 17.09 -3.34 -26.51
N LEU A 656 18.03 -3.38 -27.45
CA LEU A 656 18.18 -2.29 -28.39
C LEU A 656 16.95 -2.14 -29.28
N PRO A 657 16.27 -3.22 -29.73
CA PRO A 657 15.05 -2.99 -30.47
C PRO A 657 14.03 -2.16 -29.70
N TYR A 658 13.92 -2.42 -28.39
CA TYR A 658 13.04 -1.65 -27.53
C TYR A 658 13.51 -0.20 -27.47
N LEU A 659 14.80 0.03 -27.20
CA LEU A 659 15.35 1.37 -27.10
C LEU A 659 15.15 2.12 -28.41
N TYR A 660 15.41 1.45 -29.54
CA TYR A 660 15.28 2.07 -30.84
C TYR A 660 13.85 2.48 -31.13
N THR A 661 12.89 1.64 -30.73
CA THR A 661 11.51 2.02 -30.91
C THR A 661 11.17 3.26 -30.08
N LEU A 662 11.74 3.38 -28.89
CA LEU A 662 11.54 4.58 -28.10
C LEU A 662 12.03 5.83 -28.82
N PHE A 663 13.17 5.74 -29.49
CA PHE A 663 13.69 6.86 -30.27
C PHE A 663 12.78 7.16 -31.46
N TYR A 664 12.19 6.12 -32.03
CA TYR A 664 11.18 6.33 -33.04
C TYR A 664 10.02 7.16 -32.50
N HIS A 665 9.51 6.84 -31.32
CA HIS A 665 8.39 7.61 -30.70
C HIS A 665 8.84 9.04 -30.37
N ALA A 666 10.09 9.21 -29.95
CA ALA A 666 10.62 10.55 -29.73
C ALA A 666 10.65 11.33 -31.04
N HIS A 667 11.10 10.70 -32.13
CA HIS A 667 11.27 11.33 -33.42
C HIS A 667 9.93 11.63 -34.08
N SER A 668 8.94 10.76 -33.88
CA SER A 668 7.69 10.88 -34.61
C SER A 668 6.65 11.69 -33.84
N ARG A 669 6.67 11.62 -32.50
CA ARG A 669 5.60 12.19 -31.69
C ARG A 669 6.13 13.13 -30.61
N GLY A 670 7.39 13.01 -30.20
CA GLY A 670 7.97 13.88 -29.19
C GLY A 670 7.94 13.26 -27.79
N ASP A 671 7.95 11.93 -27.68
CA ASP A 671 8.08 11.28 -26.37
C ASP A 671 9.49 11.40 -25.79
N THR A 672 9.64 11.24 -24.48
CA THR A 672 10.98 11.24 -23.83
C THR A 672 11.51 9.83 -23.77
N VAL A 673 12.80 9.61 -24.03
CA VAL A 673 13.36 8.22 -24.08
C VAL A 673 13.71 7.83 -22.63
N ALA A 674 14.66 8.51 -22.00
CA ALA A 674 14.92 8.30 -20.56
C ALA A 674 13.87 9.13 -19.83
N ARG A 675 13.08 8.49 -18.99
CA ARG A 675 11.92 9.21 -18.44
C ARG A 675 11.95 9.31 -16.92
N PRO A 676 11.44 10.43 -16.34
CA PRO A 676 11.25 10.54 -14.87
C PRO A 676 10.07 9.66 -14.43
N LEU A 677 10.06 9.18 -13.18
CA LEU A 677 8.97 8.31 -12.64
C LEU A 677 7.64 9.08 -12.56
N LEU A 678 7.68 10.40 -12.45
CA LEU A 678 6.47 11.23 -12.35
C LEU A 678 5.78 11.34 -13.72
N HIS A 679 6.49 11.04 -14.79
CA HIS A 679 5.90 11.09 -16.13
C HIS A 679 4.99 9.87 -16.34
N GLU A 680 5.23 8.79 -15.60
CA GLU A 680 4.37 7.62 -15.72
C GLU A 680 3.46 7.50 -14.49
N PHE A 681 3.97 7.92 -13.34
CA PHE A 681 3.26 7.70 -12.05
C PHE A 681 3.05 9.00 -11.31
N TYR A 682 2.47 9.99 -11.97
CA TYR A 682 2.23 11.32 -11.38
C TYR A 682 1.10 11.30 -10.35
N GLU A 683 0.35 10.21 -10.29
CA GLU A 683 -0.76 10.09 -9.32
C GLU A 683 -0.20 9.91 -7.91
N ASP A 684 1.01 9.41 -7.78
CA ASP A 684 1.67 9.29 -6.46
C ASP A 684 2.60 10.47 -6.27
N SER A 685 2.47 11.20 -5.16
CA SER A 685 3.30 12.39 -4.88
C SER A 685 4.65 11.93 -4.33
N ASN A 686 4.84 10.63 -4.17
CA ASN A 686 6.11 10.05 -3.69
C ASN A 686 7.02 9.86 -4.88
N THR A 687 6.59 10.28 -6.06
CA THR A 687 7.40 10.17 -7.29
C THR A 687 7.79 11.56 -7.74
N TRP A 688 7.19 12.61 -7.19
CA TRP A 688 7.39 13.98 -7.75
C TRP A 688 8.79 14.53 -7.52
N ASP A 689 9.63 13.81 -6.80
CA ASP A 689 10.99 14.30 -6.45
C ASP A 689 12.02 13.18 -6.54
N VAL A 690 11.70 12.07 -7.19
CA VAL A 690 12.62 10.96 -7.34
C VAL A 690 13.62 11.30 -8.44
N TYR A 691 14.91 11.24 -8.15
CA TYR A 691 15.91 11.68 -9.17
C TYR A 691 17.09 10.73 -9.18
N GLN A 692 17.01 9.65 -8.41
CA GLN A 692 18.15 8.70 -8.30
C GLN A 692 17.73 7.41 -9.01
N GLN A 693 16.54 7.42 -9.61
CA GLN A 693 16.07 6.27 -10.41
C GLN A 693 15.50 6.84 -11.71
N PHE A 694 15.36 6.03 -12.75
CA PHE A 694 14.72 6.51 -13.97
C PHE A 694 14.15 5.34 -14.76
N LEU A 695 13.41 5.66 -15.84
CA LEU A 695 12.85 4.67 -16.75
C LEU A 695 13.43 4.82 -18.14
N TRP A 696 13.55 3.69 -18.84
CA TRP A 696 13.51 3.68 -20.29
C TRP A 696 12.07 3.55 -20.75
N GLY A 697 11.54 4.61 -21.32
CA GLY A 697 10.17 4.53 -21.77
C GLY A 697 9.25 4.24 -20.59
N PRO A 698 8.08 3.64 -20.81
CA PRO A 698 7.17 3.34 -19.71
C PRO A 698 7.48 2.05 -18.96
N GLY A 699 8.38 1.21 -19.48
CA GLY A 699 8.37 -0.20 -19.15
C GLY A 699 9.55 -0.67 -18.29
N LEU A 700 10.71 0.00 -18.33
CA LEU A 700 11.91 -0.53 -17.70
C LEU A 700 12.39 0.42 -16.60
N LEU A 701 12.26 -0.01 -15.33
CA LEU A 701 12.73 0.76 -14.18
C LEU A 701 14.19 0.44 -13.86
N ILE A 702 15.03 1.48 -13.75
CA ILE A 702 16.45 1.33 -13.47
C ILE A 702 16.78 1.93 -12.10
N THR A 703 17.32 1.09 -11.20
CA THR A 703 17.67 1.50 -9.85
C THR A 703 19.16 1.28 -9.60
N PRO A 704 19.98 2.35 -9.77
CA PRO A 704 21.42 2.21 -9.56
C PRO A 704 21.88 2.42 -8.11
N VAL A 705 23.12 1.97 -7.82
CA VAL A 705 23.86 2.30 -6.59
C VAL A 705 24.78 3.48 -6.86
N LEU A 706 24.55 4.58 -6.12
CA LEU A 706 25.20 5.83 -6.41
C LEU A 706 26.09 6.27 -5.24
N ASP A 707 26.31 5.39 -4.25
CA ASP A 707 27.08 5.76 -3.07
C ASP A 707 28.25 4.80 -2.89
N GLU A 708 29.38 5.36 -2.43
CA GLU A 708 30.59 4.58 -2.23
C GLU A 708 30.38 3.54 -1.13
N GLY A 709 30.80 2.30 -1.40
CA GLY A 709 30.78 1.21 -0.44
C GLY A 709 29.40 0.60 -0.21
N ALA A 710 28.36 1.14 -0.86
CA ALA A 710 26.99 0.72 -0.63
C ALA A 710 26.71 -0.62 -1.31
N GLU A 711 25.97 -1.52 -0.63
CA GLU A 711 25.46 -2.74 -1.25
C GLU A 711 23.94 -2.81 -1.13
N LYS A 712 23.36 -1.70 -0.70
CA LYS A 712 21.93 -1.55 -0.52
C LYS A 712 21.55 -0.12 -0.90
N VAL A 713 20.35 0.04 -1.48
CA VAL A 713 19.83 1.35 -1.85
C VAL A 713 18.41 1.48 -1.34
N THR A 714 18.04 2.69 -0.94
CA THR A 714 16.64 3.00 -0.70
C THR A 714 16.00 3.49 -1.99
N ALA A 715 15.03 2.72 -2.50
CA ALA A 715 14.40 3.04 -3.77
C ALA A 715 12.89 3.03 -3.60
N TYR A 716 12.23 3.86 -4.40
CA TYR A 716 10.75 3.85 -4.44
C TYR A 716 10.28 2.95 -5.56
N VAL A 717 9.37 2.04 -5.26
CA VAL A 717 8.75 1.19 -6.27
C VAL A 717 7.33 1.69 -6.54
N PRO A 718 7.03 2.29 -7.72
CA PRO A 718 5.71 2.80 -8.03
C PRO A 718 4.61 1.74 -8.07
N ASP A 719 3.35 2.20 -8.10
CA ASP A 719 2.16 1.36 -8.09
C ASP A 719 1.92 0.70 -9.45
N ALA A 720 2.58 -0.47 -9.66
CA ALA A 720 2.46 -1.31 -10.83
C ALA A 720 2.91 -2.72 -10.49
N VAL A 721 2.64 -3.66 -11.40
CA VAL A 721 3.21 -5.01 -11.23
C VAL A 721 4.63 -4.90 -11.79
N TRP A 722 5.62 -5.37 -11.04
CA TRP A 722 7.00 -5.30 -11.46
C TRP A 722 7.61 -6.70 -11.46
N TYR A 723 8.40 -6.98 -12.51
CA TYR A 723 9.09 -8.24 -12.64
C TYR A 723 10.58 -7.99 -12.66
N ASP A 724 11.30 -8.82 -11.91
CA ASP A 724 12.75 -8.78 -11.94
C ASP A 724 13.20 -9.17 -13.33
N TYR A 725 14.00 -8.31 -13.96
CA TYR A 725 14.41 -8.51 -15.34
C TYR A 725 15.15 -9.83 -15.48
N GLU A 726 16.06 -10.11 -14.57
CA GLU A 726 16.98 -11.22 -14.72
C GLU A 726 16.30 -12.56 -14.48
N THR A 727 15.43 -12.64 -13.46
CA THR A 727 14.79 -13.92 -13.13
C THR A 727 13.44 -14.05 -13.85
N GLY A 728 12.72 -12.94 -14.01
CA GLY A 728 11.38 -12.97 -14.58
C GLY A 728 10.29 -13.10 -13.51
N GLY A 729 10.71 -13.30 -12.27
CA GLY A 729 9.79 -13.46 -11.16
C GLY A 729 9.14 -12.14 -10.76
N ARG A 730 7.94 -12.19 -10.21
CA ARG A 730 7.24 -10.97 -9.75
C ARG A 730 7.75 -10.54 -8.37
N VAL A 731 7.90 -9.24 -8.17
CA VAL A 731 8.35 -8.70 -6.86
C VAL A 731 7.10 -8.39 -6.05
N THR A 732 7.23 -8.24 -4.74
CA THR A 732 6.04 -8.03 -3.90
C THR A 732 5.96 -6.58 -3.50
N TRP A 733 6.84 -5.76 -4.04
CA TRP A 733 6.80 -4.30 -3.73
C TRP A 733 5.79 -3.59 -4.63
N ARG A 734 5.06 -2.61 -4.10
CA ARG A 734 4.13 -1.80 -4.91
C ARG A 734 3.76 -0.55 -4.10
N LYS A 735 4.09 0.64 -4.56
CA LYS A 735 3.75 1.91 -3.89
C LYS A 735 4.39 1.91 -2.49
N GLN A 736 5.67 1.56 -2.40
CA GLN A 736 6.37 1.50 -1.09
C GLN A 736 7.86 1.82 -1.27
N LYS A 737 8.52 2.31 -0.22
CA LYS A 737 9.98 2.55 -0.26
C LYS A 737 10.66 1.25 0.15
N VAL A 738 11.70 0.81 -0.57
CA VAL A 738 12.25 -0.50 -0.26
C VAL A 738 13.76 -0.35 -0.11
N GLU A 739 14.35 -1.21 0.72
CA GLU A 739 15.80 -1.36 0.75
C GLU A 739 16.18 -2.52 -0.17
N MET A 740 16.86 -2.19 -1.27
CA MET A 740 17.19 -3.16 -2.30
C MET A 740 18.63 -3.62 -2.09
N GLU A 741 18.83 -4.94 -2.10
CA GLU A 741 20.16 -5.50 -1.95
C GLU A 741 20.82 -5.60 -3.33
N LEU A 742 21.80 -4.74 -3.54
CA LEU A 742 22.45 -4.67 -4.83
C LEU A 742 23.96 -4.81 -4.62
N PRO A 743 24.49 -6.05 -4.59
CA PRO A 743 25.95 -6.30 -4.39
C PRO A 743 26.80 -5.61 -5.45
N GLY A 744 28.12 -5.64 -5.29
CA GLY A 744 29.03 -4.91 -6.19
C GLY A 744 28.84 -5.17 -7.66
N ASP A 745 28.28 -6.31 -8.04
CA ASP A 745 28.14 -6.64 -9.48
C ASP A 745 26.66 -6.60 -9.88
N LYS A 746 25.82 -5.87 -9.16
CA LYS A 746 24.37 -5.94 -9.47
C LYS A 746 23.70 -4.57 -9.48
N ILE A 747 22.89 -4.31 -10.50
CA ILE A 747 22.06 -3.11 -10.57
C ILE A 747 20.58 -3.52 -10.57
N GLY A 748 19.70 -2.66 -10.06
CA GLY A 748 18.28 -2.99 -10.04
C GLY A 748 17.60 -2.74 -11.39
N LEU A 749 17.10 -3.80 -12.05
CA LEU A 749 16.34 -3.73 -13.31
C LEU A 749 14.97 -4.42 -13.18
N HIS A 750 13.88 -3.70 -13.45
CA HIS A 750 12.54 -4.28 -13.30
C HIS A 750 11.64 -3.94 -14.49
N LEU A 751 10.91 -4.93 -15.00
CA LEU A 751 9.96 -4.76 -16.10
C LEU A 751 8.55 -4.52 -15.58
N ARG A 752 7.90 -3.50 -16.11
CA ARG A 752 6.55 -3.18 -15.69
C ARG A 752 5.54 -4.11 -16.37
N GLY A 753 4.56 -4.64 -15.61
CA GLY A 753 3.47 -5.46 -16.15
C GLY A 753 2.56 -4.65 -17.06
N GLY A 754 2.07 -5.28 -18.14
CA GLY A 754 1.22 -4.62 -19.12
C GLY A 754 1.98 -4.18 -20.37
N TYR A 755 3.25 -4.56 -20.47
CA TYR A 755 4.06 -4.13 -21.59
C TYR A 755 4.71 -5.34 -22.25
N ILE A 756 4.92 -5.23 -23.56
CA ILE A 756 5.63 -6.23 -24.35
C ILE A 756 6.92 -5.61 -24.86
N PHE A 757 8.05 -6.32 -24.66
CA PHE A 757 9.37 -5.80 -24.99
C PHE A 757 9.95 -6.62 -26.15
N PRO A 758 10.21 -5.99 -27.32
CA PRO A 758 10.96 -6.68 -28.37
C PRO A 758 12.42 -6.84 -28.00
N THR A 759 12.98 -8.03 -28.18
CA THR A 759 14.37 -8.29 -27.83
C THR A 759 15.07 -8.85 -29.06
N GLN A 760 16.39 -8.76 -29.03
CA GLN A 760 17.20 -9.41 -30.03
C GLN A 760 18.42 -10.02 -29.38
N GLN A 761 18.73 -11.23 -29.82
CA GLN A 761 19.88 -11.93 -29.29
C GLN A 761 21.12 -11.08 -29.48
N PRO A 762 21.86 -10.74 -28.40
CA PRO A 762 22.97 -9.78 -28.49
C PRO A 762 24.24 -10.37 -29.11
N ALA A 763 25.11 -9.49 -29.64
CA ALA A 763 26.46 -9.80 -30.11
C ALA A 763 27.43 -8.67 -29.69
N THR A 764 28.67 -8.70 -30.15
CA THR A 764 29.65 -7.70 -29.66
C THR A 764 29.47 -6.39 -30.39
N THR A 765 28.80 -6.41 -31.53
CA THR A 765 28.50 -5.19 -32.25
C THR A 765 27.04 -5.18 -32.72
N THR A 766 26.53 -3.98 -33.02
CA THR A 766 25.16 -3.85 -33.49
C THR A 766 25.04 -4.48 -34.88
N VAL A 767 26.11 -4.46 -35.67
CA VAL A 767 26.11 -5.05 -36.99
C VAL A 767 25.85 -6.55 -36.87
N ALA A 768 26.59 -7.20 -35.98
CA ALA A 768 26.44 -8.62 -35.77
C ALA A 768 25.08 -8.94 -35.14
N SER A 769 24.65 -8.16 -34.16
CA SER A 769 23.39 -8.45 -33.44
C SER A 769 22.18 -8.40 -34.37
N ARG A 770 22.16 -7.45 -35.32
CA ARG A 770 21.02 -7.25 -36.18
C ARG A 770 20.78 -8.43 -37.12
N GLN A 771 21.72 -9.38 -37.17
CA GLN A 771 21.54 -10.56 -37.99
C GLN A 771 20.98 -11.70 -37.15
N ASN A 772 20.83 -11.48 -35.84
CA ASN A 772 20.42 -12.53 -34.93
C ASN A 772 18.90 -12.52 -34.80
N PRO A 773 18.31 -13.65 -34.35
CA PRO A 773 16.86 -13.75 -34.15
C PRO A 773 16.28 -12.80 -33.11
N LEU A 774 14.99 -12.46 -33.27
CA LEU A 774 14.25 -11.59 -32.38
C LEU A 774 13.46 -12.43 -31.35
N GLY A 775 13.00 -11.75 -30.30
CA GLY A 775 12.21 -12.37 -29.25
C GLY A 775 11.24 -11.39 -28.63
N LEU A 776 10.29 -11.89 -27.84
CA LEU A 776 9.37 -11.05 -27.11
C LEU A 776 9.40 -11.42 -25.64
N ILE A 777 9.43 -10.40 -24.79
CA ILE A 777 9.14 -10.57 -23.38
C ILE A 777 7.77 -9.97 -23.13
N ILE A 778 6.84 -10.82 -22.68
CA ILE A 778 5.49 -10.36 -22.37
C ILE A 778 5.33 -10.30 -20.86
N ALA A 779 5.28 -9.08 -20.32
CA ALA A 779 5.08 -8.88 -18.90
C ALA A 779 3.60 -8.59 -18.62
N LEU A 780 2.88 -9.53 -18.01
CA LEU A 780 1.43 -9.41 -17.84
C LEU A 780 1.10 -8.52 -16.65
N ASP A 781 -0.03 -7.81 -16.76
CA ASP A 781 -0.48 -6.90 -15.66
C ASP A 781 -1.50 -7.59 -14.74
N ASP A 782 -2.29 -6.80 -14.02
CA ASP A 782 -3.32 -7.33 -13.08
C ASP A 782 -4.45 -8.00 -13.88
N ASN A 783 -4.76 -7.48 -15.07
CA ASN A 783 -5.87 -8.03 -15.88
C ASN A 783 -5.36 -9.12 -16.82
N LYS A 784 -4.07 -9.48 -16.70
CA LYS A 784 -3.44 -10.55 -17.53
C LYS A 784 -3.35 -10.08 -18.99
N GLU A 785 -3.05 -8.80 -19.20
CA GLU A 785 -2.92 -8.22 -20.52
C GLU A 785 -1.56 -7.52 -20.69
N ALA A 786 -1.13 -7.30 -21.95
CA ALA A 786 0.07 -6.52 -22.25
C ALA A 786 -0.01 -5.93 -23.66
N LYS A 787 0.69 -4.81 -23.88
CA LYS A 787 0.83 -4.22 -25.22
C LYS A 787 2.25 -3.73 -25.49
N GLY A 788 2.61 -3.74 -26.77
CA GLY A 788 3.95 -3.29 -27.17
C GLY A 788 3.98 -2.80 -28.60
N GLU A 789 5.16 -2.41 -29.07
CA GLU A 789 5.34 -1.92 -30.45
C GLU A 789 6.75 -2.27 -30.90
N LEU A 790 6.98 -2.38 -32.21
CA LEU A 790 8.34 -2.62 -32.73
C LEU A 790 8.53 -1.80 -34.01
N PHE A 791 9.41 -0.80 -33.96
CA PHE A 791 9.81 -0.07 -35.15
C PHE A 791 11.07 -0.68 -35.72
N TRP A 792 11.09 -0.96 -37.02
CA TRP A 792 12.24 -1.59 -37.64
C TRP A 792 12.48 -1.04 -39.04
N ASP A 793 13.69 -0.53 -39.29
CA ASP A 793 14.13 -0.03 -40.58
C ASP A 793 15.53 -0.55 -40.87
N ASP A 794 16.17 0.06 -41.87
CA ASP A 794 17.51 -0.24 -42.34
C ASP A 794 18.55 0.10 -41.27
N GLY A 795 18.20 1.09 -40.43
CA GLY A 795 19.02 1.46 -39.29
C GLY A 795 20.11 2.47 -39.65
N GLU A 796 20.10 3.03 -40.87
CA GLU A 796 21.20 3.85 -41.35
C GLU A 796 20.75 4.92 -42.33
N ALA A 797 19.77 4.58 -43.17
CA ALA A 797 19.35 5.44 -44.25
C ALA A 797 18.69 6.69 -43.69
N LYS A 798 18.70 7.77 -44.46
CA LYS A 798 18.11 9.05 -44.02
C LYS A 798 16.64 9.18 -44.41
N ASP A 799 15.86 9.88 -43.59
CA ASP A 799 14.41 10.12 -43.87
C ASP A 799 13.68 8.80 -44.15
N THR A 800 13.88 7.79 -43.32
CA THR A 800 13.25 6.47 -43.55
C THR A 800 11.83 6.50 -43.06
N VAL A 801 11.41 7.59 -42.42
CA VAL A 801 10.04 7.68 -41.85
C VAL A 801 9.18 8.53 -42.78
N ALA A 802 9.66 9.70 -43.17
CA ALA A 802 8.94 10.55 -44.15
C ALA A 802 8.87 9.85 -45.50
N ASN A 803 9.89 9.08 -45.87
CA ASN A 803 9.83 8.32 -47.14
C ASN A 803 9.09 7.00 -46.91
N LYS A 804 8.72 6.69 -45.68
CA LYS A 804 7.89 5.50 -45.37
C LYS A 804 8.57 4.21 -45.85
N VAL A 805 9.78 3.94 -45.40
CA VAL A 805 10.48 2.68 -45.74
C VAL A 805 10.78 1.98 -44.42
N TYR A 806 9.75 1.45 -43.78
CA TYR A 806 9.93 0.82 -42.45
C TYR A 806 8.83 -0.13 -42.10
N LEU A 807 9.09 -0.99 -41.13
CA LEU A 807 8.07 -1.89 -40.55
C LEU A 807 7.59 -1.30 -39.21
N LEU A 808 6.30 -1.37 -38.91
CA LEU A 808 5.78 -0.94 -37.59
C LEU A 808 4.85 -2.05 -37.09
N TYR A 809 5.17 -2.66 -35.96
CA TYR A 809 4.31 -3.72 -35.39
C TYR A 809 3.61 -3.25 -34.15
N GLU A 810 2.41 -3.77 -33.90
CA GLU A 810 1.71 -3.49 -32.63
C GLU A 810 1.42 -4.87 -32.03
N PHE A 811 1.82 -5.09 -30.78
CA PHE A 811 1.64 -6.42 -30.15
C PHE A 811 0.60 -6.29 -29.06
N SER A 812 -0.28 -7.28 -28.90
CA SER A 812 -1.25 -7.23 -27.83
C SER A 812 -1.57 -8.63 -27.33
N VAL A 813 -1.65 -8.77 -26.01
CA VAL A 813 -2.00 -10.08 -25.41
C VAL A 813 -3.28 -9.89 -24.58
N THR A 814 -4.28 -10.74 -24.81
CA THR A 814 -5.52 -10.71 -24.00
C THR A 814 -6.14 -12.09 -24.07
N GLN A 815 -6.56 -12.62 -22.92
CA GLN A 815 -7.28 -13.93 -22.90
C GLN A 815 -6.39 -15.03 -23.46
N ASN A 816 -5.11 -15.03 -23.11
CA ASN A 816 -4.18 -16.12 -23.53
C ASN A 816 -4.04 -16.11 -25.05
N ARG A 817 -4.07 -14.93 -25.67
CA ARG A 817 -3.91 -14.83 -27.15
C ARG A 817 -3.01 -13.63 -27.51
N LEU A 818 -1.91 -13.88 -28.20
CA LEU A 818 -1.00 -12.86 -28.69
C LEU A 818 -1.36 -12.47 -30.12
N ASP A 819 -1.58 -11.19 -30.36
CA ASP A 819 -1.85 -10.68 -31.73
C ASP A 819 -0.61 -9.94 -32.23
N VAL A 820 0.05 -10.45 -33.27
CA VAL A 820 1.20 -9.75 -33.89
C VAL A 820 0.67 -9.02 -35.14
N LYS A 821 0.39 -7.71 -35.04
CA LYS A 821 -0.22 -6.97 -36.17
C LYS A 821 0.75 -5.97 -36.81
N ILE A 822 0.90 -6.03 -38.13
CA ILE A 822 1.74 -5.04 -38.87
C ILE A 822 0.89 -3.79 -39.12
N LEU A 823 1.45 -2.61 -38.91
CA LEU A 823 0.73 -1.35 -39.22
C LEU A 823 1.36 -0.76 -40.49
N GLN A 824 2.67 -0.97 -40.68
CA GLN A 824 3.38 -0.52 -41.90
C GLN A 824 4.30 -1.65 -42.35
N SER A 825 4.40 -1.90 -43.65
CA SER A 825 5.22 -3.03 -44.14
C SER A 825 5.94 -2.65 -45.44
N THR A 826 6.55 -1.47 -45.53
CA THR A 826 7.15 -1.08 -46.80
C THR A 826 8.66 -1.34 -46.83
N TYR A 827 9.20 -1.95 -45.77
CA TYR A 827 10.61 -2.30 -45.73
C TYR A 827 10.77 -3.81 -45.61
N THR A 828 11.71 -4.39 -46.38
CA THR A 828 11.99 -5.81 -46.28
C THR A 828 13.42 -5.99 -45.81
N ASP A 829 13.57 -6.71 -44.72
CA ASP A 829 14.88 -6.93 -44.14
C ASP A 829 15.57 -8.03 -44.92
N PRO A 830 16.83 -7.83 -45.37
CA PRO A 830 17.54 -8.84 -46.16
C PRO A 830 18.06 -10.04 -45.38
N ASN A 831 17.91 -10.07 -44.04
CA ASN A 831 18.57 -11.09 -43.22
C ASN A 831 17.62 -12.22 -42.83
N ASN A 832 16.39 -12.24 -43.35
CA ASN A 832 15.42 -13.29 -43.05
C ASN A 832 15.24 -13.48 -41.55
N LEU A 833 14.97 -12.39 -40.83
CA LEU A 833 14.86 -12.45 -39.38
C LEU A 833 13.53 -13.07 -38.97
N VAL A 834 13.55 -13.75 -37.82
CA VAL A 834 12.35 -14.37 -37.26
C VAL A 834 12.31 -14.17 -35.75
N PHE A 835 11.08 -14.12 -35.21
CA PHE A 835 10.86 -14.24 -33.77
C PHE A 835 10.94 -15.71 -33.37
N LYS A 836 11.95 -16.07 -32.58
CA LYS A 836 12.18 -17.51 -32.27
C LYS A 836 11.74 -17.88 -30.85
N GLU A 837 11.62 -16.89 -29.96
CA GLU A 837 11.30 -17.21 -28.55
C GLU A 837 10.27 -16.22 -27.99
N ILE A 838 9.33 -16.72 -27.18
CA ILE A 838 8.37 -15.81 -26.52
C ILE A 838 8.47 -16.10 -25.01
N LYS A 839 8.83 -15.09 -24.22
CA LYS A 839 8.90 -15.29 -22.78
C LYS A 839 7.71 -14.60 -22.12
N ILE A 840 6.90 -15.34 -21.33
CA ILE A 840 5.71 -14.78 -20.71
C ILE A 840 5.91 -14.73 -19.19
N LEU A 841 5.80 -13.54 -18.59
CA LEU A 841 5.95 -13.35 -17.15
C LEU A 841 4.59 -13.22 -16.47
N GLY A 842 4.41 -13.91 -15.35
CA GLY A 842 3.21 -13.81 -14.55
C GLY A 842 2.07 -14.63 -15.15
N THR A 843 2.42 -15.77 -15.76
CA THR A 843 1.40 -16.62 -16.39
C THR A 843 1.36 -17.99 -15.70
N GLN A 844 0.31 -18.74 -16.03
CA GLN A 844 0.23 -20.15 -15.61
C GLN A 844 0.87 -20.93 -16.77
N GLU A 845 1.13 -22.22 -16.62
CA GLU A 845 1.83 -23.01 -17.61
C GLU A 845 1.03 -23.00 -18.90
N PRO A 846 1.55 -22.44 -20.01
CA PRO A 846 0.89 -22.54 -21.30
C PRO A 846 0.84 -23.96 -21.86
N SER A 847 -0.27 -24.35 -22.49
CA SER A 847 -0.45 -25.64 -23.14
C SER A 847 -1.16 -25.47 -24.49
N ASN A 848 -0.96 -26.40 -25.44
CA ASN A 848 -1.62 -26.38 -26.74
C ASN A 848 -1.42 -25.06 -27.49
N VAL A 849 -0.16 -24.69 -27.65
CA VAL A 849 0.16 -23.47 -28.35
C VAL A 849 -0.13 -23.64 -29.85
N ILE A 850 -0.94 -22.72 -30.42
CA ILE A 850 -1.33 -22.75 -31.82
C ILE A 850 -0.97 -21.42 -32.50
N VAL A 851 -0.28 -21.49 -33.65
CA VAL A 851 0.13 -20.32 -34.41
C VAL A 851 -0.71 -20.24 -35.68
N LYS A 852 -1.30 -19.07 -35.95
CA LYS A 852 -1.98 -18.83 -37.20
C LYS A 852 -1.40 -17.59 -37.88
N GLN A 853 -1.39 -17.61 -39.22
CA GLN A 853 -0.86 -16.55 -40.05
C GLN A 853 -1.98 -16.02 -40.94
N ASN A 854 -2.55 -14.85 -40.63
CA ASN A 854 -3.77 -14.36 -41.27
C ASN A 854 -4.88 -15.42 -41.21
N ASP A 855 -5.06 -15.97 -40.01
CA ASP A 855 -6.13 -16.91 -39.70
C ASP A 855 -5.92 -18.25 -40.39
N ILE A 856 -4.74 -18.48 -40.96
CA ILE A 856 -4.41 -19.79 -41.52
C ILE A 856 -3.43 -20.49 -40.59
N PRO A 857 -3.73 -21.73 -40.13
CA PRO A 857 -2.82 -22.48 -39.26
C PRO A 857 -1.45 -22.75 -39.87
N VAL A 858 -0.41 -22.39 -39.12
CA VAL A 858 0.97 -22.72 -39.43
C VAL A 858 1.28 -24.07 -38.79
N GLN A 859 1.93 -24.96 -39.56
CA GLN A 859 2.31 -26.27 -39.04
C GLN A 859 3.61 -26.12 -38.23
N VAL A 860 3.46 -26.10 -36.91
CA VAL A 860 4.55 -25.88 -35.96
C VAL A 860 4.14 -26.52 -34.65
N SER A 861 5.10 -27.05 -33.89
CA SER A 861 4.77 -27.70 -32.62
C SER A 861 5.62 -27.09 -31.51
N PRO A 862 5.22 -25.92 -30.97
CA PRO A 862 6.08 -25.20 -30.07
C PRO A 862 6.29 -25.91 -28.73
N ASN A 863 7.53 -25.79 -28.28
CA ASN A 863 8.04 -26.31 -27.03
C ASN A 863 7.79 -25.27 -25.94
N VAL A 864 7.27 -25.71 -24.78
CA VAL A 864 7.01 -24.82 -23.65
C VAL A 864 7.82 -25.28 -22.45
N ALA A 865 8.73 -24.43 -21.97
CA ALA A 865 9.42 -24.64 -20.71
C ALA A 865 8.81 -23.71 -19.67
N TYR A 866 8.46 -24.24 -18.50
CA TYR A 866 7.78 -23.45 -17.49
C TYR A 866 8.45 -23.61 -16.13
N ASP A 867 8.67 -22.48 -15.45
CA ASP A 867 9.12 -22.45 -14.07
C ASP A 867 7.94 -22.08 -13.16
N SER A 868 7.42 -23.06 -12.40
CA SER A 868 6.22 -22.86 -11.60
C SER A 868 6.47 -21.91 -10.44
N ASN A 869 7.70 -21.91 -9.89
CA ASN A 869 8.04 -21.04 -8.77
C ASN A 869 7.99 -19.56 -9.19
N LEU A 870 8.51 -19.23 -10.38
CA LEU A 870 8.62 -17.85 -10.84
C LEU A 870 7.41 -17.46 -11.69
N GLN A 871 6.61 -18.46 -12.09
CA GLN A 871 5.50 -18.27 -12.99
C GLN A 871 5.97 -17.62 -14.29
N VAL A 872 7.01 -18.22 -14.87
CA VAL A 872 7.62 -17.73 -16.09
C VAL A 872 7.61 -18.85 -17.12
N ALA A 873 7.08 -18.56 -18.32
CA ALA A 873 7.01 -19.54 -19.40
C ALA A 873 7.88 -19.11 -20.56
N LEU A 874 8.59 -20.08 -21.13
CA LEU A 874 9.37 -19.85 -22.33
C LEU A 874 8.84 -20.73 -23.46
N ILE A 875 8.34 -20.07 -24.52
CA ILE A 875 7.87 -20.77 -25.70
C ILE A 875 8.93 -20.68 -26.79
N THR A 876 9.43 -21.83 -27.25
CA THR A 876 10.48 -21.88 -28.25
C THR A 876 10.00 -22.71 -29.45
N GLU A 877 10.85 -22.79 -30.48
CA GLU A 877 10.53 -23.51 -31.71
C GLU A 877 9.34 -22.86 -32.39
N ILE A 878 9.12 -21.57 -32.15
CA ILE A 878 8.24 -20.84 -33.03
C ILE A 878 9.10 -19.99 -33.97
N GLU A 879 8.59 -19.85 -35.19
CA GLU A 879 9.24 -19.10 -36.23
C GLU A 879 8.23 -18.10 -36.77
N LEU A 880 8.24 -16.88 -36.22
CA LEU A 880 7.39 -15.83 -36.73
C LEU A 880 8.24 -14.91 -37.61
N GLU A 881 8.08 -15.05 -38.92
CA GLU A 881 8.87 -14.31 -39.88
C GLU A 881 8.58 -12.82 -39.73
N LEU A 882 9.64 -12.01 -39.71
CA LEU A 882 9.51 -10.56 -39.62
C LEU A 882 8.78 -10.04 -40.85
N GLY A 883 7.76 -9.19 -40.63
CA GLY A 883 7.05 -8.54 -41.71
C GLY A 883 5.69 -9.15 -42.00
N LYS A 884 5.25 -10.14 -41.23
CA LYS A 884 3.98 -10.81 -41.43
C LYS A 884 3.08 -10.73 -40.20
N ASN A 885 1.77 -10.95 -40.35
CA ASN A 885 0.81 -10.97 -39.25
C ASN A 885 0.69 -12.38 -38.66
N TYR A 886 0.61 -12.48 -37.32
CA TYR A 886 0.43 -13.76 -36.67
C TYR A 886 -0.50 -13.62 -35.49
N THR A 887 -1.12 -14.76 -35.15
CA THR A 887 -1.80 -14.92 -33.88
C THR A 887 -1.25 -16.19 -33.22
N VAL A 888 -0.91 -16.06 -31.94
CA VAL A 888 -0.48 -17.19 -31.14
C VAL A 888 -1.45 -17.37 -29.99
N GLU A 889 -2.07 -18.54 -29.91
CA GLU A 889 -3.02 -18.83 -28.83
C GLU A 889 -2.55 -20.03 -28.01
N TRP A 890 -2.81 -19.99 -26.69
CA TRP A 890 -2.48 -21.10 -25.82
C TRP A 890 -3.57 -21.32 -24.78
N ASP A 891 -3.63 -22.54 -24.24
CA ASP A 891 -4.44 -22.86 -23.07
C ASP A 891 -3.59 -22.85 -21.81
N VAL A 892 -4.22 -22.69 -20.64
CA VAL A 892 -3.50 -22.71 -19.38
C VAL A 892 -3.83 -23.97 -18.61
N LYS A 893 -2.79 -24.56 -18.01
CA LYS A 893 -2.92 -25.66 -17.07
C LYS A 893 -3.02 -25.14 -15.63
N ILE A 894 -4.02 -25.64 -14.90
CA ILE A 894 -4.21 -25.24 -13.48
C ILE A 894 -3.53 -26.29 -12.61
N ARG A 895 -2.71 -25.85 -11.66
CA ARG A 895 -2.05 -26.79 -10.70
C ARG A 895 -3.08 -27.25 -9.67
N ASP A 896 -2.95 -28.45 -9.13
CA ASP A 896 -3.93 -29.04 -8.19
C ASP A 896 -4.26 -28.09 -7.03
N GLU A 897 -3.25 -27.42 -6.47
CA GLU A 897 -3.45 -26.48 -5.33
C GLU A 897 -4.38 -25.31 -5.72
N GLU A 898 -4.42 -24.93 -7.00
CA GLU A 898 -5.22 -23.75 -7.40
C GLU A 898 -6.60 -24.18 -7.91
N LYS A 899 -6.96 -25.45 -7.74
CA LYS A 899 -8.26 -25.95 -8.26
C LYS A 899 -9.39 -25.60 -7.29
N ILE A 900 -10.54 -25.18 -7.82
CA ILE A 900 -11.73 -24.82 -7.00
C ILE A 900 -12.86 -25.79 -7.38
N ASP A 901 -13.45 -26.45 -6.38
CA ASP A 901 -14.53 -27.45 -6.63
C ASP A 901 -15.67 -26.84 -7.44
N CYS A 902 -15.92 -27.40 -8.61
CA CYS A 902 -17.03 -26.95 -9.44
C CYS A 902 -18.29 -27.74 -9.14
N TYR A 903 -18.16 -28.84 -8.38
CA TYR A 903 -19.31 -29.68 -8.08
C TYR A 903 -19.31 -30.07 -6.61
N PRO A 904 -19.53 -29.09 -5.69
CA PRO A 904 -19.56 -29.40 -4.27
C PRO A 904 -20.88 -30.01 -3.80
N ASP A 905 -21.80 -30.28 -4.74
CA ASP A 905 -23.14 -30.79 -4.44
C ASP A 905 -23.11 -32.12 -3.69
N GLU A 906 -24.22 -32.42 -2.99
CA GLU A 906 -24.36 -33.58 -2.13
C GLU A 906 -24.43 -34.87 -2.94
N THR A 907 -25.07 -34.81 -4.12
CA THR A 907 -25.13 -35.94 -5.03
C THR A 907 -25.11 -35.43 -6.47
N GLY A 908 -24.57 -36.24 -7.40
CA GLY A 908 -24.66 -35.94 -8.83
C GLY A 908 -23.30 -35.64 -9.47
N ALA A 909 -22.19 -35.96 -8.80
CA ALA A 909 -20.87 -35.71 -9.35
C ALA A 909 -20.54 -36.81 -10.36
N SER A 910 -20.09 -36.38 -11.55
CA SER A 910 -19.69 -37.27 -12.62
C SER A 910 -19.06 -36.43 -13.72
N GLU A 911 -18.29 -37.10 -14.56
CA GLU A 911 -17.71 -36.43 -15.71
C GLU A 911 -18.80 -35.73 -16.53
N GLY A 912 -19.95 -36.36 -16.76
CA GLY A 912 -21.03 -35.78 -17.57
C GLY A 912 -21.62 -34.48 -17.00
N ASN A 913 -22.02 -34.50 -15.72
CA ASN A 913 -22.61 -33.33 -15.08
C ASN A 913 -21.56 -32.23 -14.90
N CYS A 914 -20.28 -32.59 -14.77
CA CYS A 914 -19.20 -31.63 -14.64
C CYS A 914 -19.06 -30.81 -15.91
N VAL A 915 -19.03 -31.48 -17.06
CA VAL A 915 -18.84 -30.82 -18.34
C VAL A 915 -20.05 -29.94 -18.66
N ALA A 916 -21.24 -30.36 -18.21
CA ALA A 916 -22.46 -29.58 -18.41
C ALA A 916 -22.39 -28.22 -17.72
N ARG A 917 -21.55 -28.08 -16.67
CA ARG A 917 -21.39 -26.83 -15.93
C ARG A 917 -20.27 -25.98 -16.55
N GLY A 918 -19.64 -26.48 -17.62
CA GLY A 918 -18.55 -25.79 -18.27
C GLY A 918 -17.23 -26.00 -17.52
N CYS A 919 -17.16 -27.07 -16.73
CA CYS A 919 -16.00 -27.36 -15.89
C CYS A 919 -15.19 -28.49 -16.49
N ALA A 920 -14.02 -28.73 -15.90
CA ALA A 920 -13.10 -29.75 -16.35
C ALA A 920 -13.07 -30.90 -15.36
N TRP A 921 -12.95 -32.12 -15.90
CA TRP A 921 -12.95 -33.35 -15.05
C TRP A 921 -11.60 -34.05 -15.15
N GLU A 922 -11.03 -34.43 -14.00
CA GLU A 922 -9.75 -35.19 -13.98
C GLU A 922 -9.77 -36.10 -12.76
N ALA A 923 -9.88 -37.42 -12.96
CA ALA A 923 -9.89 -38.37 -11.83
C ALA A 923 -8.48 -38.51 -11.25
N SER A 924 -7.97 -37.44 -10.64
CA SER A 924 -6.63 -37.46 -10.03
C SER A 924 -6.66 -38.30 -8.74
N THR A 925 -5.49 -38.59 -8.17
CA THR A 925 -5.44 -39.47 -7.00
C THR A 925 -5.12 -38.66 -5.78
N SER A 926 -4.62 -37.44 -5.96
CA SER A 926 -4.18 -36.64 -4.79
C SER A 926 -5.38 -36.44 -3.85
N PRO A 927 -5.29 -36.87 -2.57
CA PRO A 927 -6.41 -36.74 -1.59
C PRO A 927 -6.78 -35.27 -1.40
N GLY A 928 -8.07 -34.96 -1.51
CA GLY A 928 -8.53 -33.58 -1.26
C GLY A 928 -8.76 -32.81 -2.54
N VAL A 929 -7.89 -33.01 -3.52
CA VAL A 929 -8.01 -32.27 -4.81
C VAL A 929 -9.32 -32.68 -5.49
N PRO A 930 -10.15 -31.72 -5.95
CA PRO A 930 -11.45 -32.01 -6.61
C PRO A 930 -11.30 -32.61 -8.00
N HIS A 931 -12.19 -33.52 -8.38
CA HIS A 931 -12.20 -34.08 -9.73
C HIS A 931 -12.78 -33.12 -10.75
N CYS A 932 -13.78 -32.36 -10.34
CA CYS A 932 -14.45 -31.40 -11.18
C CYS A 932 -14.07 -29.99 -10.72
N TYR A 933 -13.44 -29.18 -11.59
CA TYR A 933 -12.96 -27.88 -11.15
C TYR A 933 -13.22 -26.83 -12.24
N PHE A 934 -13.29 -25.56 -11.84
CA PHE A 934 -13.61 -24.45 -12.73
C PHE A 934 -12.43 -24.16 -13.65
N VAL A 935 -12.72 -23.82 -14.93
CA VAL A 935 -11.70 -23.41 -15.88
C VAL A 935 -12.05 -22.04 -16.48
N ASP A 936 -13.30 -21.57 -16.34
CA ASP A 936 -13.75 -20.33 -16.95
C ASP A 936 -14.50 -19.44 -15.96
N GLU A 937 -14.65 -18.14 -16.30
CA GLU A 937 -15.36 -17.18 -15.47
C GLU A 937 -16.78 -17.01 -16.02
N LEU A 938 -17.74 -16.67 -15.14
CA LEU A 938 -19.15 -16.52 -15.50
C LEU A 938 -19.54 -15.04 -15.60
N TYR A 939 -18.73 -14.15 -15.02
CA TYR A 939 -19.10 -12.75 -14.89
C TYR A 939 -17.98 -11.90 -15.47
N SER A 940 -18.35 -10.72 -15.99
CA SER A 940 -17.39 -9.71 -16.41
C SER A 940 -17.58 -8.43 -15.60
N VAL A 941 -16.51 -7.63 -15.51
CA VAL A 941 -16.45 -6.42 -14.71
C VAL A 941 -16.36 -5.25 -15.69
N SER A 942 -17.03 -4.16 -15.36
CA SER A 942 -16.94 -2.93 -16.19
C SER A 942 -17.21 -1.72 -15.30
N ASP A 943 -17.06 -0.51 -15.82
CA ASP A 943 -17.38 0.74 -15.06
C ASP A 943 -16.64 0.77 -13.72
N VAL A 944 -15.32 0.53 -13.74
CA VAL A 944 -14.52 0.55 -12.48
C VAL A 944 -14.14 2.00 -12.18
N GLN A 945 -14.73 2.58 -11.13
CA GLN A 945 -14.47 3.99 -10.77
C GLN A 945 -13.82 4.06 -9.38
N TYR A 946 -12.72 4.80 -9.24
CA TYR A 946 -12.05 4.97 -7.93
C TYR A 946 -12.29 6.39 -7.45
N ASP A 947 -13.03 6.54 -6.34
CA ASP A 947 -13.31 7.88 -5.76
C ASP A 947 -12.41 8.10 -4.54
N SER A 948 -12.60 9.23 -3.85
CA SER A 948 -11.77 9.59 -2.68
C SER A 948 -12.08 8.69 -1.48
N PHE A 949 -13.32 8.21 -1.38
CA PHE A 949 -13.72 7.41 -0.18
C PHE A 949 -14.24 6.05 -0.60
N GLY A 950 -13.82 5.55 -1.77
CA GLY A 950 -14.21 4.19 -2.14
C GLY A 950 -14.07 3.87 -3.61
N ALA A 951 -14.58 2.70 -4.01
CA ALA A 951 -14.50 2.24 -5.40
C ALA A 951 -15.81 1.54 -5.74
N THR A 952 -16.21 1.60 -7.00
CA THR A 952 -17.47 0.97 -7.42
C THR A 952 -17.21 0.26 -8.73
N ALA A 953 -17.99 -0.78 -9.04
CA ALA A 953 -17.84 -1.46 -10.33
C ALA A 953 -19.12 -2.22 -10.68
N ALA A 954 -19.38 -2.38 -11.99
CA ALA A 954 -20.55 -3.16 -12.44
C ALA A 954 -20.11 -4.57 -12.83
N ILE A 955 -20.84 -5.59 -12.36
CA ILE A 955 -20.51 -7.01 -12.67
C ILE A 955 -21.68 -7.58 -13.47
N SER A 956 -21.43 -8.07 -14.69
CA SER A 956 -22.53 -8.53 -15.56
C SER A 956 -22.35 -10.00 -15.95
N LEU A 957 -23.43 -10.78 -15.88
CA LEU A 957 -23.35 -12.19 -16.24
C LEU A 957 -23.03 -12.30 -17.73
N LYS A 958 -22.01 -13.11 -18.07
CA LYS A 958 -21.67 -13.38 -19.46
C LYS A 958 -22.27 -14.73 -19.85
N SER A 959 -21.90 -15.78 -19.10
CA SER A 959 -22.35 -17.16 -19.39
C SER A 959 -23.66 -17.49 -18.67
N SER A 960 -24.80 -17.23 -19.32
CA SER A 960 -26.12 -17.54 -18.72
C SER A 960 -26.34 -19.05 -18.66
N LEU A 961 -25.97 -19.77 -19.72
CA LEU A 961 -26.21 -21.24 -19.80
C LEU A 961 -25.45 -21.98 -18.70
N TYR A 962 -24.18 -21.66 -18.49
CA TYR A 962 -23.37 -22.38 -17.53
C TYR A 962 -23.75 -21.97 -16.10
N ALA A 963 -23.97 -20.66 -15.87
CA ALA A 963 -24.49 -20.17 -14.59
C ALA A 963 -25.78 -20.91 -14.23
N SER A 964 -26.58 -21.32 -15.22
CA SER A 964 -27.85 -21.98 -14.96
C SER A 964 -27.67 -23.47 -14.72
N ALA A 965 -26.48 -24.01 -14.98
CA ALA A 965 -26.22 -25.40 -14.67
C ALA A 965 -25.77 -25.55 -13.20
N LEU A 966 -25.34 -24.44 -12.56
CA LEU A 966 -25.01 -24.43 -11.14
C LEU A 966 -26.29 -24.31 -10.32
N PRO A 967 -26.31 -24.72 -9.02
CA PRO A 967 -27.55 -24.72 -8.26
C PRO A 967 -28.20 -23.34 -8.17
N SER A 968 -29.50 -23.28 -8.50
CA SER A 968 -30.36 -22.11 -8.40
C SER A 968 -30.20 -21.16 -9.59
N VAL A 969 -31.07 -20.14 -9.68
CA VAL A 969 -31.17 -19.25 -10.83
C VAL A 969 -30.13 -18.13 -10.72
N PRO A 970 -29.37 -17.81 -11.79
CA PRO A 970 -28.38 -16.74 -11.77
C PRO A 970 -28.93 -15.33 -11.67
N VAL A 971 -28.16 -14.40 -11.07
CA VAL A 971 -28.47 -12.98 -11.06
C VAL A 971 -27.68 -12.28 -12.16
N ASN A 972 -28.36 -11.55 -13.04
CA ASN A 972 -27.69 -10.97 -14.23
C ASN A 972 -26.83 -9.75 -13.89
N SER A 973 -27.38 -8.76 -13.19
CA SER A 973 -26.63 -7.52 -12.92
C SER A 973 -26.21 -7.45 -11.44
N LEU A 974 -24.95 -7.14 -11.17
CA LEU A 974 -24.46 -7.02 -9.77
C LEU A 974 -23.64 -5.73 -9.65
N ARG A 975 -23.62 -5.13 -8.46
CA ARG A 975 -22.80 -3.92 -8.22
C ARG A 975 -21.76 -4.20 -7.14
N LEU A 976 -20.53 -3.73 -7.32
CA LEU A 976 -19.49 -3.85 -6.28
C LEU A 976 -19.28 -2.47 -5.67
N SER A 977 -19.50 -2.34 -4.36
CA SER A 977 -19.27 -1.10 -3.66
C SER A 977 -18.19 -1.28 -2.59
N VAL A 978 -17.13 -0.49 -2.69
CA VAL A 978 -16.10 -0.44 -1.66
C VAL A 978 -16.18 0.90 -0.92
N THR A 979 -16.28 0.83 0.42
CA THR A 979 -16.33 2.02 1.23
C THR A 979 -15.15 2.07 2.20
N TYR A 980 -14.41 3.19 2.21
CA TYR A 980 -13.29 3.39 3.13
C TYR A 980 -13.76 4.08 4.42
N HIS A 981 -14.27 3.32 5.38
CA HIS A 981 -14.88 3.88 6.59
C HIS A 981 -13.86 4.64 7.46
N LYS A 982 -12.74 4.00 7.80
CA LYS A 982 -11.74 4.52 8.73
C LYS A 982 -10.34 4.20 8.19
N GLU A 983 -9.30 4.71 8.87
CA GLU A 983 -7.93 4.47 8.48
C GLU A 983 -7.57 2.98 8.56
N ASN A 984 -8.32 2.22 9.37
CA ASN A 984 -8.05 0.80 9.62
C ASN A 984 -9.28 -0.08 9.37
N MET A 985 -10.32 0.42 8.71
CA MET A 985 -11.48 -0.41 8.47
C MET A 985 -12.12 -0.03 7.13
N LEU A 986 -12.42 -1.06 6.35
CA LEU A 986 -13.13 -0.84 5.10
C LEU A 986 -14.23 -1.89 4.96
N GLN A 987 -15.16 -1.65 4.02
CA GLN A 987 -16.23 -2.56 3.68
C GLN A 987 -16.32 -2.74 2.17
N PHE A 988 -16.47 -3.97 1.70
CA PHE A 988 -16.83 -4.15 0.31
C PHE A 988 -18.05 -5.04 0.23
N LYS A 989 -18.96 -4.63 -0.64
CA LYS A 989 -20.25 -5.27 -0.76
C LYS A 989 -20.55 -5.61 -2.22
N ILE A 990 -21.04 -6.84 -2.46
CA ILE A 990 -21.52 -7.28 -3.77
C ILE A 990 -23.00 -7.63 -3.66
N TYR A 991 -23.84 -6.95 -4.44
CA TYR A 991 -25.27 -7.13 -4.29
C TYR A 991 -26.01 -6.90 -5.61
N ASP A 992 -27.30 -7.26 -5.64
CA ASP A 992 -28.20 -7.09 -6.78
C ASP A 992 -28.84 -5.71 -6.74
N PRO A 993 -28.47 -4.79 -7.66
CA PRO A 993 -29.03 -3.45 -7.61
C PRO A 993 -30.50 -3.38 -8.06
N SER A 994 -30.96 -4.41 -8.78
CA SER A 994 -32.28 -4.40 -9.38
C SER A 994 -33.35 -4.94 -8.43
N ASN A 995 -32.95 -5.84 -7.52
CA ASN A 995 -33.89 -6.47 -6.61
C ASN A 995 -33.34 -6.41 -5.20
N ASN A 996 -34.22 -6.04 -4.25
CA ASN A 996 -33.87 -6.11 -2.84
C ASN A 996 -33.75 -7.57 -2.44
N ARG A 997 -32.56 -7.92 -1.96
CA ARG A 997 -32.30 -9.24 -1.41
C ARG A 997 -32.08 -9.09 0.09
N TYR A 998 -32.22 -10.20 0.83
CA TYR A 998 -32.14 -10.19 2.29
C TYR A 998 -30.79 -9.65 2.72
N GLU A 999 -30.83 -8.71 3.67
CA GLU A 999 -29.60 -8.17 4.28
C GLU A 999 -29.78 -8.38 5.79
N VAL A 1000 -28.75 -8.87 6.49
CA VAL A 1000 -28.82 -9.20 7.90
C VAL A 1000 -29.24 -7.96 8.68
N PRO A 1001 -30.32 -8.04 9.51
CA PRO A 1001 -30.78 -6.93 10.30
C PRO A 1001 -30.12 -6.87 11.67
N VAL A 1002 -28.79 -6.95 11.66
CA VAL A 1002 -27.99 -6.76 12.85
C VAL A 1002 -27.25 -5.45 12.69
N PRO A 1003 -27.54 -4.44 13.53
CA PRO A 1003 -26.90 -3.14 13.38
C PRO A 1003 -25.42 -3.13 13.77
N LEU A 1004 -24.61 -2.48 12.95
CA LEU A 1004 -23.16 -2.41 13.19
C LEU A 1004 -22.78 -0.93 13.36
N ASN A 1005 -21.62 -0.66 13.97
CA ASN A 1005 -21.23 0.75 14.25
C ASN A 1005 -20.19 1.18 13.23
N VAL A 1006 -20.59 2.02 12.28
CA VAL A 1006 -19.65 2.55 11.26
C VAL A 1006 -19.69 4.07 11.39
N PRO A 1007 -18.62 4.81 10.98
CA PRO A 1007 -18.64 6.30 10.99
C PRO A 1007 -19.79 6.82 10.14
N ARG A 1008 -20.34 7.99 10.49
CA ARG A 1008 -21.40 8.61 9.66
C ARG A 1008 -20.78 9.17 8.38
N VAL A 1009 -19.55 9.67 8.49
CA VAL A 1009 -18.83 10.23 7.31
C VAL A 1009 -17.49 9.49 7.17
N PRO A 1010 -17.10 9.03 5.97
CA PRO A 1010 -15.84 8.24 5.77
C PRO A 1010 -14.61 9.02 6.20
N SER A 1011 -13.61 8.32 6.72
CA SER A 1011 -12.35 8.98 7.18
C SER A 1011 -11.13 8.23 6.64
N GLY A 1012 -11.34 7.26 5.75
CA GLY A 1012 -10.22 6.53 5.12
C GLY A 1012 -9.50 7.42 4.13
N THR A 1013 -8.96 8.54 4.60
CA THR A 1013 -8.30 9.49 3.72
C THR A 1013 -7.08 8.80 3.13
N SER A 1014 -6.79 9.09 1.86
CA SER A 1014 -5.70 8.42 1.17
C SER A 1014 -4.42 8.51 1.99
N GLU A 1015 -4.19 9.59 2.75
CA GLU A 1015 -2.92 9.81 3.45
C GLU A 1015 -2.83 8.95 4.72
N SER A 1016 -3.94 8.83 5.45
CA SER A 1016 -3.93 8.22 6.77
C SER A 1016 -4.20 6.71 6.71
N ARG A 1017 -4.78 6.22 5.61
CA ARG A 1017 -5.35 4.88 5.59
C ARG A 1017 -4.24 3.85 5.47
N LEU A 1018 -4.52 2.70 6.07
CA LEU A 1018 -3.50 1.68 6.18
C LEU A 1018 -3.54 0.72 5.00
N TYR A 1019 -4.48 0.90 4.06
CA TYR A 1019 -4.71 -0.10 3.04
C TYR A 1019 -4.94 0.53 1.66
N ASP A 1020 -4.78 -0.28 0.60
CA ASP A 1020 -5.17 0.04 -0.78
C ASP A 1020 -6.09 -1.02 -1.36
N VAL A 1021 -7.03 -0.60 -2.22
CA VAL A 1021 -7.93 -1.50 -2.90
C VAL A 1021 -7.77 -1.42 -4.42
N LEU A 1022 -7.74 -2.59 -5.05
CA LEU A 1022 -7.62 -2.69 -6.52
C LEU A 1022 -8.68 -3.65 -7.07
N ILE A 1023 -9.45 -3.23 -8.08
CA ILE A 1023 -10.42 -4.08 -8.74
C ILE A 1023 -9.81 -4.69 -10.01
N LYS A 1024 -9.79 -6.02 -10.07
CA LYS A 1024 -9.12 -6.69 -11.21
C LYS A 1024 -10.11 -7.34 -12.16
N LYS A 1025 -9.68 -7.56 -13.40
CA LYS A 1025 -10.46 -8.18 -14.46
C LYS A 1025 -9.80 -9.49 -14.84
N ASN A 1026 -10.56 -10.40 -15.45
CA ASN A 1026 -10.02 -11.60 -16.10
C ASN A 1026 -9.24 -12.52 -15.15
N PRO A 1027 -9.85 -13.18 -14.14
CA PRO A 1027 -11.23 -12.93 -13.73
C PRO A 1027 -11.38 -11.76 -12.77
N PHE A 1028 -12.63 -11.30 -12.63
CA PHE A 1028 -13.03 -10.38 -11.59
C PHE A 1028 -12.45 -10.76 -10.23
N GLY A 1029 -11.82 -9.78 -9.57
CA GLY A 1029 -11.28 -9.99 -8.23
C GLY A 1029 -11.11 -8.64 -7.52
N ILE A 1030 -11.18 -8.71 -6.19
CA ILE A 1030 -10.92 -7.51 -5.36
C ILE A 1030 -9.62 -7.81 -4.63
N GLU A 1031 -8.64 -6.92 -4.75
CA GLU A 1031 -7.39 -7.07 -4.04
C GLU A 1031 -7.28 -5.99 -2.97
N ILE A 1032 -6.99 -6.38 -1.73
CA ILE A 1032 -6.75 -5.40 -0.64
C ILE A 1032 -5.31 -5.59 -0.16
N ARG A 1033 -4.54 -4.51 -0.06
CA ARG A 1033 -3.11 -4.60 0.30
C ARG A 1033 -2.80 -3.75 1.53
N ARG A 1034 -1.89 -4.20 2.39
CA ARG A 1034 -1.41 -3.37 3.53
C ARG A 1034 -0.39 -2.40 2.96
N LYS A 1035 -0.64 -1.10 3.11
CA LYS A 1035 0.21 -0.09 2.50
C LYS A 1035 1.65 -0.19 3.03
N SER A 1036 1.83 -0.45 4.32
CA SER A 1036 3.14 -0.37 4.95
C SER A 1036 4.09 -1.45 4.42
N THR A 1037 3.60 -2.66 4.20
CA THR A 1037 4.50 -3.76 3.82
C THR A 1037 4.22 -4.22 2.41
N GLY A 1038 3.08 -3.81 1.84
CA GLY A 1038 2.70 -4.20 0.47
C GLY A 1038 2.19 -5.61 0.42
N THR A 1039 1.80 -6.17 1.57
CA THR A 1039 1.28 -7.54 1.62
C THR A 1039 -0.18 -7.54 1.21
N VAL A 1040 -0.56 -8.48 0.35
CA VAL A 1040 -1.98 -8.59 -0.07
C VAL A 1040 -2.70 -9.45 0.97
N ILE A 1041 -3.70 -8.88 1.65
CA ILE A 1041 -4.38 -9.62 2.74
C ILE A 1041 -5.67 -10.23 2.17
N TRP A 1042 -6.19 -9.66 1.08
CA TRP A 1042 -7.38 -10.25 0.40
C TRP A 1042 -7.20 -10.25 -1.12
N ASP A 1043 -7.38 -11.40 -1.77
CA ASP A 1043 -7.33 -11.46 -3.26
C ASP A 1043 -8.43 -12.42 -3.75
N SER A 1044 -9.45 -11.89 -4.41
CA SER A 1044 -10.58 -12.73 -4.88
C SER A 1044 -10.41 -13.10 -6.36
N GLN A 1045 -9.23 -12.86 -6.94
CA GLN A 1045 -8.97 -13.19 -8.37
C GLN A 1045 -8.78 -14.71 -8.53
N LEU A 1046 -9.76 -15.49 -8.10
CA LEU A 1046 -9.74 -16.93 -8.25
C LEU A 1046 -10.97 -17.31 -9.06
N LEU A 1047 -10.96 -18.51 -9.66
CA LEU A 1047 -12.11 -18.94 -10.43
C LEU A 1047 -13.21 -19.38 -9.48
N GLY A 1048 -14.47 -19.33 -9.90
CA GLY A 1048 -15.54 -19.87 -9.05
C GLY A 1048 -16.61 -18.87 -8.68
N PHE A 1049 -16.33 -17.57 -8.80
CA PHE A 1049 -17.30 -16.55 -8.34
C PHE A 1049 -18.64 -16.84 -8.98
N THR A 1050 -19.63 -17.12 -8.14
CA THR A 1050 -20.99 -17.37 -8.63
C THR A 1050 -21.91 -16.52 -7.81
N PHE A 1051 -22.99 -16.03 -8.41
CA PHE A 1051 -24.00 -15.29 -7.66
C PHE A 1051 -25.41 -15.66 -8.13
N ASN A 1052 -25.91 -16.79 -7.61
CA ASN A 1052 -27.26 -17.26 -7.89
C ASN A 1052 -28.20 -16.96 -6.73
N ASP A 1053 -29.50 -17.15 -6.96
CA ASP A 1053 -30.50 -16.77 -5.98
C ASP A 1053 -30.28 -17.50 -4.65
N MET A 1054 -30.01 -18.81 -4.67
CA MET A 1054 -29.85 -19.60 -3.46
C MET A 1054 -28.49 -20.31 -3.46
N PHE A 1055 -27.49 -19.76 -4.17
CA PHE A 1055 -26.15 -20.32 -4.21
C PHE A 1055 -25.16 -19.22 -4.58
N ILE A 1056 -24.40 -18.73 -3.60
CA ILE A 1056 -23.37 -17.69 -3.88
C ILE A 1056 -22.01 -18.23 -3.43
N GLN A 1057 -21.02 -18.20 -4.33
CA GLN A 1057 -19.66 -18.69 -4.01
C GLN A 1057 -18.63 -17.57 -4.22
N ILE A 1058 -17.69 -17.42 -3.28
CA ILE A 1058 -16.59 -16.42 -3.41
C ILE A 1058 -15.36 -17.08 -2.77
N SER A 1059 -14.18 -16.80 -3.32
CA SER A 1059 -12.92 -17.37 -2.78
C SER A 1059 -11.88 -16.26 -2.66
N THR A 1060 -10.92 -16.44 -1.75
CA THR A 1060 -9.82 -15.49 -1.58
C THR A 1060 -8.55 -16.26 -1.35
N ARG A 1061 -7.43 -15.68 -1.72
CA ARG A 1061 -6.11 -16.28 -1.41
C ARG A 1061 -5.72 -15.81 -0.01
N LEU A 1062 -5.10 -16.67 0.78
CA LEU A 1062 -4.73 -16.34 2.17
C LEU A 1062 -3.29 -15.78 2.25
N PRO A 1063 -3.01 -14.78 3.12
CA PRO A 1063 -1.67 -14.14 3.20
C PRO A 1063 -0.62 -15.05 3.83
N SER A 1064 -0.99 -16.26 4.22
CA SER A 1064 -0.07 -17.20 4.90
C SER A 1064 -0.84 -18.48 5.23
N GLN A 1065 -0.25 -19.34 6.06
CA GLN A 1065 -0.90 -20.61 6.45
C GLN A 1065 -1.40 -20.54 7.90
N TYR A 1066 -1.55 -19.33 8.45
CA TYR A 1066 -1.97 -19.16 9.86
C TYR A 1066 -3.32 -18.44 9.92
N LEU A 1067 -4.39 -19.20 10.14
CA LEU A 1067 -5.75 -18.68 10.22
C LEU A 1067 -6.43 -19.14 11.52
N TYR A 1068 -7.21 -18.22 12.14
CA TYR A 1068 -7.92 -18.44 13.39
C TYR A 1068 -9.35 -17.95 13.31
N GLY A 1069 -10.34 -18.76 13.72
CA GLY A 1069 -11.72 -18.31 13.70
C GLY A 1069 -12.68 -19.28 13.01
N PHE A 1070 -13.84 -18.74 12.63
CA PHE A 1070 -14.99 -19.47 12.14
C PHE A 1070 -15.61 -20.26 13.29
N GLY A 1071 -16.92 -20.15 13.49
CA GLY A 1071 -17.56 -20.93 14.53
C GLY A 1071 -19.06 -20.99 14.35
N GLU A 1072 -19.76 -21.78 15.16
CA GLU A 1072 -19.24 -22.47 16.33
C GLU A 1072 -19.10 -23.95 16.01
N THR A 1073 -17.92 -24.49 16.30
CA THR A 1073 -17.68 -25.89 16.04
C THR A 1073 -16.57 -26.36 16.98
N GLU A 1074 -16.34 -27.67 17.00
CA GLU A 1074 -15.24 -28.22 17.84
C GLU A 1074 -14.02 -28.36 16.94
N HIS A 1075 -13.14 -27.36 17.00
CA HIS A 1075 -11.88 -27.39 16.21
C HIS A 1075 -10.85 -28.28 16.92
N THR A 1076 -9.99 -28.95 16.15
CA THR A 1076 -8.93 -29.81 16.65
C THR A 1076 -7.80 -28.99 17.28
N ALA A 1077 -7.59 -27.77 16.78
CA ALA A 1077 -6.54 -26.89 17.26
C ALA A 1077 -6.99 -25.44 17.12
N PHE A 1078 -6.28 -24.52 17.76
CA PHE A 1078 -6.66 -23.11 17.64
C PHE A 1078 -6.40 -22.63 16.21
N ARG A 1079 -5.27 -23.02 15.62
CA ARG A 1079 -4.95 -22.75 14.20
C ARG A 1079 -5.66 -23.75 13.29
N ARG A 1080 -6.23 -23.28 12.19
CA ARG A 1080 -6.96 -24.15 11.23
C ARG A 1080 -6.07 -25.04 10.39
N ASN A 1081 -6.53 -26.24 10.06
CA ASN A 1081 -5.80 -27.12 9.12
C ASN A 1081 -6.25 -26.73 7.71
N LEU A 1082 -5.42 -26.05 6.94
CA LEU A 1082 -5.85 -25.58 5.60
C LEU A 1082 -5.48 -26.63 4.55
N ASN A 1083 -6.03 -27.85 4.66
CA ASN A 1083 -5.67 -28.96 3.75
C ASN A 1083 -6.91 -29.68 3.26
N TRP A 1084 -7.76 -29.00 2.50
CA TRP A 1084 -8.97 -29.62 1.91
C TRP A 1084 -9.98 -30.00 3.00
N HIS A 1085 -10.51 -29.00 3.70
CA HIS A 1085 -11.46 -29.24 4.81
C HIS A 1085 -12.63 -28.27 4.70
N THR A 1086 -13.86 -28.78 4.83
CA THR A 1086 -15.07 -27.94 4.73
C THR A 1086 -15.82 -27.96 6.04
N TRP A 1087 -16.20 -26.78 6.54
CA TRP A 1087 -16.96 -26.67 7.80
C TRP A 1087 -18.26 -25.90 7.58
N GLY A 1088 -19.41 -26.48 7.95
CA GLY A 1088 -20.70 -25.84 7.84
C GLY A 1088 -21.05 -24.92 9.02
N MET A 1089 -21.86 -23.90 8.75
CA MET A 1089 -22.32 -22.96 9.75
C MET A 1089 -23.83 -22.75 9.61
N PHE A 1090 -24.58 -23.19 10.61
CA PHE A 1090 -26.06 -23.03 10.66
C PHE A 1090 -26.49 -23.45 12.06
N SER A 1091 -27.00 -22.52 12.88
CA SER A 1091 -27.33 -22.84 14.28
C SER A 1091 -28.07 -24.17 14.40
N ARG A 1092 -27.59 -25.04 15.28
CA ARG A 1092 -28.18 -26.38 15.48
C ARG A 1092 -27.96 -26.85 16.92
N ASP A 1093 -28.94 -27.56 17.50
CA ASP A 1093 -28.71 -28.20 18.81
C ASP A 1093 -27.84 -29.43 18.55
N GLN A 1094 -26.52 -29.22 18.50
CA GLN A 1094 -25.60 -30.34 18.27
C GLN A 1094 -24.48 -30.31 19.30
N PRO A 1095 -24.30 -31.36 20.12
CA PRO A 1095 -23.15 -31.43 21.06
C PRO A 1095 -21.88 -31.21 20.25
N PRO A 1096 -20.96 -30.32 20.67
CA PRO A 1096 -19.76 -29.96 19.85
C PRO A 1096 -19.02 -31.21 19.36
N GLY A 1097 -18.60 -31.19 18.09
CA GLY A 1097 -17.95 -32.37 17.50
C GLY A 1097 -17.15 -32.00 16.26
N TYR A 1098 -16.44 -32.97 15.69
CA TYR A 1098 -15.56 -32.69 14.52
C TYR A 1098 -16.40 -32.43 13.30
N LYS A 1099 -16.17 -31.28 12.66
CA LYS A 1099 -16.89 -30.93 11.41
C LYS A 1099 -18.40 -31.08 11.64
N MET A 1100 -18.91 -30.47 12.71
CA MET A 1100 -20.36 -30.48 13.01
C MET A 1100 -20.78 -29.04 13.30
N ASN A 1101 -21.92 -28.60 12.75
CA ASN A 1101 -22.42 -27.23 13.01
C ASN A 1101 -23.07 -27.21 14.40
N SER A 1102 -22.75 -26.20 15.22
CA SER A 1102 -23.25 -26.20 16.62
C SER A 1102 -24.22 -25.06 16.91
N TYR A 1103 -24.17 -24.51 18.11
CA TYR A 1103 -25.20 -23.54 18.56
C TYR A 1103 -25.13 -22.18 17.90
N GLY A 1104 -23.95 -21.65 17.60
CA GLY A 1104 -23.97 -20.30 17.06
C GLY A 1104 -23.24 -20.21 15.73
N VAL A 1105 -23.23 -19.00 15.15
CA VAL A 1105 -22.63 -18.83 13.79
C VAL A 1105 -21.77 -17.57 13.84
N HIS A 1106 -20.48 -17.73 13.57
CA HIS A 1106 -19.55 -16.58 13.60
C HIS A 1106 -18.71 -16.61 12.32
N PRO A 1107 -19.19 -16.00 11.21
CA PRO A 1107 -18.41 -16.00 9.98
C PRO A 1107 -17.31 -14.95 10.01
N TYR A 1108 -16.37 -15.11 10.94
CA TYR A 1108 -15.29 -14.14 11.19
C TYR A 1108 -13.98 -14.89 11.35
N TYR A 1109 -12.90 -14.32 10.82
CA TYR A 1109 -11.59 -14.94 10.98
C TYR A 1109 -10.54 -13.87 11.17
N MET A 1110 -9.44 -14.28 11.83
CA MET A 1110 -8.23 -13.48 11.94
C MET A 1110 -7.08 -14.25 11.31
N ALA A 1111 -6.29 -13.57 10.46
CA ALA A 1111 -5.17 -14.24 9.83
C ALA A 1111 -3.89 -13.51 10.13
N LEU A 1112 -2.83 -14.31 10.30
CA LEU A 1112 -1.49 -13.76 10.55
C LEU A 1112 -0.72 -13.74 9.25
N GLU A 1113 -0.15 -12.60 8.91
CA GLU A 1113 0.75 -12.45 7.75
C GLU A 1113 2.12 -12.98 8.10
N GLU A 1114 2.96 -13.26 7.10
CA GLU A 1114 4.28 -13.89 7.34
C GLU A 1114 5.21 -13.00 8.17
N ASP A 1115 4.97 -11.69 8.18
CA ASP A 1115 5.79 -10.78 8.95
C ASP A 1115 5.24 -10.56 10.36
N GLY A 1116 4.10 -11.18 10.72
CA GLY A 1116 3.53 -11.10 12.07
C GLY A 1116 2.44 -10.04 12.20
N ASN A 1117 2.16 -9.37 11.08
CA ASN A 1117 1.04 -8.39 11.07
C ASN A 1117 -0.25 -9.22 11.00
N ALA A 1118 -1.35 -8.68 11.51
CA ALA A 1118 -2.60 -9.46 11.57
C ALA A 1118 -3.77 -8.64 11.04
N HIS A 1119 -4.75 -9.31 10.46
CA HIS A 1119 -5.96 -8.62 10.03
C HIS A 1119 -7.16 -9.51 10.33
N GLY A 1120 -8.36 -8.93 10.26
CA GLY A 1120 -9.57 -9.72 10.41
C GLY A 1120 -10.62 -9.43 9.36
N VAL A 1121 -11.48 -10.43 9.09
CA VAL A 1121 -12.48 -10.33 8.05
C VAL A 1121 -13.79 -10.87 8.58
N LEU A 1122 -14.86 -10.08 8.46
CA LEU A 1122 -16.21 -10.53 8.78
C LEU A 1122 -17.06 -10.59 7.52
N LEU A 1123 -17.76 -11.70 7.31
CA LEU A 1123 -18.84 -11.79 6.36
C LEU A 1123 -20.18 -11.67 7.09
N LEU A 1124 -20.90 -10.57 6.88
CA LEU A 1124 -22.20 -10.35 7.50
C LEU A 1124 -23.29 -11.02 6.68
N ASN A 1125 -23.49 -12.32 6.94
CA ASN A 1125 -24.49 -13.15 6.24
C ASN A 1125 -25.04 -14.13 7.28
N SER A 1126 -26.36 -14.35 7.33
CA SER A 1126 -26.95 -15.24 8.30
C SER A 1126 -27.49 -16.51 7.65
N ASN A 1127 -27.38 -16.67 6.35
CA ASN A 1127 -27.99 -17.82 5.70
C ASN A 1127 -27.11 -19.03 5.96
N ALA A 1128 -27.63 -20.25 5.79
CA ALA A 1128 -26.84 -21.46 5.92
C ALA A 1128 -25.64 -21.43 4.97
N MET A 1129 -24.46 -21.82 5.47
CA MET A 1129 -23.25 -21.62 4.68
C MET A 1129 -22.21 -22.63 5.09
N ASP A 1130 -21.16 -22.76 4.25
CA ASP A 1130 -19.97 -23.52 4.59
C ASP A 1130 -18.72 -22.78 4.11
N VAL A 1131 -17.57 -23.13 4.70
CA VAL A 1131 -16.29 -22.60 4.30
C VAL A 1131 -15.32 -23.73 4.02
N THR A 1132 -14.55 -23.61 2.95
CA THR A 1132 -13.57 -24.64 2.56
C THR A 1132 -12.19 -24.05 2.59
N PHE A 1133 -11.21 -24.83 3.05
CA PHE A 1133 -9.80 -24.37 3.12
C PHE A 1133 -8.95 -25.25 2.22
N GLN A 1134 -8.22 -24.64 1.27
CA GLN A 1134 -7.30 -25.38 0.37
C GLN A 1134 -5.86 -25.01 0.75
N PRO A 1135 -4.84 -25.83 0.45
CA PRO A 1135 -3.42 -25.59 0.88
C PRO A 1135 -2.69 -24.55 0.01
N LEU A 1136 -3.39 -23.79 -0.82
CA LEU A 1136 -2.75 -22.81 -1.75
C LEU A 1136 -1.87 -21.76 -1.02
N PRO A 1137 -2.30 -21.00 0.01
CA PRO A 1137 -3.56 -21.20 0.80
C PRO A 1137 -4.71 -20.35 0.27
N ALA A 1138 -5.91 -20.93 0.30
CA ALA A 1138 -7.10 -20.20 -0.17
C ALA A 1138 -8.31 -20.57 0.70
N LEU A 1139 -9.28 -19.66 0.80
CA LEU A 1139 -10.53 -19.99 1.51
C LEU A 1139 -11.73 -19.68 0.59
N THR A 1140 -12.71 -20.58 0.57
CA THR A 1140 -13.93 -20.37 -0.25
C THR A 1140 -15.13 -20.30 0.66
N TYR A 1141 -16.07 -19.40 0.39
CA TYR A 1141 -17.34 -19.31 1.14
C TYR A 1141 -18.46 -19.71 0.20
N ARG A 1142 -19.36 -20.58 0.64
CA ARG A 1142 -20.54 -20.96 -0.19
C ARG A 1142 -21.80 -20.73 0.66
N THR A 1143 -22.64 -19.77 0.29
CA THR A 1143 -23.87 -19.44 1.05
C THR A 1143 -25.11 -19.79 0.28
N THR A 1144 -26.25 -19.90 0.98
CA THR A 1144 -27.53 -20.32 0.37
C THR A 1144 -28.43 -19.12 0.22
N GLY A 1145 -27.87 -17.93 0.29
CA GLY A 1145 -28.66 -16.72 0.10
C GLY A 1145 -28.03 -15.46 0.62
N GLY A 1146 -28.79 -14.36 0.53
CA GLY A 1146 -28.34 -13.07 1.03
C GLY A 1146 -27.49 -12.34 0.01
N ILE A 1147 -26.62 -11.46 0.50
CA ILE A 1147 -25.68 -10.70 -0.38
C ILE A 1147 -24.29 -10.91 0.21
N LEU A 1148 -23.26 -10.41 -0.46
CA LEU A 1148 -21.87 -10.54 0.03
C LEU A 1148 -21.45 -9.21 0.69
N ASP A 1149 -21.38 -9.18 2.03
CA ASP A 1149 -21.08 -7.96 2.76
C ASP A 1149 -19.89 -8.16 3.69
N PHE A 1150 -18.69 -7.74 3.25
CA PHE A 1150 -17.46 -8.01 3.96
C PHE A 1150 -16.97 -6.77 4.69
N TYR A 1151 -16.48 -6.97 5.92
CA TYR A 1151 -15.80 -5.92 6.67
C TYR A 1151 -14.38 -6.36 6.97
N VAL A 1152 -13.42 -5.47 6.71
CA VAL A 1152 -12.01 -5.81 6.89
C VAL A 1152 -11.39 -4.88 7.93
N LEU A 1153 -10.68 -5.50 8.89
CA LEU A 1153 -9.97 -4.77 9.98
C LEU A 1153 -8.47 -4.88 9.68
N LEU A 1154 -7.71 -3.81 9.82
CA LEU A 1154 -6.29 -3.83 9.33
C LEU A 1154 -5.24 -4.06 10.43
N GLY A 1155 -5.59 -4.00 11.71
CA GLY A 1155 -4.62 -4.33 12.76
C GLY A 1155 -3.72 -3.15 13.11
N PRO A 1156 -2.38 -3.28 13.12
CA PRO A 1156 -1.64 -4.46 12.59
C PRO A 1156 -1.39 -5.55 13.64
N THR A 1157 -1.96 -5.40 14.83
CA THR A 1157 -1.68 -6.35 15.94
C THR A 1157 -2.90 -7.20 16.21
N PRO A 1158 -2.76 -8.47 16.65
CA PRO A 1158 -3.92 -9.33 17.02
C PRO A 1158 -4.85 -8.60 17.98
N GLU A 1159 -4.31 -7.91 18.98
CA GLU A 1159 -5.11 -7.12 19.95
C GLU A 1159 -5.83 -5.94 19.29
N LEU A 1160 -5.15 -5.21 18.41
CA LEU A 1160 -5.75 -4.06 17.69
C LEU A 1160 -6.88 -4.55 16.77
N VAL A 1161 -6.73 -5.72 16.17
CA VAL A 1161 -7.78 -6.32 15.29
C VAL A 1161 -9.05 -6.54 16.13
N THR A 1162 -8.92 -7.11 17.33
CA THR A 1162 -10.09 -7.42 18.17
C THR A 1162 -10.70 -6.14 18.69
N GLN A 1163 -9.87 -5.14 18.98
CA GLN A 1163 -10.38 -3.82 19.44
C GLN A 1163 -11.12 -3.14 18.28
N GLN A 1164 -10.65 -3.33 17.04
CA GLN A 1164 -11.33 -2.79 15.87
C GLN A 1164 -12.59 -3.58 15.57
N TYR A 1165 -12.51 -4.91 15.67
CA TYR A 1165 -13.65 -5.74 15.40
C TYR A 1165 -14.78 -5.41 16.37
N THR A 1166 -14.47 -5.29 17.67
CA THR A 1166 -15.50 -5.11 18.69
C THR A 1166 -16.03 -3.69 18.61
N GLU A 1167 -15.23 -2.77 18.13
CA GLU A 1167 -15.73 -1.44 17.85
C GLU A 1167 -16.83 -1.47 16.80
N LEU A 1168 -16.67 -2.33 15.80
CA LEU A 1168 -17.64 -2.48 14.72
C LEU A 1168 -18.90 -3.18 15.21
N ILE A 1169 -18.75 -4.31 15.92
CA ILE A 1169 -19.89 -5.15 16.22
C ILE A 1169 -20.45 -4.82 17.60
N GLY A 1170 -19.72 -4.04 18.40
CA GLY A 1170 -20.16 -3.76 19.76
C GLY A 1170 -19.27 -4.41 20.81
N ARG A 1171 -18.93 -3.67 21.87
CA ARG A 1171 -18.00 -4.15 22.89
C ARG A 1171 -18.73 -5.13 23.82
N PRO A 1172 -17.99 -6.08 24.40
CA PRO A 1172 -18.59 -7.04 25.32
C PRO A 1172 -19.28 -6.40 26.53
N VAL A 1173 -20.29 -7.09 27.03
CA VAL A 1173 -21.06 -6.64 28.16
C VAL A 1173 -20.18 -6.57 29.42
N MET A 1174 -20.44 -5.58 30.27
CA MET A 1174 -19.86 -5.51 31.61
C MET A 1174 -20.67 -6.39 32.57
N VAL A 1175 -20.00 -7.39 33.15
CA VAL A 1175 -20.66 -8.35 34.03
C VAL A 1175 -20.72 -7.84 35.47
N PRO A 1176 -21.67 -8.30 36.30
CA PRO A 1176 -21.60 -8.01 37.73
C PRO A 1176 -20.45 -8.73 38.41
N TYR A 1177 -19.87 -8.13 39.44
CA TYR A 1177 -18.75 -8.71 40.17
C TYR A 1177 -19.08 -10.12 40.70
N TRP A 1178 -20.29 -10.38 41.17
CA TRP A 1178 -20.61 -11.68 41.71
C TRP A 1178 -20.64 -12.77 40.65
N SER A 1179 -20.79 -12.39 39.38
CA SER A 1179 -20.88 -13.39 38.34
C SER A 1179 -19.52 -14.01 38.04
N LEU A 1180 -18.44 -13.41 38.56
CA LEU A 1180 -17.09 -13.91 38.39
C LEU A 1180 -16.75 -14.93 39.46
N GLY A 1181 -17.64 -15.13 40.40
CA GLY A 1181 -17.44 -16.19 41.37
C GLY A 1181 -17.73 -17.57 40.78
N PHE A 1182 -17.56 -18.62 41.58
CA PHE A 1182 -17.78 -20.00 41.15
C PHE A 1182 -19.28 -20.31 41.18
N GLN A 1183 -19.75 -21.19 40.29
CA GLN A 1183 -21.18 -21.43 40.08
C GLN A 1183 -21.48 -22.93 40.05
N LEU A 1184 -22.68 -23.32 40.50
CA LEU A 1184 -23.09 -24.71 40.54
C LEU A 1184 -24.45 -24.89 39.90
N CYS A 1185 -24.56 -25.96 39.11
CA CYS A 1185 -25.81 -26.33 38.41
C CYS A 1185 -25.80 -27.83 38.13
N ARG A 1186 -26.96 -28.44 38.01
CA ARG A 1186 -27.09 -29.86 37.66
C ARG A 1186 -28.41 -29.97 36.94
N TYR A 1187 -28.47 -30.78 35.89
CA TYR A 1187 -29.76 -31.08 35.22
C TYR A 1187 -30.25 -32.31 35.93
N GLY A 1188 -31.28 -32.13 36.73
CA GLY A 1188 -31.88 -33.27 37.41
C GLY A 1188 -31.91 -33.14 38.93
N TYR A 1189 -31.95 -31.91 39.46
CA TYR A 1189 -32.24 -31.76 40.88
C TYR A 1189 -33.63 -32.31 41.13
N GLU A 1190 -33.78 -33.18 42.13
CA GLU A 1190 -35.08 -33.84 42.36
C GLU A 1190 -36.09 -32.86 42.98
N ASN A 1191 -35.64 -32.04 43.94
CA ASN A 1191 -36.54 -31.11 44.64
C ASN A 1191 -35.73 -29.94 45.19
N ASP A 1192 -36.39 -29.01 45.88
CA ASP A 1192 -35.70 -27.83 46.48
C ASP A 1192 -34.75 -28.27 47.59
N SER A 1193 -35.05 -29.38 48.27
CA SER A 1193 -34.22 -29.85 49.42
C SER A 1193 -32.82 -30.27 48.93
N GLU A 1194 -32.72 -30.85 47.75
CA GLU A 1194 -31.42 -31.27 47.18
C GLU A 1194 -30.54 -30.03 46.96
N ILE A 1195 -31.13 -28.94 46.50
CA ILE A 1195 -30.36 -27.67 46.29
C ILE A 1195 -29.94 -27.12 47.66
N ALA A 1196 -30.84 -27.19 48.64
CA ALA A 1196 -30.54 -26.70 50.01
C ALA A 1196 -29.39 -27.52 50.63
N SER A 1197 -29.46 -28.84 50.49
CA SER A 1197 -28.40 -29.73 51.04
C SER A 1197 -27.05 -29.38 50.42
N LEU A 1198 -27.02 -29.16 49.10
CA LEU A 1198 -25.75 -28.88 48.38
C LEU A 1198 -25.23 -27.53 48.85
N TYR A 1199 -26.12 -26.56 49.03
CA TYR A 1199 -25.70 -25.26 49.49
C TYR A 1199 -25.07 -25.37 50.88
N GLU A 1200 -25.71 -26.09 51.79
CA GLU A 1200 -25.23 -26.20 53.15
C GLU A 1200 -23.88 -26.90 53.18
N ASP A 1201 -23.74 -27.97 52.39
CA ASP A 1201 -22.52 -28.73 52.35
C ASP A 1201 -21.36 -27.89 51.85
N MET A 1202 -21.59 -27.09 50.82
CA MET A 1202 -20.54 -26.25 50.29
C MET A 1202 -20.10 -25.26 51.35
N VAL A 1203 -21.07 -24.63 52.03
CA VAL A 1203 -20.79 -23.64 53.04
C VAL A 1203 -20.00 -24.30 54.17
N ALA A 1204 -20.44 -25.49 54.61
CA ALA A 1204 -19.76 -26.25 55.66
C ALA A 1204 -18.32 -26.57 55.27
N ALA A 1205 -18.07 -26.87 53.99
CA ALA A 1205 -16.74 -27.24 53.52
C ALA A 1205 -15.89 -26.01 53.25
N GLN A 1206 -16.49 -24.82 53.35
CA GLN A 1206 -15.78 -23.57 53.13
C GLN A 1206 -15.19 -23.49 51.74
N ILE A 1207 -15.93 -24.02 50.76
CA ILE A 1207 -15.50 -23.92 49.34
C ILE A 1207 -16.26 -22.72 48.77
N PRO A 1208 -15.60 -21.62 48.40
CA PRO A 1208 -16.29 -20.39 47.95
C PRO A 1208 -17.17 -20.65 46.72
N TYR A 1209 -18.38 -20.07 46.70
CA TYR A 1209 -19.29 -20.17 45.54
C TYR A 1209 -20.27 -19.04 45.62
N ASP A 1210 -20.69 -18.53 44.48
CA ASP A 1210 -21.54 -17.31 44.47
C ASP A 1210 -22.88 -17.53 43.80
N VAL A 1211 -22.98 -18.47 42.87
CA VAL A 1211 -24.19 -18.58 42.08
C VAL A 1211 -24.73 -20.01 42.11
N GLN A 1212 -26.01 -20.12 42.46
CA GLN A 1212 -26.71 -21.43 42.40
C GLN A 1212 -27.73 -21.33 41.27
N TYR A 1213 -27.82 -22.36 40.43
CA TYR A 1213 -28.80 -22.36 39.32
C TYR A 1213 -29.81 -23.45 39.51
N SER A 1214 -30.90 -23.37 38.74
CA SER A 1214 -31.87 -24.49 38.70
C SER A 1214 -32.16 -24.75 37.22
N ASP A 1215 -32.17 -26.02 36.82
CA ASP A 1215 -32.54 -26.37 35.42
C ASP A 1215 -34.06 -26.53 35.32
N ILE A 1216 -34.56 -27.07 34.22
CA ILE A 1216 -36.04 -27.14 33.96
C ILE A 1216 -36.77 -28.02 34.98
N ASP A 1217 -36.15 -28.32 36.12
CA ASP A 1217 -36.77 -29.22 37.15
C ASP A 1217 -37.67 -28.41 38.08
N TYR A 1218 -37.41 -27.12 38.24
CA TYR A 1218 -38.21 -26.25 39.14
C TYR A 1218 -39.53 -25.95 38.49
N MET A 1219 -39.64 -26.28 37.20
CA MET A 1219 -40.89 -25.99 36.47
C MET A 1219 -41.82 -27.20 36.49
N GLU A 1220 -43.12 -26.97 36.46
CA GLU A 1220 -44.13 -28.02 36.36
C GLU A 1220 -44.15 -28.61 34.96
N ARG A 1221 -43.80 -29.89 34.84
CA ARG A 1221 -43.77 -30.56 33.55
C ARG A 1221 -42.97 -29.76 32.53
N GLN A 1222 -41.87 -29.13 32.98
CA GLN A 1222 -41.03 -28.33 32.13
C GLN A 1222 -41.79 -27.21 31.41
N LEU A 1223 -42.91 -26.76 31.96
CA LEU A 1223 -43.62 -25.63 31.39
C LEU A 1223 -43.01 -24.33 31.87
N ASP A 1224 -42.62 -23.46 30.94
CA ASP A 1224 -42.04 -22.16 31.31
C ASP A 1224 -43.03 -21.30 32.09
N PHE A 1225 -42.53 -20.55 33.06
CA PHE A 1225 -43.27 -19.60 33.89
C PHE A 1225 -44.24 -20.36 34.81
N THR A 1226 -43.85 -21.56 35.24
CA THR A 1226 -44.58 -22.29 36.28
C THR A 1226 -43.63 -22.79 37.37
N LEU A 1227 -44.20 -23.20 38.53
CA LEU A 1227 -43.43 -23.72 39.65
C LEU A 1227 -43.94 -25.10 40.04
N SER A 1228 -43.05 -26.11 40.02
CA SER A 1228 -43.38 -27.49 40.31
C SER A 1228 -43.70 -27.66 41.79
N PRO A 1229 -44.66 -28.53 42.15
CA PRO A 1229 -44.90 -28.85 43.54
C PRO A 1229 -43.67 -29.36 44.31
N LYS A 1230 -42.77 -30.08 43.62
CA LYS A 1230 -41.56 -30.57 44.26
C LYS A 1230 -40.62 -29.43 44.63
N PHE A 1231 -40.92 -28.21 44.17
CA PHE A 1231 -40.07 -27.07 44.41
C PHE A 1231 -40.86 -25.96 45.09
N ASP A 1232 -41.88 -26.32 45.87
CA ASP A 1232 -42.73 -25.35 46.54
C ASP A 1232 -41.93 -24.47 47.51
N GLY A 1233 -40.84 -25.02 48.07
CA GLY A 1233 -40.01 -24.29 49.02
C GLY A 1233 -38.88 -23.52 48.34
N PHE A 1234 -38.82 -23.56 47.01
CA PHE A 1234 -37.71 -22.95 46.30
C PHE A 1234 -37.71 -21.44 46.50
N PRO A 1235 -38.87 -20.71 46.40
CA PRO A 1235 -38.84 -19.27 46.66
C PRO A 1235 -38.23 -18.89 48.00
N ALA A 1236 -38.65 -19.56 49.07
CA ALA A 1236 -38.09 -19.29 50.39
C ALA A 1236 -36.59 -19.57 50.40
N LEU A 1237 -36.17 -20.65 49.74
CA LEU A 1237 -34.76 -21.01 49.69
C LEU A 1237 -33.97 -19.94 48.97
N ILE A 1238 -34.49 -19.42 47.85
CA ILE A 1238 -33.82 -18.36 47.11
C ILE A 1238 -33.56 -17.19 48.05
N ASN A 1239 -34.59 -16.78 48.80
CA ASN A 1239 -34.51 -15.62 49.66
C ASN A 1239 -33.49 -15.84 50.76
N ARG A 1240 -33.47 -17.05 51.30
CA ARG A 1240 -32.52 -17.40 52.35
C ARG A 1240 -31.09 -17.33 51.84
N MET A 1241 -30.83 -17.93 50.67
CA MET A 1241 -29.50 -17.92 50.10
C MET A 1241 -29.06 -16.48 49.79
N LYS A 1242 -29.99 -15.68 49.28
CA LYS A 1242 -29.67 -14.31 48.91
C LYS A 1242 -29.31 -13.51 50.15
N ALA A 1243 -30.03 -13.76 51.24
CA ALA A 1243 -29.77 -13.06 52.49
C ALA A 1243 -28.34 -13.33 52.97
N ASN A 1244 -27.75 -14.44 52.54
CA ASN A 1244 -26.39 -14.78 52.92
C ASN A 1244 -25.39 -14.43 51.80
N GLY A 1245 -25.83 -13.69 50.79
CA GLY A 1245 -24.90 -13.19 49.80
C GLY A 1245 -24.83 -14.02 48.51
N MET A 1246 -25.71 -14.99 48.38
CA MET A 1246 -25.70 -15.89 47.21
C MET A 1246 -26.60 -15.32 46.10
N ARG A 1247 -26.38 -15.77 44.87
CA ARG A 1247 -27.14 -15.25 43.70
C ARG A 1247 -27.77 -16.45 42.98
N VAL A 1248 -28.96 -16.26 42.42
CA VAL A 1248 -29.68 -17.36 41.72
C VAL A 1248 -29.91 -17.03 40.24
N ILE A 1249 -29.62 -17.98 39.35
CA ILE A 1249 -29.93 -17.85 37.94
C ILE A 1249 -30.89 -18.96 37.56
N LEU A 1250 -31.94 -18.61 36.80
CA LEU A 1250 -32.93 -19.58 36.34
C LEU A 1250 -32.83 -19.75 34.82
N ILE A 1251 -33.24 -20.95 34.40
CA ILE A 1251 -33.21 -21.25 32.95
C ILE A 1251 -34.58 -21.01 32.32
N LEU A 1252 -34.64 -20.35 31.18
CA LEU A 1252 -35.95 -20.14 30.47
C LEU A 1252 -35.84 -20.71 29.06
N ASP A 1253 -36.80 -21.53 28.64
CA ASP A 1253 -36.82 -22.04 27.24
C ASP A 1253 -37.76 -21.14 26.43
N PRO A 1254 -37.58 -21.01 25.11
CA PRO A 1254 -38.40 -20.08 24.27
C PRO A 1254 -39.74 -20.70 23.88
N ALA A 1255 -39.81 -22.03 23.76
CA ALA A 1255 -41.03 -22.68 23.23
C ALA A 1255 -42.14 -22.78 24.28
N ILE A 1256 -43.36 -22.43 23.89
CA ILE A 1256 -44.51 -22.37 24.78
C ILE A 1256 -45.54 -23.44 24.41
N SER A 1257 -45.97 -24.19 25.42
CA SER A 1257 -46.90 -25.33 25.20
C SER A 1257 -48.31 -24.87 24.81
N GLY A 1258 -48.90 -25.58 23.87
CA GLY A 1258 -50.28 -25.34 23.45
C GLY A 1258 -51.26 -26.42 23.93
N ASN A 1259 -50.84 -27.34 24.81
CA ASN A 1259 -51.68 -28.45 25.21
C ASN A 1259 -52.10 -28.40 26.68
N GLU A 1260 -52.23 -27.22 27.27
CA GLU A 1260 -52.60 -27.13 28.68
C GLU A 1260 -54.13 -27.11 28.86
N THR A 1261 -54.63 -27.90 29.83
CA THR A 1261 -56.06 -28.02 30.11
C THR A 1261 -56.48 -26.99 31.17
N LYS A 1262 -55.57 -26.70 32.10
CA LYS A 1262 -55.86 -25.72 33.17
C LYS A 1262 -55.31 -24.36 32.71
N PRO A 1263 -55.73 -23.22 33.30
CA PRO A 1263 -55.30 -21.89 32.79
C PRO A 1263 -53.78 -21.82 32.67
N TYR A 1264 -53.27 -21.41 31.50
CA TYR A 1264 -51.80 -21.26 31.27
C TYR A 1264 -51.62 -19.90 30.64
N PRO A 1265 -51.54 -18.82 31.44
CA PRO A 1265 -51.48 -17.43 30.89
C PRO A 1265 -50.52 -17.29 29.71
N PRO A 1266 -49.27 -17.82 29.73
CA PRO A 1266 -48.28 -17.59 28.63
C PRO A 1266 -48.85 -17.87 27.23
N PHE A 1267 -49.49 -19.02 27.02
CA PHE A 1267 -49.99 -19.41 25.68
C PHE A 1267 -51.21 -18.59 25.28
N THR A 1268 -52.17 -18.47 26.18
CA THR A 1268 -53.40 -17.73 25.92
C THR A 1268 -53.10 -16.28 25.59
N ARG A 1269 -52.18 -15.66 26.32
CA ARG A 1269 -51.91 -14.23 26.12
C ARG A 1269 -51.02 -14.03 24.89
N GLY A 1270 -50.43 -15.09 24.37
CA GLY A 1270 -49.56 -15.00 23.18
C GLY A 1270 -50.35 -15.30 21.95
N VAL A 1271 -51.41 -16.09 22.08
CA VAL A 1271 -52.31 -16.30 20.91
C VAL A 1271 -53.14 -15.03 20.73
N GLU A 1272 -53.40 -14.31 21.82
CA GLU A 1272 -54.16 -13.03 21.75
C GLU A 1272 -53.27 -11.94 21.15
N ASP A 1273 -52.00 -11.87 21.56
CA ASP A 1273 -51.07 -10.81 21.09
C ASP A 1273 -50.51 -11.18 19.72
N ASP A 1274 -50.64 -12.43 19.29
CA ASP A 1274 -50.09 -12.90 18.00
C ASP A 1274 -48.57 -12.80 18.05
N VAL A 1275 -47.94 -13.68 18.83
CA VAL A 1275 -46.49 -13.59 18.99
C VAL A 1275 -45.75 -14.78 18.36
N PHE A 1276 -46.47 -15.85 17.99
CA PHE A 1276 -45.87 -17.09 17.56
C PHE A 1276 -45.61 -17.11 16.05
N ILE A 1277 -44.58 -17.85 15.65
CA ILE A 1277 -44.24 -18.03 14.25
C ILE A 1277 -45.34 -18.83 13.57
N LYS A 1278 -45.76 -18.35 12.39
CA LYS A 1278 -46.83 -18.97 11.65
C LYS A 1278 -46.42 -19.25 10.21
N TYR A 1279 -47.24 -20.06 9.54
CA TYR A 1279 -46.97 -20.44 8.12
C TYR A 1279 -47.05 -19.20 7.25
N PRO A 1280 -46.28 -19.15 6.14
CA PRO A 1280 -46.17 -17.92 5.30
C PRO A 1280 -47.49 -17.24 4.99
N ASN A 1281 -48.50 -17.98 4.52
CA ASN A 1281 -49.74 -17.28 4.07
C ASN A 1281 -50.98 -17.73 4.85
N ASP A 1282 -51.19 -19.04 4.98
CA ASP A 1282 -52.45 -19.54 5.63
C ASP A 1282 -52.55 -18.92 7.04
N GLY A 1283 -51.46 -18.96 7.81
CA GLY A 1283 -51.48 -18.29 9.13
C GLY A 1283 -51.74 -19.25 10.27
N SER A 1284 -51.38 -20.52 10.11
CA SER A 1284 -51.49 -21.46 11.26
C SER A 1284 -50.14 -21.50 11.99
N ILE A 1285 -50.14 -21.91 13.26
CA ILE A 1285 -48.90 -21.94 14.07
C ILE A 1285 -48.02 -23.11 13.59
N VAL A 1286 -46.72 -22.88 13.42
CA VAL A 1286 -45.80 -23.99 13.08
C VAL A 1286 -45.52 -24.71 14.41
N TRP A 1287 -46.04 -25.92 14.59
CA TRP A 1287 -45.92 -26.61 15.90
C TRP A 1287 -44.69 -27.50 15.97
N GLY A 1288 -43.92 -27.35 17.04
CA GLY A 1288 -42.77 -28.22 17.29
C GLY A 1288 -42.92 -29.05 18.58
N LYS A 1289 -41.84 -29.77 18.97
CA LYS A 1289 -41.77 -30.50 20.24
C LYS A 1289 -40.40 -30.32 20.92
N VAL A 1290 -40.43 -29.94 22.20
CA VAL A 1290 -39.18 -29.72 23.00
C VAL A 1290 -39.36 -30.33 24.41
N TRP A 1291 -39.43 -29.52 25.45
CA TRP A 1291 -39.44 -30.10 26.84
C TRP A 1291 -40.83 -30.32 27.46
N PRO A 1292 -41.83 -29.42 27.38
CA PRO A 1292 -43.13 -29.60 28.08
C PRO A 1292 -43.78 -30.96 27.84
N ASP A 1293 -44.28 -31.62 28.89
CA ASP A 1293 -45.04 -32.87 28.74
C ASP A 1293 -46.54 -32.58 28.64
N PHE A 1294 -47.30 -33.53 28.07
CA PHE A 1294 -48.75 -33.49 28.07
C PHE A 1294 -49.30 -33.52 29.51
N PRO A 1295 -50.38 -32.80 29.81
CA PRO A 1295 -51.03 -32.90 31.11
C PRO A 1295 -51.79 -34.22 31.25
N ASP A 1296 -51.85 -34.76 32.48
CA ASP A 1296 -52.70 -35.89 32.85
C ASP A 1296 -52.31 -37.19 32.13
N ILE A 1297 -51.02 -37.37 31.84
CA ILE A 1297 -50.49 -38.62 31.35
C ILE A 1297 -49.43 -39.10 32.34
N PHE A 1298 -49.09 -40.39 32.31
CA PHE A 1298 -48.00 -40.91 33.18
C PHE A 1298 -46.74 -41.06 32.35
N VAL A 1299 -45.73 -40.25 32.66
CA VAL A 1299 -44.49 -40.27 31.84
C VAL A 1299 -43.55 -41.37 32.40
N ASN A 1300 -43.58 -42.55 31.80
CA ASN A 1300 -42.64 -43.63 32.20
C ASN A 1300 -41.23 -43.15 31.87
N SER A 1301 -40.27 -43.39 32.77
CA SER A 1301 -38.89 -42.90 32.57
C SER A 1301 -38.05 -44.00 31.93
N SER A 1302 -38.69 -45.10 31.56
CA SER A 1302 -37.96 -46.25 30.99
C SER A 1302 -38.21 -46.33 29.48
N LEU A 1303 -38.91 -45.36 28.91
CA LEU A 1303 -39.12 -45.33 27.45
C LEU A 1303 -37.86 -44.75 26.80
N ASP A 1304 -37.65 -45.00 25.51
CA ASP A 1304 -36.47 -44.44 24.80
C ASP A 1304 -36.78 -43.00 24.39
N TRP A 1305 -35.75 -42.24 23.98
CA TRP A 1305 -35.94 -40.82 23.62
C TRP A 1305 -36.97 -40.68 22.52
N ASP A 1306 -36.93 -41.58 21.53
CA ASP A 1306 -37.84 -41.46 20.36
C ASP A 1306 -39.30 -41.69 20.78
N SER A 1307 -39.54 -42.66 21.66
CA SER A 1307 -40.92 -42.98 22.11
C SER A 1307 -41.47 -41.84 22.96
N GLN A 1308 -40.62 -41.22 23.79
CA GLN A 1308 -41.06 -40.11 24.67
C GLN A 1308 -41.46 -38.90 23.83
N VAL A 1309 -40.70 -38.61 22.77
CA VAL A 1309 -41.00 -37.44 21.89
C VAL A 1309 -42.33 -37.70 21.18
N GLU A 1310 -42.64 -38.95 20.87
CA GLU A 1310 -43.86 -39.26 20.08
C GLU A 1310 -45.09 -39.46 20.98
N GLN A 1311 -44.90 -39.74 22.27
CA GLN A 1311 -46.07 -40.06 23.12
C GLN A 1311 -46.23 -39.12 24.31
N TYR A 1312 -45.17 -38.51 24.84
CA TYR A 1312 -45.26 -37.70 26.09
C TYR A 1312 -45.04 -36.23 25.84
N ARG A 1313 -44.37 -35.87 24.76
CA ARG A 1313 -44.05 -34.45 24.53
C ARG A 1313 -45.26 -33.72 23.95
N ALA A 1314 -45.55 -32.55 24.49
CA ALA A 1314 -46.65 -31.70 24.03
C ALA A 1314 -46.26 -30.93 22.79
N TYR A 1315 -47.24 -30.26 22.18
CA TYR A 1315 -46.98 -29.41 20.99
C TYR A 1315 -46.62 -28.04 21.50
N VAL A 1316 -45.59 -27.43 20.94
CA VAL A 1316 -45.13 -26.15 21.44
C VAL A 1316 -45.09 -25.14 20.30
N ALA A 1317 -45.31 -23.87 20.63
CA ALA A 1317 -45.22 -22.77 19.68
C ALA A 1317 -44.01 -21.90 20.00
N PHE A 1318 -43.34 -21.43 18.93
CA PHE A 1318 -42.13 -20.65 19.01
C PHE A 1318 -42.43 -19.17 18.84
N PRO A 1319 -42.10 -18.32 19.82
CA PRO A 1319 -42.31 -16.89 19.64
C PRO A 1319 -41.42 -16.26 18.58
N ASP A 1320 -41.92 -15.24 17.91
CA ASP A 1320 -41.10 -14.45 17.00
C ASP A 1320 -40.53 -13.24 17.72
N PHE A 1321 -39.26 -13.29 18.11
CA PHE A 1321 -38.66 -12.26 18.96
C PHE A 1321 -38.26 -11.02 18.18
N PHE A 1322 -38.45 -10.98 16.86
CA PHE A 1322 -38.20 -9.76 16.11
C PHE A 1322 -39.38 -8.78 16.25
N ARG A 1323 -40.54 -9.28 16.69
CA ARG A 1323 -41.80 -8.55 16.64
C ARG A 1323 -41.95 -7.72 17.91
N ASN A 1324 -42.56 -6.55 17.77
CA ASN A 1324 -42.85 -5.68 18.90
C ASN A 1324 -43.76 -6.36 19.92
N SER A 1325 -44.83 -6.98 19.42
CA SER A 1325 -45.82 -7.64 20.30
C SER A 1325 -45.15 -8.77 21.11
N THR A 1326 -44.21 -9.48 20.49
CA THR A 1326 -43.55 -10.59 21.17
C THR A 1326 -42.71 -10.02 22.30
N ILE A 1327 -42.05 -8.90 22.04
CA ILE A 1327 -41.17 -8.29 23.02
C ILE A 1327 -41.98 -7.87 24.23
N THR A 1328 -43.13 -7.24 24.01
CA THR A 1328 -44.01 -6.81 25.10
C THR A 1328 -44.47 -8.02 25.91
N TRP A 1329 -44.92 -9.09 25.25
CA TRP A 1329 -45.44 -10.29 25.95
C TRP A 1329 -44.36 -11.01 26.76
N TRP A 1330 -43.12 -11.01 26.28
CA TRP A 1330 -41.99 -11.70 26.95
C TRP A 1330 -41.58 -10.96 28.21
N LYS A 1331 -41.56 -9.63 28.14
CA LYS A 1331 -41.19 -8.80 29.30
C LYS A 1331 -42.24 -8.96 30.41
N ARG A 1332 -43.52 -9.04 30.04
CA ARG A 1332 -44.61 -9.19 31.03
C ARG A 1332 -44.49 -10.54 31.73
N GLU A 1333 -44.15 -11.60 31.00
CA GLU A 1333 -44.06 -12.96 31.59
C GLU A 1333 -42.90 -13.02 32.59
N LEU A 1334 -41.78 -12.35 32.29
CA LEU A 1334 -40.60 -12.34 33.18
C LEU A 1334 -40.87 -11.43 34.38
N ARG A 1335 -41.59 -10.33 34.18
CA ARG A 1335 -41.95 -9.41 35.28
C ARG A 1335 -42.85 -10.17 36.27
N GLU A 1336 -43.71 -11.05 35.77
CA GLU A 1336 -44.65 -11.78 36.65
C GLU A 1336 -43.99 -13.05 37.19
N LEU A 1337 -42.83 -13.43 36.66
CA LEU A 1337 -42.11 -14.59 37.24
C LEU A 1337 -41.35 -14.04 38.43
N TYR A 1338 -40.89 -12.78 38.33
CA TYR A 1338 -40.15 -12.13 39.45
C TYR A 1338 -41.11 -11.75 40.56
N THR A 1339 -42.22 -11.09 40.22
CA THR A 1339 -43.25 -10.73 41.21
C THR A 1339 -44.55 -11.37 40.79
N ASN A 1340 -44.87 -12.52 41.34
CA ASN A 1340 -46.12 -13.25 40.97
C ASN A 1340 -47.33 -12.34 41.18
N PRO A 1341 -48.15 -12.07 40.15
CA PRO A 1341 -49.32 -11.15 40.25
C PRO A 1341 -50.40 -11.77 41.13
N GLN A 1342 -50.56 -13.09 41.07
CA GLN A 1342 -51.54 -13.80 41.92
C GLN A 1342 -50.91 -14.06 43.30
N ASP A 1343 -50.31 -15.24 43.50
CA ASP A 1343 -49.72 -15.58 44.83
C ASP A 1343 -48.38 -14.86 44.97
N PRO A 1344 -48.27 -13.79 45.79
CA PRO A 1344 -47.01 -13.00 45.90
C PRO A 1344 -45.93 -13.78 46.63
N GLU A 1345 -46.18 -15.06 46.90
CA GLU A 1345 -45.21 -15.89 47.67
C GLU A 1345 -44.50 -16.84 46.71
N LYS A 1346 -45.15 -17.23 45.62
CA LYS A 1346 -44.52 -18.11 44.60
C LYS A 1346 -43.61 -17.26 43.71
N SER A 1347 -43.25 -16.06 44.17
CA SER A 1347 -42.34 -15.17 43.40
C SER A 1347 -40.93 -15.76 43.38
N LEU A 1348 -40.21 -15.59 42.26
CA LEU A 1348 -38.82 -16.11 42.15
C LEU A 1348 -37.89 -14.92 41.94
N LYS A 1349 -37.12 -14.54 42.96
CA LYS A 1349 -36.30 -13.34 42.90
C LYS A 1349 -34.93 -13.63 42.31
N PHE A 1350 -34.90 -13.90 41.00
CA PHE A 1350 -33.68 -14.30 40.31
C PHE A 1350 -32.77 -13.09 40.11
N ASP A 1351 -31.48 -13.33 39.79
CA ASP A 1351 -30.49 -12.27 39.60
C ASP A 1351 -29.98 -12.21 38.17
N GLY A 1352 -30.24 -13.28 37.42
CA GLY A 1352 -29.90 -13.33 36.01
C GLY A 1352 -30.71 -14.41 35.32
N MET A 1353 -30.51 -14.54 34.00
CA MET A 1353 -31.26 -15.49 33.21
C MET A 1353 -30.37 -16.29 32.27
N TRP A 1354 -30.72 -17.56 32.16
CA TRP A 1354 -30.11 -18.51 31.25
C TRP A 1354 -31.11 -18.89 30.17
N ILE A 1355 -30.90 -18.39 28.96
CA ILE A 1355 -31.82 -18.67 27.87
C ILE A 1355 -31.26 -19.81 27.02
N ASP A 1356 -31.96 -20.94 27.05
CA ASP A 1356 -31.43 -22.13 26.36
C ASP A 1356 -32.32 -22.55 25.20
N MET A 1357 -31.84 -23.51 24.38
CA MET A 1357 -32.62 -24.12 23.26
C MET A 1357 -33.11 -23.06 22.25
N ASN A 1358 -32.34 -22.01 22.01
CA ASN A 1358 -32.77 -20.89 21.16
C ASN A 1358 -32.08 -20.92 19.80
N GLU A 1359 -31.91 -22.10 19.22
CA GLU A 1359 -31.28 -22.23 17.88
C GLU A 1359 -32.26 -21.91 16.72
N PRO A 1360 -33.62 -21.96 16.82
CA PRO A 1360 -34.40 -22.71 17.87
C PRO A 1360 -34.28 -24.21 17.67
N SER A 1361 -34.32 -24.96 18.77
CA SER A 1361 -34.17 -26.43 18.69
C SER A 1361 -35.53 -27.11 18.81
N SER A 1362 -35.83 -28.08 17.94
CA SER A 1362 -37.06 -28.88 18.04
C SER A 1362 -36.67 -30.36 18.06
N PHE A 1363 -37.42 -31.19 18.76
CA PHE A 1363 -37.13 -32.61 18.79
C PHE A 1363 -37.77 -33.32 17.59
N VAL A 1364 -38.58 -32.61 16.79
CA VAL A 1364 -39.04 -33.11 15.50
C VAL A 1364 -38.37 -32.31 14.38
N ASN A 1365 -38.42 -32.86 13.15
CA ASN A 1365 -37.76 -32.21 11.99
C ASN A 1365 -38.78 -31.38 11.22
N GLY A 1366 -38.74 -30.06 11.39
CA GLY A 1366 -39.64 -29.16 10.67
C GLY A 1366 -40.84 -28.80 11.50
N ALA A 1367 -41.79 -29.72 11.60
CA ALA A 1367 -43.02 -29.49 12.37
C ALA A 1367 -43.64 -30.84 12.69
N VAL A 1368 -44.52 -30.85 13.68
CA VAL A 1368 -45.21 -32.12 14.06
C VAL A 1368 -45.87 -32.67 12.80
N SER A 1369 -45.91 -33.99 12.64
CA SER A 1369 -46.43 -34.60 11.40
C SER A 1369 -47.92 -34.27 11.21
N PRO A 1370 -48.33 -33.58 10.12
CA PRO A 1370 -47.97 -33.94 8.72
C PRO A 1370 -46.53 -33.57 8.38
N GLY A 1371 -46.07 -32.39 8.84
CA GLY A 1371 -44.68 -31.98 8.61
C GLY A 1371 -44.59 -30.60 8.00
N CYS A 1372 -43.51 -30.32 7.28
CA CYS A 1372 -43.30 -29.01 6.61
C CYS A 1372 -44.09 -28.91 5.31
N ARG A 1373 -44.08 -27.73 4.68
CA ARG A 1373 -44.83 -27.51 3.42
C ARG A 1373 -43.87 -27.26 2.24
N ASP A 1374 -43.21 -26.10 2.17
CA ASP A 1374 -42.26 -25.75 1.07
C ASP A 1374 -40.99 -26.61 1.14
N SER A 1375 -40.84 -27.56 0.23
CA SER A 1375 -39.64 -28.45 0.18
C SER A 1375 -38.49 -27.71 -0.48
N SER A 1376 -38.81 -26.67 -1.24
CA SER A 1376 -37.78 -25.87 -1.95
C SER A 1376 -36.89 -25.17 -0.93
N LEU A 1377 -37.49 -24.76 0.19
CA LEU A 1377 -36.72 -24.02 1.22
C LEU A 1377 -36.13 -25.00 2.23
N ASN A 1378 -36.83 -26.10 2.50
CA ASN A 1378 -36.36 -27.09 3.52
C ASN A 1378 -35.27 -27.95 2.91
N HIS A 1379 -35.45 -28.38 1.66
CA HIS A 1379 -34.37 -29.13 0.94
C HIS A 1379 -33.90 -28.20 -0.17
N PRO A 1380 -32.91 -27.32 0.08
CA PRO A 1380 -32.47 -26.29 -0.90
C PRO A 1380 -31.68 -26.86 -2.06
N PRO A 1381 -31.56 -26.14 -3.20
CA PRO A 1381 -30.74 -26.56 -4.37
C PRO A 1381 -29.35 -26.98 -3.92
N TYR A 1382 -28.67 -26.15 -3.13
CA TYR A 1382 -27.39 -26.52 -2.55
C TYR A 1382 -27.56 -26.70 -1.05
N MET A 1383 -27.34 -27.91 -0.54
CA MET A 1383 -27.27 -28.15 0.89
C MET A 1383 -25.84 -27.96 1.42
N PRO A 1384 -25.52 -26.94 2.26
CA PRO A 1384 -24.16 -26.81 2.78
C PRO A 1384 -23.70 -28.05 3.56
N TYR A 1385 -22.40 -28.17 3.83
CA TYR A 1385 -21.87 -29.31 4.57
C TYR A 1385 -22.27 -29.25 6.05
N LEU A 1386 -23.56 -29.48 6.29
CA LEU A 1386 -24.14 -29.44 7.63
C LEU A 1386 -24.37 -30.85 8.11
N GLU A 1387 -24.54 -30.98 9.42
CA GLU A 1387 -24.81 -32.30 10.06
C GLU A 1387 -26.18 -32.76 9.61
N SER A 1388 -26.32 -34.06 9.36
CA SER A 1388 -27.55 -34.61 8.82
C SER A 1388 -27.87 -33.98 7.47
N ARG A 1389 -26.86 -33.92 6.60
CA ARG A 1389 -26.97 -33.17 5.36
C ARG A 1389 -28.15 -33.67 4.53
N ASN A 1390 -28.48 -34.97 4.59
CA ASN A 1390 -29.55 -35.53 3.77
C ASN A 1390 -30.93 -35.25 4.36
N SER A 1391 -30.99 -34.76 5.60
CA SER A 1391 -32.28 -34.48 6.22
C SER A 1391 -32.77 -33.06 5.92
N GLY A 1392 -31.92 -32.15 5.42
CA GLY A 1392 -32.35 -30.82 5.03
C GLY A 1392 -32.12 -29.77 6.13
N LEU A 1393 -32.46 -28.53 5.81
CA LEU A 1393 -32.20 -27.40 6.74
C LEU A 1393 -33.13 -27.47 7.94
N SER A 1394 -34.25 -28.18 7.82
CA SER A 1394 -35.27 -28.24 8.89
C SER A 1394 -34.91 -29.29 9.95
N SER A 1395 -33.86 -30.05 9.73
CA SER A 1395 -33.40 -31.06 10.70
C SER A 1395 -33.27 -30.46 12.11
N LYS A 1396 -34.05 -30.98 13.05
N LYS A 1396 -33.98 -31.03 13.09
CA LYS A 1396 -33.94 -30.62 14.49
CA LYS A 1396 -33.89 -30.61 14.51
C LYS A 1396 -34.26 -29.14 14.72
C LYS A 1396 -34.14 -29.11 14.67
N THR A 1397 -35.14 -28.60 13.97
CA THR A 1397 -35.48 -27.17 14.04
C THR A 1397 -36.85 -26.93 13.43
N LEU A 1398 -37.23 -25.67 13.26
CA LEU A 1398 -38.53 -25.26 12.69
C LEU A 1398 -38.45 -25.19 11.18
N CYS A 1399 -39.60 -25.25 10.53
CA CYS A 1399 -39.72 -25.10 9.06
C CYS A 1399 -39.07 -23.82 8.57
N MET A 1400 -38.62 -23.80 7.33
CA MET A 1400 -37.89 -22.62 6.82
C MET A 1400 -38.88 -21.65 6.18
N GLU A 1401 -40.11 -22.10 5.94
CA GLU A 1401 -41.15 -21.27 5.29
C GLU A 1401 -41.81 -20.41 6.37
N GLY A 1402 -41.59 -20.78 7.63
CA GLY A 1402 -42.12 -20.01 8.71
C GLY A 1402 -41.84 -18.60 8.51
N GLU A 1403 -42.76 -17.79 8.90
CA GLU A 1403 -42.67 -16.37 8.66
C GLU A 1403 -42.38 -15.62 9.95
N GLN A 1404 -41.48 -14.64 9.86
CA GLN A 1404 -41.18 -13.74 10.96
C GLN A 1404 -41.29 -12.30 10.51
N ILE A 1405 -41.42 -11.38 11.47
CA ILE A 1405 -41.72 -9.98 11.17
C ILE A 1405 -40.70 -9.10 11.88
N LEU A 1406 -39.99 -8.30 11.09
CA LEU A 1406 -38.99 -7.39 11.62
C LEU A 1406 -39.67 -6.24 12.34
N PRO A 1407 -38.93 -5.47 13.19
CA PRO A 1407 -39.53 -4.35 13.93
C PRO A 1407 -40.22 -3.31 13.05
N ASP A 1408 -39.73 -3.11 11.84
CA ASP A 1408 -40.33 -2.14 10.92
C ASP A 1408 -41.55 -2.72 10.20
N GLY A 1409 -41.89 -3.99 10.42
CA GLY A 1409 -43.08 -4.58 9.83
C GLY A 1409 -42.79 -5.47 8.62
N SER A 1410 -41.54 -5.50 8.12
CA SER A 1410 -41.20 -6.29 6.95
C SER A 1410 -41.24 -7.79 7.24
N ARG A 1411 -41.75 -8.58 6.30
CA ARG A 1411 -41.86 -10.02 6.47
C ARG A 1411 -40.59 -10.70 5.97
N VAL A 1412 -40.07 -11.64 6.77
CA VAL A 1412 -38.90 -12.41 6.39
C VAL A 1412 -39.21 -13.89 6.61
N ARG A 1413 -38.39 -14.76 6.02
CA ARG A 1413 -38.55 -16.19 6.18
C ARG A 1413 -37.57 -16.69 7.23
N HIS A 1414 -37.99 -17.70 7.95
CA HIS A 1414 -37.10 -18.37 8.88
C HIS A 1414 -35.83 -18.80 8.14
N TYR A 1415 -35.95 -19.14 6.87
CA TYR A 1415 -34.83 -19.51 6.03
C TYR A 1415 -33.71 -18.45 6.06
N ASP A 1416 -34.03 -17.18 6.19
CA ASP A 1416 -33.02 -16.14 6.19
C ASP A 1416 -32.52 -15.78 7.58
N VAL A 1417 -33.38 -15.87 8.62
CA VAL A 1417 -33.08 -15.31 9.93
C VAL A 1417 -32.91 -16.41 10.97
N HIS A 1418 -32.92 -17.67 10.54
CA HIS A 1418 -32.80 -18.81 11.49
C HIS A 1418 -31.64 -18.59 12.45
N SER A 1419 -30.45 -18.29 11.93
CA SER A 1419 -29.26 -18.17 12.75
C SER A 1419 -29.28 -16.93 13.63
N LEU A 1420 -30.34 -16.10 13.59
CA LEU A 1420 -30.45 -14.88 14.37
C LEU A 1420 -31.45 -15.07 15.50
N TYR A 1421 -32.00 -16.26 15.64
CA TYR A 1421 -33.08 -16.45 16.59
C TYR A 1421 -32.61 -16.18 18.03
N GLY A 1422 -31.53 -16.82 18.46
CA GLY A 1422 -30.97 -16.58 19.77
C GLY A 1422 -30.57 -15.13 19.95
N TRP A 1423 -29.95 -14.53 18.92
CA TRP A 1423 -29.54 -13.15 18.98
C TRP A 1423 -30.75 -12.25 19.22
N SER A 1424 -31.86 -12.55 18.56
CA SER A 1424 -33.05 -11.71 18.65
C SER A 1424 -33.71 -11.77 20.04
N GLN A 1425 -33.54 -12.89 20.75
CA GLN A 1425 -34.10 -13.06 22.07
C GLN A 1425 -33.25 -12.37 23.15
N THR A 1426 -31.94 -12.22 22.90
CA THR A 1426 -30.96 -11.85 23.91
C THR A 1426 -31.22 -10.44 24.44
N ARG A 1427 -31.42 -9.48 23.55
CA ARG A 1427 -31.50 -8.11 24.00
C ARG A 1427 -32.77 -7.84 24.80
N PRO A 1428 -33.96 -8.24 24.33
CA PRO A 1428 -35.15 -8.11 25.16
C PRO A 1428 -35.02 -8.71 26.55
N THR A 1429 -34.39 -9.89 26.63
CA THR A 1429 -34.24 -10.56 27.90
C THR A 1429 -33.34 -9.74 28.80
N TYR A 1430 -32.25 -9.21 28.23
CA TYR A 1430 -31.32 -8.38 28.97
C TYR A 1430 -32.02 -7.16 29.54
N GLU A 1431 -32.88 -6.52 28.75
CA GLU A 1431 -33.54 -5.25 29.19
C GLU A 1431 -34.53 -5.52 30.34
N VAL A 1432 -35.33 -6.57 30.25
CA VAL A 1432 -36.37 -6.84 31.28
C VAL A 1432 -35.70 -7.22 32.61
N VAL A 1433 -34.58 -7.94 32.56
CA VAL A 1433 -33.88 -8.38 33.79
C VAL A 1433 -33.36 -7.12 34.53
N GLN A 1434 -32.78 -6.18 33.80
CA GLN A 1434 -32.26 -4.92 34.40
C GLN A 1434 -33.42 -4.10 34.97
N GLU A 1435 -34.64 -4.33 34.49
CA GLU A 1435 -35.81 -3.53 34.95
C GLU A 1435 -36.42 -4.16 36.21
N VAL A 1436 -36.60 -5.47 36.25
CA VAL A 1436 -37.24 -6.14 37.42
C VAL A 1436 -36.27 -6.19 38.60
N THR A 1437 -34.96 -6.31 38.37
CA THR A 1437 -34.00 -6.49 39.49
C THR A 1437 -33.39 -5.16 39.90
N GLY A 1438 -33.44 -4.16 39.02
CA GLY A 1438 -32.84 -2.85 39.31
C GLY A 1438 -31.33 -2.89 39.27
N GLU A 1439 -30.75 -4.07 39.07
CA GLU A 1439 -29.27 -4.22 38.99
C GLU A 1439 -28.91 -4.64 37.57
N ARG A 1440 -27.62 -4.63 37.20
CA ARG A 1440 -27.17 -4.92 35.81
C ARG A 1440 -27.56 -6.35 35.37
N GLY A 1441 -27.31 -7.36 36.17
CA GLY A 1441 -27.75 -8.73 35.84
C GLY A 1441 -26.82 -9.41 34.88
N ILE A 1442 -27.12 -10.65 34.53
CA ILE A 1442 -26.30 -11.35 33.56
C ILE A 1442 -27.23 -12.22 32.69
N ILE A 1443 -26.93 -12.29 31.39
CA ILE A 1443 -27.68 -13.19 30.48
C ILE A 1443 -26.66 -14.18 29.92
N ILE A 1444 -27.01 -15.45 29.84
CA ILE A 1444 -26.16 -16.47 29.18
C ILE A 1444 -27.02 -17.18 28.13
N SER A 1445 -26.62 -17.14 26.86
CA SER A 1445 -27.38 -17.77 25.74
C SER A 1445 -26.58 -18.93 25.14
N ARG A 1446 -27.24 -19.87 24.46
CA ARG A 1446 -26.50 -20.94 23.74
C ARG A 1446 -26.28 -20.53 22.28
N SER A 1447 -27.27 -19.91 21.64
CA SER A 1447 -27.15 -19.48 20.24
C SER A 1447 -26.66 -18.04 20.17
N THR A 1448 -25.61 -17.80 19.39
CA THR A 1448 -24.94 -16.49 19.35
C THR A 1448 -24.63 -16.08 17.94
N TYR A 1449 -24.63 -14.79 17.68
CA TYR A 1449 -24.26 -14.24 16.36
C TYR A 1449 -23.41 -13.02 16.63
N PRO A 1450 -22.47 -12.64 15.75
CA PRO A 1450 -21.71 -11.37 15.92
C PRO A 1450 -22.57 -10.28 16.57
N SER A 1451 -22.14 -9.68 17.68
CA SER A 1451 -22.85 -8.59 18.44
C SER A 1451 -23.67 -9.17 19.61
N SER A 1452 -23.68 -10.49 19.78
CA SER A 1452 -24.39 -11.15 20.89
C SER A 1452 -23.67 -10.85 22.21
N GLY A 1453 -22.35 -10.61 22.22
CA GLY A 1453 -21.58 -10.32 23.43
C GLY A 1453 -21.84 -8.95 24.00
N ARG A 1454 -22.60 -8.10 23.32
CA ARG A 1454 -23.00 -6.78 23.85
C ARG A 1454 -23.96 -6.94 25.02
N TRP A 1455 -24.60 -8.11 25.17
CA TRP A 1455 -25.63 -8.26 26.22
C TRP A 1455 -25.52 -9.59 26.94
N SER A 1456 -24.71 -10.52 26.45
CA SER A 1456 -24.75 -11.80 27.12
C SER A 1456 -23.36 -12.45 27.14
N GLY A 1457 -23.21 -13.46 27.99
CA GLY A 1457 -22.09 -14.38 27.86
C GLY A 1457 -22.55 -15.65 27.18
N HIS A 1458 -21.65 -16.63 27.06
CA HIS A 1458 -21.91 -17.85 26.31
C HIS A 1458 -21.16 -19.01 26.96
N TRP A 1459 -21.81 -20.16 27.07
CA TRP A 1459 -21.04 -21.32 27.50
C TRP A 1459 -20.92 -22.28 26.32
N LEU A 1460 -19.86 -23.07 26.33
CA LEU A 1460 -19.47 -23.79 25.15
C LEU A 1460 -20.35 -25.02 24.92
N GLY A 1461 -21.48 -25.11 25.62
CA GLY A 1461 -22.44 -26.18 25.31
C GLY A 1461 -22.26 -27.50 25.99
N ASP A 1462 -22.92 -28.55 25.46
CA ASP A 1462 -22.94 -29.89 26.09
C ASP A 1462 -21.67 -30.68 25.81
N ASN A 1463 -20.70 -30.56 26.70
CA ASN A 1463 -19.44 -31.35 26.54
C ASN A 1463 -19.66 -32.73 27.15
N THR A 1464 -18.61 -33.53 27.15
CA THR A 1464 -18.70 -34.88 27.68
C THR A 1464 -17.58 -35.04 28.69
N ALA A 1465 -17.81 -35.78 29.77
CA ALA A 1465 -16.78 -36.05 30.77
C ALA A 1465 -15.67 -36.94 30.18
N ALA A 1466 -14.75 -36.34 29.41
CA ALA A 1466 -13.64 -37.08 28.74
C ALA A 1466 -12.38 -36.20 28.78
N TRP A 1467 -11.19 -36.78 28.59
CA TRP A 1467 -9.93 -36.02 28.78
C TRP A 1467 -9.64 -35.02 27.65
N ASP A 1468 -10.10 -35.31 26.44
CA ASP A 1468 -9.82 -34.43 25.28
C ASP A 1468 -10.64 -33.15 25.41
N GLN A 1469 -11.70 -33.18 26.22
CA GLN A 1469 -12.63 -32.03 26.32
C GLN A 1469 -12.02 -30.84 27.09
N LEU A 1470 -10.98 -31.07 27.89
CA LEU A 1470 -10.33 -29.98 28.66
C LEU A 1470 -9.55 -29.04 27.74
N ARG A 1471 -8.80 -29.58 26.76
CA ARG A 1471 -8.06 -28.74 25.80
C ARG A 1471 -9.03 -28.08 24.80
N LYS A 1472 -10.10 -28.78 24.43
CA LYS A 1472 -11.13 -28.22 23.52
C LYS A 1472 -11.72 -26.96 24.16
N SER A 1473 -11.87 -26.97 25.48
CA SER A 1473 -12.40 -25.79 26.22
C SER A 1473 -11.46 -24.58 26.06
N ILE A 1474 -10.16 -24.82 26.11
CA ILE A 1474 -9.17 -23.72 25.98
C ILE A 1474 -9.27 -23.12 24.57
N ILE A 1475 -9.43 -23.97 23.56
CA ILE A 1475 -9.54 -23.49 22.14
C ILE A 1475 -10.85 -22.69 21.97
N GLY A 1476 -11.96 -23.19 22.51
CA GLY A 1476 -13.26 -22.50 22.40
C GLY A 1476 -13.26 -21.14 23.04
N MET A 1477 -12.66 -21.00 24.23
CA MET A 1477 -12.59 -19.72 24.95
C MET A 1477 -11.73 -18.69 24.19
N MET A 1478 -10.64 -19.14 23.56
CA MET A 1478 -9.76 -18.24 22.77
C MET A 1478 -10.49 -17.77 21.50
N GLU A 1479 -11.29 -18.63 20.89
CA GLU A 1479 -12.01 -18.29 19.64
C GLU A 1479 -13.14 -17.30 19.96
N PHE A 1480 -13.89 -17.51 21.04
CA PHE A 1480 -14.99 -16.60 21.45
C PHE A 1480 -14.41 -15.25 21.86
N SER A 1481 -13.16 -15.21 22.29
CA SER A 1481 -12.46 -13.94 22.62
C SER A 1481 -12.27 -13.13 21.34
N LEU A 1482 -11.94 -13.81 20.23
CA LEU A 1482 -11.81 -13.15 18.92
C LEU A 1482 -13.19 -12.72 18.41
N PHE A 1483 -14.25 -13.40 18.85
CA PHE A 1483 -15.65 -13.11 18.43
C PHE A 1483 -16.25 -11.98 19.26
N GLY A 1484 -15.54 -11.53 20.30
CA GLY A 1484 -16.07 -10.42 21.09
C GLY A 1484 -17.00 -10.90 22.21
N ILE A 1485 -16.82 -12.14 22.67
CA ILE A 1485 -17.55 -12.63 23.83
C ILE A 1485 -16.53 -13.02 24.91
N SER A 1486 -16.46 -12.15 25.91
CA SER A 1486 -15.45 -12.21 26.96
C SER A 1486 -15.83 -13.12 28.11
N TYR A 1487 -17.12 -13.31 28.33
CA TYR A 1487 -17.59 -14.09 29.46
C TYR A 1487 -17.95 -15.47 28.93
N THR A 1488 -17.00 -16.40 28.97
CA THR A 1488 -17.24 -17.74 28.44
C THR A 1488 -16.58 -18.81 29.33
N GLY A 1489 -17.14 -20.01 29.28
CA GLY A 1489 -16.48 -21.20 29.78
C GLY A 1489 -17.19 -22.48 29.34
N ALA A 1490 -16.59 -23.62 29.65
CA ALA A 1490 -17.18 -24.92 29.46
C ALA A 1490 -17.74 -25.47 30.75
N ASP A 1491 -18.60 -26.50 30.66
CA ASP A 1491 -19.14 -27.19 31.87
C ASP A 1491 -18.03 -27.98 32.54
N ILE A 1492 -17.61 -27.53 33.73
CA ILE A 1492 -16.50 -28.14 34.43
C ILE A 1492 -16.88 -29.56 34.83
N CYS A 1493 -16.02 -30.52 34.45
CA CYS A 1493 -16.13 -31.96 34.72
C CYS A 1493 -17.02 -32.68 33.70
N GLY A 1494 -17.49 -31.94 32.69
CA GLY A 1494 -18.29 -32.56 31.62
C GLY A 1494 -19.76 -32.63 31.96
N PHE A 1495 -20.61 -32.48 30.95
CA PHE A 1495 -22.08 -32.52 31.16
C PHE A 1495 -22.56 -33.94 30.97
N PHE A 1496 -22.16 -34.58 29.86
CA PHE A 1496 -22.58 -35.95 29.62
C PHE A 1496 -21.60 -36.94 30.22
N GLN A 1497 -22.10 -38.13 30.62
CA GLN A 1497 -21.29 -39.22 31.17
C GLN A 1497 -20.83 -38.93 32.60
N ASP A 1498 -20.45 -39.98 33.33
CA ASP A 1498 -19.99 -39.87 34.71
C ASP A 1498 -18.58 -39.30 34.75
N ALA A 1499 -18.38 -38.39 35.71
CA ALA A 1499 -17.07 -37.82 35.97
C ALA A 1499 -16.20 -38.85 36.68
N GLU A 1500 -14.89 -38.78 36.41
CA GLU A 1500 -13.88 -39.54 37.11
C GLU A 1500 -13.07 -38.60 38.00
N PHE A 1501 -12.61 -39.12 39.14
CA PHE A 1501 -11.99 -38.33 40.21
C PHE A 1501 -10.85 -37.46 39.69
N GLU A 1502 -9.85 -38.08 39.07
CA GLU A 1502 -8.68 -37.35 38.65
C GLU A 1502 -9.02 -36.33 37.57
N MET A 1503 -9.79 -36.74 36.56
CA MET A 1503 -10.16 -35.83 35.47
C MET A 1503 -10.87 -34.61 36.04
N CYS A 1504 -11.81 -34.83 36.96
CA CYS A 1504 -12.60 -33.79 37.58
C CYS A 1504 -11.73 -32.85 38.41
N ALA A 1505 -10.77 -33.42 39.14
CA ALA A 1505 -9.81 -32.63 39.91
C ALA A 1505 -9.04 -31.69 38.99
N ARG A 1506 -8.55 -32.19 37.86
CA ARG A 1506 -7.74 -31.39 36.97
C ARG A 1506 -8.61 -30.35 36.26
N TRP A 1507 -9.84 -30.74 35.99
CA TRP A 1507 -10.76 -29.81 35.35
C TRP A 1507 -11.15 -28.68 36.32
N MET A 1508 -11.33 -29.00 37.61
CA MET A 1508 -11.56 -27.95 38.60
C MET A 1508 -10.40 -26.95 38.59
N GLN A 1509 -9.18 -27.44 38.43
CA GLN A 1509 -7.99 -26.56 38.47
C GLN A 1509 -7.98 -25.68 37.22
N LEU A 1510 -8.28 -26.26 36.05
CA LEU A 1510 -8.39 -25.47 34.84
C LEU A 1510 -9.60 -24.51 34.89
N GLY A 1511 -10.76 -25.05 35.28
CA GLY A 1511 -12.02 -24.33 35.25
C GLY A 1511 -12.04 -23.12 36.18
N ALA A 1512 -11.17 -23.15 37.21
CA ALA A 1512 -11.08 -22.04 38.15
C ALA A 1512 -10.61 -20.78 37.45
N PHE A 1513 -10.08 -20.92 36.23
CA PHE A 1513 -9.59 -19.76 35.51
C PHE A 1513 -10.43 -19.50 34.26
N TYR A 1514 -11.61 -20.10 34.13
CA TYR A 1514 -12.58 -19.64 33.14
C TYR A 1514 -13.22 -18.34 33.59
N PRO A 1515 -13.46 -17.32 32.72
CA PRO A 1515 -14.30 -16.19 33.13
C PRO A 1515 -15.67 -16.62 33.64
N PHE A 1516 -16.32 -17.53 32.92
CA PHE A 1516 -17.55 -18.15 33.38
C PHE A 1516 -17.22 -19.54 33.91
N SER A 1517 -17.16 -19.68 35.23
CA SER A 1517 -16.64 -20.85 35.91
C SER A 1517 -17.78 -21.61 36.58
N ARG A 1518 -18.33 -22.60 35.86
CA ARG A 1518 -19.51 -23.31 36.33
C ARG A 1518 -19.31 -24.82 36.21
N ASN A 1519 -19.68 -25.52 37.27
CA ASN A 1519 -19.68 -27.02 37.25
C ASN A 1519 -21.13 -27.42 36.96
N HIS A 1520 -21.38 -28.05 35.81
CA HIS A 1520 -22.76 -28.45 35.40
C HIS A 1520 -22.75 -29.91 34.96
N ASN A 1521 -23.81 -30.67 35.27
CA ASN A 1521 -23.87 -32.11 34.96
C ASN A 1521 -25.22 -32.45 34.34
N SER A 1522 -25.30 -33.57 33.61
CA SER A 1522 -26.56 -34.02 32.98
C SER A 1522 -27.39 -34.86 33.96
N ILE A 1523 -28.61 -35.19 33.55
CA ILE A 1523 -29.53 -36.01 34.39
C ILE A 1523 -29.09 -37.47 34.35
N GLY A 1524 -29.18 -38.17 35.48
CA GLY A 1524 -28.91 -39.60 35.45
C GLY A 1524 -27.50 -39.93 35.95
N THR A 1525 -26.58 -39.00 35.76
CA THR A 1525 -25.17 -39.29 36.07
C THR A 1525 -24.88 -39.08 37.54
N ARG A 1526 -23.68 -39.48 37.97
CA ARG A 1526 -23.26 -39.31 39.38
C ARG A 1526 -22.99 -37.83 39.68
N ARG A 1527 -23.16 -37.42 40.92
CA ARG A 1527 -22.84 -36.06 41.33
C ARG A 1527 -21.36 -35.78 41.13
N GLN A 1528 -21.07 -34.59 40.60
CA GLN A 1528 -19.66 -34.20 40.29
C GLN A 1528 -19.32 -32.86 40.95
N ASP A 1529 -20.15 -32.40 41.89
CA ASP A 1529 -19.89 -31.13 42.62
C ASP A 1529 -18.74 -31.36 43.62
N PRO A 1530 -18.01 -30.34 44.10
CA PRO A 1530 -16.86 -30.57 44.98
C PRO A 1530 -17.14 -31.35 46.26
N VAL A 1531 -18.35 -31.20 46.80
CA VAL A 1531 -18.68 -31.87 48.10
C VAL A 1531 -19.34 -33.24 47.82
N SER A 1532 -18.93 -33.92 46.76
CA SER A 1532 -19.56 -35.22 46.36
C SER A 1532 -18.52 -36.34 46.32
N TRP A 1533 -17.24 -35.98 46.39
CA TRP A 1533 -16.16 -37.00 46.33
C TRP A 1533 -15.66 -37.30 47.74
N ASN A 1534 -14.44 -36.87 48.06
CA ASN A 1534 -13.86 -37.07 49.42
C ASN A 1534 -13.14 -35.79 49.88
N ASP A 1535 -12.41 -35.85 51.00
CA ASP A 1535 -11.74 -34.66 51.58
C ASP A 1535 -10.51 -34.28 50.76
N THR A 1536 -9.91 -35.23 50.04
CA THR A 1536 -8.78 -34.90 49.17
C THR A 1536 -9.29 -33.96 48.09
N PHE A 1537 -10.48 -34.23 47.56
CA PHE A 1537 -11.08 -33.36 46.52
C PHE A 1537 -11.45 -32.01 47.11
N VAL A 1538 -12.01 -32.01 48.32
CA VAL A 1538 -12.42 -30.75 48.99
C VAL A 1538 -11.18 -29.84 49.10
N ASN A 1539 -10.04 -30.41 49.44
CA ASN A 1539 -8.81 -29.61 49.63
C ASN A 1539 -8.32 -29.06 48.29
N ILE A 1540 -8.33 -29.87 47.25
CA ILE A 1540 -7.91 -29.40 45.90
C ILE A 1540 -8.88 -28.31 45.44
N SER A 1541 -10.17 -28.54 45.57
CA SER A 1541 -11.15 -27.57 45.11
C SER A 1541 -11.01 -26.27 45.88
N ARG A 1542 -10.88 -26.37 47.20
CA ARG A 1542 -10.85 -25.19 48.04
C ARG A 1542 -9.62 -24.35 47.70
N SER A 1543 -8.49 -25.02 47.56
CA SER A 1543 -7.25 -24.35 47.30
C SER A 1543 -7.31 -23.52 46.02
N VAL A 1544 -7.76 -24.13 44.93
CA VAL A 1544 -7.71 -23.50 43.63
C VAL A 1544 -8.77 -22.39 43.55
N LEU A 1545 -9.91 -22.60 44.23
CA LEU A 1545 -10.96 -21.60 44.18
C LEU A 1545 -10.58 -20.39 45.03
N GLU A 1546 -9.84 -20.60 46.11
CA GLU A 1546 -9.36 -19.47 46.89
C GLU A 1546 -8.40 -18.62 46.06
N THR A 1547 -7.60 -19.30 45.24
CA THR A 1547 -6.73 -18.57 44.35
C THR A 1547 -7.56 -17.69 43.41
N ARG A 1548 -8.62 -18.27 42.85
CA ARG A 1548 -9.47 -17.53 41.95
C ARG A 1548 -10.04 -16.29 42.63
N TYR A 1549 -10.62 -16.47 43.81
CA TYR A 1549 -11.26 -15.33 44.52
C TYR A 1549 -10.21 -14.28 44.87
N THR A 1550 -8.96 -14.66 45.10
CA THR A 1550 -7.93 -13.68 45.37
C THR A 1550 -7.74 -12.77 44.16
N LEU A 1551 -7.91 -13.30 42.94
CA LEU A 1551 -7.57 -12.58 41.72
C LEU A 1551 -8.76 -11.85 41.10
N LEU A 1552 -9.94 -11.91 41.73
CA LEU A 1552 -11.14 -11.32 41.14
C LEU A 1552 -10.94 -9.84 40.82
N PRO A 1553 -10.34 -9.00 41.69
CA PRO A 1553 -10.16 -7.61 41.29
C PRO A 1553 -9.43 -7.47 39.94
N TYR A 1554 -8.42 -8.31 39.73
CA TYR A 1554 -7.70 -8.28 38.47
C TYR A 1554 -8.61 -8.72 37.33
N LEU A 1555 -9.35 -9.81 37.54
CA LEU A 1555 -10.24 -10.34 36.53
C LEU A 1555 -11.33 -9.32 36.22
N TYR A 1556 -11.86 -8.67 37.23
CA TYR A 1556 -12.89 -7.67 37.05
C TYR A 1556 -12.38 -6.47 36.26
N THR A 1557 -11.16 -6.07 36.53
CA THR A 1557 -10.58 -4.96 35.78
C THR A 1557 -10.43 -5.36 34.31
N LEU A 1558 -10.04 -6.62 34.06
CA LEU A 1558 -9.96 -7.10 32.68
C LEU A 1558 -11.31 -7.01 31.98
N MET A 1559 -12.40 -7.41 32.66
CA MET A 1559 -13.71 -7.30 32.06
C MET A 1559 -14.04 -5.83 31.73
N HIS A 1560 -13.64 -4.92 32.61
CA HIS A 1560 -13.85 -3.50 32.35
C HIS A 1560 -13.14 -3.06 31.07
N MET A 1561 -11.91 -3.52 30.90
CA MET A 1561 -11.11 -3.11 29.77
C MET A 1561 -11.68 -3.72 28.48
N ALA A 1562 -12.20 -4.93 28.58
CA ALA A 1562 -12.88 -5.54 27.45
C ALA A 1562 -14.08 -4.68 27.06
N HIS A 1563 -14.85 -4.23 28.04
CA HIS A 1563 -16.09 -3.50 27.83
C HIS A 1563 -15.80 -2.11 27.24
N THR A 1564 -14.70 -1.48 27.65
CA THR A 1564 -14.49 -0.07 27.34
C THR A 1564 -13.53 0.07 26.16
N GLU A 1565 -12.59 -0.86 26.03
CA GLU A 1565 -11.59 -0.72 25.00
C GLU A 1565 -11.65 -1.85 23.97
N GLY A 1566 -12.27 -2.98 24.31
CA GLY A 1566 -12.27 -4.11 23.42
C GLY A 1566 -11.01 -4.94 23.54
N SER A 1567 -10.34 -4.92 24.71
CA SER A 1567 -9.28 -5.89 24.97
C SER A 1567 -9.83 -7.31 25.18
N THR A 1568 -8.98 -8.31 25.09
CA THR A 1568 -9.45 -9.69 25.31
C THR A 1568 -9.13 -10.12 26.72
N VAL A 1569 -10.01 -10.88 27.36
CA VAL A 1569 -9.74 -11.42 28.68
C VAL A 1569 -8.95 -12.73 28.56
N VAL A 1570 -9.52 -13.79 27.98
CA VAL A 1570 -8.76 -15.01 27.72
C VAL A 1570 -7.98 -14.85 26.41
N ARG A 1571 -6.68 -15.09 26.45
CA ARG A 1571 -5.81 -14.64 25.38
C ARG A 1571 -4.92 -15.81 25.00
N ALA A 1572 -4.80 -16.05 23.69
CA ALA A 1572 -3.73 -16.89 23.17
C ALA A 1572 -2.40 -16.18 23.39
N LEU A 1573 -1.33 -16.94 23.61
CA LEU A 1573 0.02 -16.39 23.74
C LEU A 1573 0.44 -15.57 22.54
N LEU A 1574 -0.02 -15.93 21.32
CA LEU A 1574 0.34 -15.17 20.15
C LEU A 1574 -0.21 -13.74 20.20
N HIS A 1575 -1.14 -13.46 21.11
CA HIS A 1575 -1.68 -12.09 21.25
C HIS A 1575 -0.64 -11.18 21.91
N GLU A 1576 0.23 -11.75 22.75
CA GLU A 1576 1.21 -10.91 23.48
C GLU A 1576 2.63 -11.16 22.94
N PHE A 1577 2.83 -12.26 22.23
CA PHE A 1577 4.17 -12.63 21.72
C PHE A 1577 4.03 -13.08 20.28
N VAL A 1578 3.56 -12.17 19.42
CA VAL A 1578 3.36 -12.51 17.97
C VAL A 1578 4.72 -12.74 17.30
N SER A 1579 5.78 -12.13 17.81
CA SER A 1579 7.13 -12.27 17.19
C SER A 1579 7.60 -13.73 17.27
N ASP A 1580 7.43 -14.39 18.42
CA ASP A 1580 7.79 -15.82 18.54
C ASP A 1580 6.79 -16.65 17.73
N ARG A 1581 7.26 -17.43 16.77
CA ARG A 1581 6.36 -18.19 15.88
C ARG A 1581 6.08 -19.52 16.57
N VAL A 1582 6.71 -19.76 17.71
CA VAL A 1582 6.41 -20.98 18.50
C VAL A 1582 5.00 -20.80 19.09
N THR A 1583 4.61 -19.55 19.36
CA THR A 1583 3.31 -19.26 20.00
C THR A 1583 2.19 -19.37 19.00
N TRP A 1584 2.51 -19.51 17.72
CA TRP A 1584 1.48 -19.54 16.65
C TRP A 1584 0.81 -20.91 16.59
N ASP A 1585 1.33 -21.90 17.30
CA ASP A 1585 0.72 -23.20 17.29
C ASP A 1585 0.41 -23.71 18.71
N LEU A 1586 0.46 -22.82 19.72
CA LEU A 1586 0.25 -23.27 21.09
C LEU A 1586 -1.23 -23.14 21.43
N ASP A 1587 -1.84 -24.21 21.92
CA ASP A 1587 -3.21 -24.08 22.39
C ASP A 1587 -3.44 -24.86 23.68
N SER A 1588 -2.35 -25.19 24.40
CA SER A 1588 -2.46 -25.97 25.62
C SER A 1588 -2.19 -25.11 26.85
N GLN A 1589 -1.80 -23.85 26.64
CA GLN A 1589 -1.65 -22.85 27.69
C GLN A 1589 -2.40 -21.60 27.28
N PHE A 1590 -2.74 -20.71 28.22
CA PHE A 1590 -3.32 -19.44 27.82
C PHE A 1590 -3.03 -18.34 28.85
N LEU A 1591 -3.36 -17.10 28.48
CA LEU A 1591 -3.22 -15.94 29.33
C LEU A 1591 -4.59 -15.40 29.77
N LEU A 1592 -4.67 -14.98 31.03
CA LEU A 1592 -5.70 -14.06 31.45
C LEU A 1592 -5.13 -12.66 31.40
N GLY A 1593 -5.64 -11.87 30.48
CA GLY A 1593 -5.06 -10.58 30.24
C GLY A 1593 -3.62 -10.71 29.78
N PRO A 1594 -2.84 -9.63 29.87
CA PRO A 1594 -1.46 -9.67 29.44
C PRO A 1594 -0.48 -10.35 30.40
N ALA A 1595 -0.88 -10.61 31.65
CA ALA A 1595 0.12 -10.84 32.67
C ALA A 1595 0.06 -12.22 33.33
N PHE A 1596 -1.01 -12.99 33.18
CA PHE A 1596 -1.18 -14.18 34.01
C PHE A 1596 -1.23 -15.43 33.14
N LEU A 1597 -0.18 -16.26 33.23
CA LEU A 1597 -0.04 -17.45 32.40
C LEU A 1597 -0.55 -18.67 33.14
N VAL A 1598 -1.44 -19.45 32.49
CA VAL A 1598 -2.00 -20.68 33.05
C VAL A 1598 -1.49 -21.87 32.23
N SER A 1599 -0.85 -22.85 32.90
CA SER A 1599 -0.26 -24.01 32.24
C SER A 1599 -0.80 -25.29 32.85
N PRO A 1600 -2.01 -25.74 32.45
CA PRO A 1600 -2.64 -26.89 33.08
C PRO A 1600 -2.14 -28.26 32.61
N VAL A 1601 -2.45 -29.29 33.39
CA VAL A 1601 -2.15 -30.70 32.98
C VAL A 1601 -3.43 -31.20 32.30
N LEU A 1602 -3.33 -31.60 31.04
CA LEU A 1602 -4.54 -32.00 30.28
C LEU A 1602 -4.48 -33.48 29.93
N GLU A 1603 -3.66 -34.25 30.64
CA GLU A 1603 -3.47 -35.70 30.35
C GLU A 1603 -3.65 -36.53 31.62
N PRO A 1604 -4.16 -37.76 31.54
CA PRO A 1604 -4.31 -38.67 32.74
C PRO A 1604 -2.98 -39.16 33.30
N ASN A 1605 -2.89 -39.36 34.62
CA ASN A 1605 -1.70 -39.96 35.28
C ASN A 1605 -0.48 -39.02 35.30
N ALA A 1606 -0.50 -37.96 34.52
CA ALA A 1606 0.64 -37.03 34.45
C ALA A 1606 0.84 -36.29 35.77
N ARG A 1607 2.10 -36.14 36.19
CA ARG A 1607 2.43 -35.38 37.42
C ARG A 1607 3.47 -34.33 37.02
N ASN A 1608 3.54 -34.02 35.73
CA ASN A 1608 4.46 -32.96 35.23
C ASN A 1608 3.81 -32.34 33.97
N VAL A 1609 4.20 -31.13 33.61
CA VAL A 1609 3.66 -30.48 32.42
C VAL A 1609 4.82 -29.82 31.69
N THR A 1610 4.89 -30.02 30.37
CA THR A 1610 5.85 -29.29 29.56
C THR A 1610 5.20 -28.01 29.06
N ALA A 1611 5.71 -26.87 29.51
CA ALA A 1611 5.12 -25.60 29.12
C ALA A 1611 6.17 -24.74 28.43
N TYR A 1612 5.71 -23.91 27.51
CA TYR A 1612 6.62 -22.95 26.85
C TYR A 1612 6.54 -21.61 27.57
N PHE A 1613 7.69 -20.96 27.73
CA PHE A 1613 7.73 -19.62 28.36
C PHE A 1613 8.27 -18.64 27.34
N PRO A 1614 7.43 -17.75 26.78
CA PRO A 1614 7.88 -16.72 25.86
C PRO A 1614 8.98 -15.82 26.46
N ARG A 1615 9.71 -15.06 25.63
CA ARG A 1615 10.83 -14.23 26.04
C ARG A 1615 10.37 -13.08 26.93
N ALA A 1616 10.25 -13.38 28.23
CA ALA A 1616 9.90 -12.43 29.27
C ALA A 1616 10.32 -13.01 30.60
N ARG A 1617 10.38 -12.13 31.59
CA ARG A 1617 10.57 -12.53 32.96
C ARG A 1617 9.28 -13.12 33.52
N TRP A 1618 9.32 -14.36 34.02
CA TRP A 1618 8.11 -15.05 34.51
C TRP A 1618 8.32 -15.47 35.96
N TYR A 1619 7.42 -15.06 36.85
CA TYR A 1619 7.51 -15.36 38.28
C TYR A 1619 6.49 -16.42 38.67
N ASP A 1620 6.91 -17.34 39.54
CA ASP A 1620 5.98 -18.33 40.06
C ASP A 1620 4.98 -17.65 40.96
N TYR A 1621 3.70 -17.84 40.67
CA TYR A 1621 2.64 -17.14 41.37
C TYR A 1621 2.69 -17.43 42.88
N TYR A 1622 2.98 -18.67 43.25
CA TYR A 1622 2.90 -19.06 44.69
C TYR A 1622 4.15 -18.69 45.49
N THR A 1623 5.31 -18.54 44.84
CA THR A 1623 6.54 -18.27 45.58
C THR A 1623 7.09 -16.87 45.30
N GLY A 1624 6.76 -16.29 44.16
CA GLY A 1624 7.26 -14.97 43.79
C GLY A 1624 8.65 -15.05 43.18
N VAL A 1625 9.12 -16.27 42.93
CA VAL A 1625 10.51 -16.46 42.40
C VAL A 1625 10.46 -16.59 40.87
N ASP A 1626 11.39 -15.94 40.18
CA ASP A 1626 11.36 -15.93 38.70
C ASP A 1626 12.06 -17.16 38.13
N ILE A 1627 11.31 -18.09 37.55
CA ILE A 1627 11.95 -19.23 36.85
C ILE A 1627 12.71 -18.59 35.68
N ASN A 1628 13.92 -19.03 35.38
CA ASN A 1628 14.69 -18.31 34.33
C ASN A 1628 14.47 -19.03 32.99
N ALA A 1629 13.34 -18.82 32.34
CA ALA A 1629 13.03 -19.53 31.08
C ALA A 1629 12.58 -18.56 30.00
N ARG A 1630 13.51 -17.95 29.27
CA ARG A 1630 13.13 -16.91 28.28
C ARG A 1630 13.21 -17.47 26.87
N GLY A 1631 12.11 -17.92 26.31
CA GLY A 1631 12.07 -18.48 24.94
C GLY A 1631 12.38 -19.94 24.98
N GLU A 1632 12.04 -20.60 26.08
CA GLU A 1632 12.44 -22.01 26.23
C GLU A 1632 11.27 -22.89 26.68
N TRP A 1633 11.35 -24.19 26.40
CA TRP A 1633 10.38 -25.15 26.95
C TRP A 1633 10.92 -25.60 28.29
N ARG A 1634 10.06 -25.93 29.24
CA ARG A 1634 10.49 -26.37 30.58
C ARG A 1634 9.45 -27.32 31.14
N ASP A 1635 9.86 -28.46 31.67
CA ASP A 1635 8.91 -29.39 32.33
C ASP A 1635 8.72 -28.89 33.77
N LEU A 1636 7.47 -28.74 34.19
CA LEU A 1636 7.19 -28.19 35.53
C LEU A 1636 6.47 -29.24 36.36
N SER A 1637 6.80 -29.33 37.64
CA SER A 1637 6.17 -30.28 38.56
C SER A 1637 4.68 -29.94 38.71
N ALA A 1638 3.82 -30.94 38.56
CA ALA A 1638 2.38 -30.70 38.60
C ALA A 1638 1.69 -31.79 39.40
N PRO A 1639 1.93 -31.92 40.72
CA PRO A 1639 1.16 -32.88 41.51
C PRO A 1639 -0.35 -32.62 41.44
N LEU A 1640 -1.15 -33.61 41.86
CA LEU A 1640 -2.58 -33.59 41.69
C LEU A 1640 -3.21 -32.37 42.37
N ASP A 1641 -2.59 -31.83 43.42
CA ASP A 1641 -3.18 -30.74 44.16
C ASP A 1641 -2.55 -29.41 43.73
N HIS A 1642 -2.00 -29.36 42.52
CA HIS A 1642 -1.29 -28.14 42.08
C HIS A 1642 -1.61 -27.73 40.65
N ILE A 1643 -1.79 -26.43 40.41
CA ILE A 1643 -1.95 -25.91 39.02
C ILE A 1643 -0.81 -24.89 38.84
N ASN A 1644 -0.12 -24.91 37.70
CA ASN A 1644 1.06 -24.03 37.49
C ASN A 1644 0.63 -22.65 37.02
N LEU A 1645 0.90 -21.61 37.81
CA LEU A 1645 0.50 -20.23 37.46
C LEU A 1645 1.75 -19.34 37.49
N HIS A 1646 1.86 -18.41 36.54
CA HIS A 1646 3.03 -17.55 36.47
C HIS A 1646 2.60 -16.15 36.10
N ILE A 1647 3.31 -15.16 36.68
CA ILE A 1647 3.02 -13.76 36.45
C ILE A 1647 4.17 -13.19 35.64
N ARG A 1648 3.82 -12.44 34.61
CA ARG A 1648 4.81 -11.84 33.75
C ARG A 1648 5.41 -10.60 34.41
N GLY A 1649 6.73 -10.41 34.30
CA GLY A 1649 7.37 -9.24 34.86
C GLY A 1649 6.97 -7.98 34.12
N GLY A 1650 6.86 -6.86 34.83
CA GLY A 1650 6.43 -5.61 34.25
C GLY A 1650 4.95 -5.33 34.53
N TYR A 1651 4.30 -6.15 35.36
CA TYR A 1651 2.87 -5.99 35.63
C TYR A 1651 2.59 -5.92 37.14
N ILE A 1652 1.55 -5.13 37.49
CA ILE A 1652 1.03 -5.01 38.85
C ILE A 1652 -0.39 -5.57 38.87
N LEU A 1653 -0.63 -6.57 39.72
CA LEU A 1653 -1.93 -7.20 39.81
C LEU A 1653 -2.62 -6.83 41.11
N PRO A 1654 -3.82 -6.22 41.07
CA PRO A 1654 -4.60 -6.05 42.29
C PRO A 1654 -5.20 -7.37 42.74
N TRP A 1655 -5.22 -7.58 44.05
CA TRP A 1655 -5.86 -8.77 44.60
C TRP A 1655 -6.57 -8.44 45.89
N GLN A 1656 -7.44 -9.34 46.31
CA GLN A 1656 -8.13 -9.16 47.57
C GLN A 1656 -8.28 -10.49 48.29
N GLU A 1657 -8.41 -10.43 49.61
CA GLU A 1657 -8.47 -11.63 50.44
C GLU A 1657 -9.72 -12.43 50.12
N PRO A 1658 -9.61 -13.76 49.91
CA PRO A 1658 -10.79 -14.55 49.56
C PRO A 1658 -11.74 -14.69 50.76
N ALA A 1659 -13.02 -14.99 50.48
CA ALA A 1659 -14.04 -15.29 51.49
C ALA A 1659 -15.03 -16.29 50.93
N GLN A 1660 -16.13 -16.56 51.65
CA GLN A 1660 -17.10 -17.61 51.21
C GLN A 1660 -17.72 -17.21 49.87
N ASN A 1661 -17.95 -15.92 49.67
CA ASN A 1661 -18.48 -15.44 48.41
C ASN A 1661 -18.07 -13.98 48.20
N THR A 1662 -18.45 -13.38 47.07
CA THR A 1662 -17.91 -12.07 46.70
C THR A 1662 -18.45 -10.99 47.63
N TYR A 1663 -19.63 -11.22 48.20
CA TYR A 1663 -20.23 -10.28 49.12
C TYR A 1663 -19.32 -10.04 50.32
N PHE A 1664 -18.81 -11.11 50.94
CA PHE A 1664 -17.91 -11.02 52.07
C PHE A 1664 -16.48 -10.64 51.64
N SER A 1665 -16.01 -11.13 50.50
CA SER A 1665 -14.64 -10.88 50.05
C SER A 1665 -14.41 -9.40 49.79
N ARG A 1666 -15.43 -8.70 49.32
CA ARG A 1666 -15.27 -7.31 48.93
C ARG A 1666 -15.07 -6.44 50.16
N GLN A 1667 -15.36 -6.97 51.35
CA GLN A 1667 -15.21 -6.23 52.58
C GLN A 1667 -13.82 -6.42 53.17
N LYS A 1668 -12.97 -7.26 52.57
CA LYS A 1668 -11.66 -7.58 53.13
C LYS A 1668 -10.58 -6.65 52.59
N PHE A 1669 -9.32 -6.83 53.02
CA PHE A 1669 -8.21 -5.98 52.60
C PHE A 1669 -7.78 -6.29 51.16
N MET A 1670 -7.32 -5.26 50.45
N MET A 1670 -7.40 -5.23 50.44
CA MET A 1670 -6.85 -5.46 49.08
CA MET A 1670 -6.82 -5.33 49.11
C MET A 1670 -5.36 -5.16 48.99
C MET A 1670 -5.32 -5.62 49.21
N GLY A 1671 -4.70 -5.83 48.06
CA GLY A 1671 -3.27 -5.85 47.96
C GLY A 1671 -2.80 -5.75 46.51
N PHE A 1672 -1.47 -5.60 46.37
CA PHE A 1672 -0.83 -5.58 45.06
C PHE A 1672 0.31 -6.58 45.01
N LYS A 1673 0.32 -7.40 43.96
CA LYS A 1673 1.49 -8.18 43.59
C LYS A 1673 2.23 -7.43 42.48
N VAL A 1674 3.44 -6.98 42.79
CA VAL A 1674 4.19 -6.15 41.87
C VAL A 1674 5.33 -6.99 41.32
N ALA A 1675 5.22 -7.40 40.04
CA ALA A 1675 6.25 -8.21 39.39
C ALA A 1675 7.11 -7.30 38.51
N LEU A 1676 8.36 -7.06 38.93
CA LEU A 1676 9.26 -6.15 38.23
C LEU A 1676 9.84 -6.83 37.01
N ASP A 1677 10.01 -6.07 35.92
CA ASP A 1677 10.69 -6.59 34.74
C ASP A 1677 12.19 -6.40 34.89
N ASP A 1678 12.95 -6.72 33.85
CA ASP A 1678 14.44 -6.67 33.92
C ASP A 1678 14.90 -5.24 34.27
N ASP A 1679 14.15 -4.23 33.86
CA ASP A 1679 14.54 -2.85 34.10
C ASP A 1679 14.05 -2.36 35.45
N GLY A 1680 13.43 -3.24 36.25
CA GLY A 1680 12.93 -2.85 37.56
C GLY A 1680 11.69 -1.95 37.48
N THR A 1681 10.88 -2.08 36.41
CA THR A 1681 9.64 -1.33 36.26
C THR A 1681 8.43 -2.28 36.23
N ALA A 1682 7.25 -1.74 36.54
CA ALA A 1682 5.98 -2.45 36.40
C ALA A 1682 4.84 -1.44 36.27
N GLU A 1683 3.76 -1.88 35.61
CA GLU A 1683 2.54 -1.10 35.46
C GLU A 1683 1.31 -1.96 35.70
N GLY A 1684 0.21 -1.34 36.16
CA GLY A 1684 -1.06 -2.03 36.30
C GLY A 1684 -2.24 -1.10 36.52
N TRP A 1685 -3.45 -1.66 36.52
CA TRP A 1685 -4.69 -0.91 36.62
C TRP A 1685 -5.61 -1.50 37.67
N LEU A 1686 -6.52 -0.66 38.17
CA LEU A 1686 -7.60 -1.12 39.01
C LEU A 1686 -8.85 -0.34 38.66
N PHE A 1687 -9.89 -1.08 38.30
CA PHE A 1687 -11.22 -0.51 38.18
C PHE A 1687 -12.05 -1.01 39.36
N TRP A 1688 -12.78 -0.10 39.99
CA TRP A 1688 -13.61 -0.47 41.14
C TRP A 1688 -14.90 0.32 41.17
N ASP A 1689 -16.02 -0.37 41.42
CA ASP A 1689 -17.35 0.21 41.54
C ASP A 1689 -18.14 -0.62 42.54
N ASP A 1690 -19.47 -0.45 42.59
CA ASP A 1690 -20.27 -1.20 43.54
C ASP A 1690 -20.51 -2.65 43.09
N GLY A 1691 -20.17 -2.94 41.81
CA GLY A 1691 -20.12 -4.30 41.30
C GLY A 1691 -21.50 -4.83 40.90
N GLN A 1692 -22.51 -3.99 40.78
CA GLN A 1692 -23.85 -4.54 40.51
C GLN A 1692 -24.80 -3.52 39.87
N SER A 1693 -24.54 -2.22 39.99
CA SER A 1693 -25.47 -1.23 39.50
C SER A 1693 -25.41 -1.11 37.97
N ILE A 1694 -26.45 -0.55 37.35
CA ILE A 1694 -26.49 -0.34 35.91
C ILE A 1694 -25.63 0.88 35.52
N ASP A 1695 -24.79 0.74 34.47
CA ASP A 1695 -24.13 1.85 33.79
C ASP A 1695 -23.25 2.68 34.73
N THR A 1696 -22.51 2.00 35.60
CA THR A 1696 -21.73 2.71 36.61
C THR A 1696 -20.69 3.58 35.91
N TYR A 1697 -20.11 3.12 34.80
CA TYR A 1697 -19.07 3.90 34.15
C TYR A 1697 -19.68 5.05 33.35
N GLU A 1698 -20.84 4.80 32.75
CA GLU A 1698 -21.52 5.82 31.95
C GLU A 1698 -22.03 6.95 32.84
N GLN A 1699 -22.43 6.66 34.08
CA GLN A 1699 -22.97 7.64 35.02
C GLN A 1699 -21.92 8.15 36.00
N GLY A 1700 -20.69 7.63 35.89
CA GLY A 1700 -19.54 8.20 36.60
C GLY A 1700 -19.47 7.87 38.09
N LEU A 1701 -19.97 6.70 38.53
CA LEU A 1701 -19.83 6.25 39.92
C LEU A 1701 -18.85 5.08 40.03
N TYR A 1702 -17.56 5.34 39.84
CA TYR A 1702 -16.54 4.31 39.89
C TYR A 1702 -15.17 4.90 40.24
N TYR A 1703 -14.21 4.03 40.53
CA TYR A 1703 -12.80 4.37 40.75
C TYR A 1703 -11.95 3.76 39.65
N LEU A 1704 -11.11 4.57 39.02
CA LEU A 1704 -10.18 4.05 38.02
C LEU A 1704 -8.80 4.66 38.24
N ALA A 1705 -7.79 3.80 38.32
CA ALA A 1705 -6.45 4.27 38.60
C ALA A 1705 -5.41 3.44 37.86
N ASN A 1706 -4.28 4.07 37.54
CA ASN A 1706 -3.13 3.29 37.08
C ASN A 1706 -1.97 3.44 38.07
N PHE A 1707 -1.20 2.35 38.19
CA PHE A 1707 -0.12 2.21 39.16
C PHE A 1707 1.17 1.90 38.43
N SER A 1708 2.28 2.53 38.87
CA SER A 1708 3.54 2.34 38.20
C SER A 1708 4.70 2.30 39.19
N VAL A 1709 5.71 1.51 38.82
CA VAL A 1709 6.93 1.40 39.58
C VAL A 1709 8.10 1.75 38.68
N SER A 1710 8.95 2.63 39.20
CA SER A 1710 10.24 2.95 38.60
C SER A 1710 11.18 3.46 39.69
N GLN A 1711 12.45 3.05 39.63
CA GLN A 1711 13.50 3.53 40.53
C GLN A 1711 13.08 3.33 41.99
N ASN A 1712 12.54 2.15 42.29
CA ASN A 1712 12.23 1.74 43.67
C ASN A 1712 11.09 2.57 44.27
N THR A 1713 10.27 3.22 43.44
CA THR A 1713 9.10 3.95 43.92
C THR A 1713 7.86 3.52 43.15
N MET A 1714 6.83 3.12 43.90
CA MET A 1714 5.53 2.80 43.34
C MET A 1714 4.60 4.00 43.49
N GLN A 1715 4.00 4.42 42.37
CA GLN A 1715 3.12 5.57 42.37
C GLN A 1715 1.71 5.21 41.92
N SER A 1716 0.72 5.88 42.50
CA SER A 1716 -0.67 5.72 42.10
C SER A 1716 -1.08 6.96 41.32
N HIS A 1717 -1.68 6.75 40.15
CA HIS A 1717 -2.25 7.84 39.36
C HIS A 1717 -3.75 7.64 39.17
N VAL A 1718 -4.56 8.38 39.93
CA VAL A 1718 -6.01 8.23 39.87
C VAL A 1718 -6.54 8.97 38.65
N ILE A 1719 -7.15 8.23 37.72
CA ILE A 1719 -7.71 8.79 36.51
C ILE A 1719 -9.10 9.36 36.81
N PHE A 1720 -9.89 8.65 37.62
CA PHE A 1720 -11.22 9.11 37.99
C PHE A 1720 -11.65 8.48 39.32
N ASN A 1721 -12.33 9.24 40.21
CA ASN A 1721 -12.84 8.68 41.46
C ASN A 1721 -14.06 9.44 41.99
N LYS A 1722 -15.23 8.81 41.90
CA LYS A 1722 -16.43 9.33 42.52
C LYS A 1722 -17.12 8.21 43.27
N TYR A 1723 -16.34 7.19 43.63
CA TYR A 1723 -16.90 6.04 44.31
C TYR A 1723 -16.20 5.80 45.65
N ILE A 1724 -14.89 5.61 45.63
CA ILE A 1724 -14.17 5.34 46.87
C ILE A 1724 -13.98 6.65 47.62
N SER A 1725 -14.37 6.67 48.89
CA SER A 1725 -14.33 7.85 49.73
C SER A 1725 -14.07 7.45 51.17
N ASP A 1726 -13.93 8.42 52.07
CA ASP A 1726 -13.76 8.12 53.49
C ASP A 1726 -15.01 7.45 54.05
N ALA A 1727 -16.18 7.79 53.51
CA ALA A 1727 -17.44 7.17 53.93
C ALA A 1727 -17.59 5.76 53.37
N ASN A 1728 -16.89 5.47 52.25
CA ASN A 1728 -16.94 4.16 51.61
C ASN A 1728 -15.51 3.70 51.27
N PRO A 1729 -14.67 3.36 52.28
CA PRO A 1729 -13.25 3.08 52.02
C PRO A 1729 -13.00 1.72 51.39
N LEU A 1730 -11.97 1.67 50.53
CA LEU A 1730 -11.36 0.41 50.09
C LEU A 1730 -9.99 0.27 50.76
N LYS A 1731 -9.89 -0.68 51.69
CA LYS A 1731 -8.75 -0.76 52.58
C LYS A 1731 -7.59 -1.48 51.92
N LEU A 1732 -6.42 -0.80 51.86
CA LEU A 1732 -5.18 -1.36 51.36
C LEU A 1732 -4.41 -2.02 52.49
N GLY A 1733 -3.98 -3.26 52.27
CA GLY A 1733 -3.38 -4.03 53.34
C GLY A 1733 -1.98 -4.54 52.99
N TYR A 1734 -1.76 -4.97 51.73
CA TYR A 1734 -0.57 -5.73 51.42
C TYR A 1734 0.02 -5.32 50.07
N ILE A 1735 1.35 -5.16 50.05
CA ILE A 1735 2.09 -4.94 48.81
C ILE A 1735 3.26 -5.90 48.77
N GLU A 1736 3.28 -6.75 47.72
CA GLU A 1736 4.35 -7.71 47.50
C GLU A 1736 5.10 -7.35 46.24
N ILE A 1737 6.38 -7.03 46.41
CA ILE A 1737 7.21 -6.64 45.28
C ILE A 1737 8.17 -7.79 44.98
N TRP A 1738 8.17 -8.26 43.72
CA TRP A 1738 9.02 -9.35 43.26
C TRP A 1738 10.13 -8.81 42.36
N GLY A 1739 11.34 -9.37 42.54
CA GLY A 1739 12.51 -9.00 41.76
C GLY A 1739 13.17 -7.70 42.22
N VAL A 1740 13.15 -7.41 43.53
CA VAL A 1740 13.69 -6.16 44.08
C VAL A 1740 15.22 -6.22 44.16
N GLY A 1741 15.80 -7.38 43.83
CA GLY A 1741 17.24 -7.56 43.89
C GLY A 1741 17.68 -8.20 45.20
N SER A 1742 18.98 -8.54 45.30
CA SER A 1742 19.52 -9.32 46.41
C SER A 1742 20.01 -8.44 47.56
N ALA A 1743 20.28 -7.16 47.26
CA ALA A 1743 20.78 -6.22 48.28
C ALA A 1743 19.73 -6.06 49.37
N PRO A 1744 20.10 -5.99 50.66
CA PRO A 1744 19.11 -5.91 51.77
C PRO A 1744 18.28 -4.65 51.61
N ILE A 1745 17.03 -4.68 52.07
CA ILE A 1745 16.17 -3.48 52.03
C ILE A 1745 16.25 -2.82 53.42
N SER A 1746 16.65 -1.55 53.47
CA SER A 1746 16.82 -0.89 54.79
C SER A 1746 15.51 -0.25 55.24
N SER A 1747 14.89 0.56 54.37
CA SER A 1747 13.70 1.29 54.80
C SER A 1747 12.59 1.23 53.73
N VAL A 1748 11.32 1.24 54.19
CA VAL A 1748 10.13 1.35 53.34
C VAL A 1748 9.25 2.47 53.89
N SER A 1749 8.82 3.41 53.02
CA SER A 1749 7.95 4.52 53.41
C SER A 1749 6.75 4.66 52.47
N ILE A 1750 5.59 4.97 53.06
CA ILE A 1750 4.35 5.16 52.25
C ILE A 1750 3.91 6.63 52.36
N SER A 1751 3.64 7.28 51.23
CA SER A 1751 3.11 8.67 51.24
C SER A 1751 1.59 8.59 51.04
N ALA A 1752 0.82 9.06 52.03
CA ALA A 1752 -0.66 8.94 51.95
C ALA A 1752 -1.32 10.12 52.63
N SER A 1753 -2.19 10.83 51.92
CA SER A 1753 -2.93 11.97 52.55
C SER A 1753 -1.93 12.90 53.22
N GLY A 1754 -0.87 13.28 52.49
CA GLY A 1754 0.15 14.19 53.04
C GLY A 1754 0.64 13.68 54.38
N GLU A 1755 0.85 12.36 54.51
CA GLU A 1755 1.40 11.79 55.76
C GLU A 1755 2.37 10.67 55.38
N VAL A 1756 3.44 10.48 56.15
CA VAL A 1756 4.38 9.37 55.86
C VAL A 1756 4.09 8.23 56.84
N ILE A 1757 3.77 7.04 56.32
CA ILE A 1757 3.52 5.86 57.18
C ILE A 1757 4.68 4.89 56.99
N THR A 1758 5.33 4.47 58.08
CA THR A 1758 6.37 3.45 58.00
C THR A 1758 5.72 2.10 58.22
N PRO A 1759 5.55 1.26 57.17
CA PRO A 1759 4.91 -0.03 57.36
C PRO A 1759 5.85 -1.12 57.89
N ILE A 1760 5.29 -2.27 58.29
CA ILE A 1760 6.03 -3.49 58.61
C ILE A 1760 6.42 -4.19 57.31
N PHE A 1761 7.71 -4.50 57.10
CA PHE A 1761 8.14 -5.15 55.87
C PHE A 1761 9.15 -6.26 56.16
N ILE A 1762 9.14 -7.32 55.33
CA ILE A 1762 10.13 -8.37 55.36
C ILE A 1762 10.66 -8.59 53.94
N HIS A 1763 12.00 -8.59 53.82
CA HIS A 1763 12.68 -8.83 52.56
C HIS A 1763 13.47 -10.13 52.64
N ASP A 1764 13.24 -11.04 51.67
CA ASP A 1764 14.03 -12.26 51.52
C ASP A 1764 15.01 -12.10 50.37
N SER A 1765 16.31 -11.95 50.70
CA SER A 1765 17.34 -11.67 49.71
C SER A 1765 17.52 -12.84 48.73
N ALA A 1766 17.28 -14.08 49.18
CA ALA A 1766 17.43 -15.26 48.35
C ALA A 1766 16.37 -15.30 47.25
N THR A 1767 15.09 -15.04 47.62
CA THR A 1767 14.00 -15.11 46.67
C THR A 1767 13.76 -13.74 46.04
N GLN A 1768 14.38 -12.70 46.62
CA GLN A 1768 14.27 -11.34 46.12
C GLN A 1768 12.82 -10.85 46.21
N VAL A 1769 12.12 -11.21 47.29
CA VAL A 1769 10.74 -10.83 47.47
C VAL A 1769 10.64 -9.90 48.69
N LEU A 1770 9.99 -8.73 48.51
CA LEU A 1770 9.73 -7.77 49.55
C LEU A 1770 8.24 -7.75 49.89
N ASN A 1771 7.91 -8.09 51.14
CA ASN A 1771 6.54 -8.11 51.61
C ASN A 1771 6.30 -6.94 52.55
N ILE A 1772 5.33 -6.10 52.21
CA ILE A 1772 4.99 -4.92 52.99
C ILE A 1772 3.58 -5.08 53.56
N ASN A 1773 3.43 -4.89 54.88
CA ASN A 1773 2.15 -5.05 55.56
C ASN A 1773 1.67 -3.70 56.09
N VAL A 1774 0.53 -3.22 55.61
CA VAL A 1774 0.03 -1.92 56.00
C VAL A 1774 -1.33 -2.04 56.69
N THR A 1775 -1.64 -3.22 57.23
CA THR A 1775 -2.96 -3.44 57.80
C THR A 1775 -3.18 -2.57 59.05
N ASN A 1776 -2.11 -2.16 59.74
CA ASN A 1776 -2.21 -1.42 61.00
C ASN A 1776 -2.53 0.06 60.75
N GLY A 1777 -2.27 0.56 59.53
CA GLY A 1777 -2.34 1.98 59.22
C GLY A 1777 -3.69 2.44 58.68
N ASN A 1778 -4.70 1.56 58.63
CA ASN A 1778 -6.07 1.95 58.28
C ASN A 1778 -6.09 2.73 56.97
N LEU A 1779 -5.33 2.29 55.96
CA LEU A 1779 -5.15 3.11 54.78
C LEU A 1779 -6.18 2.73 53.72
N SER A 1780 -7.02 3.69 53.37
CA SER A 1780 -7.91 3.53 52.23
C SER A 1780 -7.14 3.79 50.94
N LEU A 1781 -7.47 3.06 49.90
CA LEU A 1781 -6.70 3.09 48.65
C LEU A 1781 -6.68 4.49 48.03
N HIS A 1782 -7.77 5.28 48.11
CA HIS A 1782 -7.83 6.59 47.47
C HIS A 1782 -6.90 7.61 48.13
N ASN A 1783 -6.40 7.30 49.35
CA ASN A 1783 -5.46 8.16 50.06
C ASN A 1783 -4.00 7.78 49.75
N PHE A 1784 -3.78 6.61 49.13
CA PHE A 1784 -2.44 6.12 48.82
C PHE A 1784 -1.86 6.88 47.63
N SER A 1785 -0.67 7.49 47.81
CA SER A 1785 -0.02 8.25 46.75
C SER A 1785 1.18 7.48 46.19
N SER A 1786 2.13 7.11 47.06
CA SER A 1786 3.36 6.47 46.63
C SER A 1786 3.98 5.64 47.75
N LEU A 1787 4.74 4.61 47.35
CA LEU A 1787 5.55 3.77 48.23
C LEU A 1787 6.99 3.75 47.72
N THR A 1788 7.97 4.01 48.61
CA THR A 1788 9.39 4.02 48.24
C THR A 1788 10.17 3.07 49.14
N TRP A 1789 11.09 2.28 48.55
CA TRP A 1789 11.99 1.42 49.29
C TRP A 1789 13.43 1.75 48.93
N THR A 1790 14.32 1.63 49.92
CA THR A 1790 15.75 1.99 49.73
C THR A 1790 16.62 0.82 50.09
N SER A 1791 17.61 0.53 49.24
CA SER A 1791 18.46 -0.68 49.44
C SER A 1791 19.73 -0.35 50.23
N ALA A 1792 20.37 -1.38 50.78
CA ALA A 1792 21.62 -1.19 51.55
C ALA A 1792 22.78 -0.91 50.58
N PRO A 1793 23.54 0.18 50.77
CA PRO A 1793 24.71 0.50 49.90
C PRO A 1793 25.88 -0.43 50.22
C2 BGC B . 35.84 19.83 -9.31
C3 BGC B . 36.31 20.85 -10.27
C4 BGC B . 37.74 20.59 -10.57
C5 BGC B . 37.90 19.19 -11.12
C6 BGC B . 39.33 18.77 -11.19
C1 BGC B . 35.93 18.49 -9.93
O1 BGC B . 35.54 17.54 -9.03
O2 BGC B . 34.50 20.06 -8.92
O3 BGC B . 36.22 22.13 -9.70
O4 BGC B . 38.17 21.49 -11.55
O5 BGC B . 37.28 18.24 -10.24
O6 BGC B . 39.50 17.66 -10.37
C1 GLC B . 39.20 22.35 -11.19
C2 GLC B . 38.83 23.65 -11.80
C3 GLC B . 38.87 23.52 -13.28
C4 GLC B . 40.22 23.04 -13.72
C5 GLC B . 40.40 21.69 -13.10
C6 GLC B . 41.70 21.03 -13.44
O2 GLC B . 37.56 24.02 -11.30
O3 GLC B . 38.64 24.81 -13.80
O4 GLC B . 40.28 22.94 -15.13
O5 GLC B . 40.43 21.91 -11.71
O6 GLC B . 41.49 19.65 -13.66
C1 GLC B . 41.36 23.48 -15.85
C2 GLC B . 41.01 24.64 -16.74
C3 GLC B . 40.33 24.25 -18.03
C4 GLC B . 40.94 23.03 -18.68
C5 GLC B . 41.09 21.96 -17.66
C6 GLC B . 41.82 20.79 -18.18
O2 GLC B . 40.19 25.56 -16.04
O3 GLC B . 40.42 25.35 -18.93
O4 GLC B . 40.07 22.55 -19.68
O5 GLC B . 41.91 22.44 -16.61
O6 GLC B . 41.76 19.78 -17.20
C1 AC1 B . 40.39 22.57 -21.03
O2 AC1 B . 38.91 24.39 -21.47
C2 AC1 B . 39.26 23.07 -21.86
C4A AC1 B . 37.54 16.97 -25.16
C3 AC1 B . 38.11 22.08 -21.76
O3 AC1 B . 36.99 22.49 -22.48
C4 AC1 B . 38.62 20.78 -22.37
N4A AC1 B . 37.56 19.81 -22.62
C5 AC1 B . 39.76 20.29 -21.47
O5 AC1 B . 40.78 21.28 -21.51
C6 AC1 B . 40.39 19.00 -21.87
C1B AC1 B . 37.06 19.65 -24.00
C2B AC1 B . 36.00 18.56 -24.15
O2B AC1 B . 34.94 18.78 -23.21
C3B AC1 B . 36.63 17.20 -23.99
O3B AC1 B . 35.69 16.17 -23.93
O4 AC1 B . 38.27 15.78 -24.94
C5B AC1 B . 38.47 18.14 -25.31
C7B AC1 B . 38.16 19.38 -24.98
C6B AC1 B . 39.78 17.79 -25.94
O6B AC1 B . 39.55 17.37 -27.24
C2 BGC C . -20.01 -38.94 20.99
C3 BGC C . -21.47 -38.96 20.55
C4 BGC C . -22.40 -38.67 21.72
C5 BGC C . -21.97 -37.39 22.42
C6 BGC C . -22.76 -37.09 23.67
C1 BGC C . -19.68 -37.68 21.75
O1 BGC C . -18.38 -37.77 22.24
O2 BGC C . -19.15 -39.09 19.88
O3 BGC C . -21.78 -40.23 19.97
O4 BGC C . -23.75 -38.57 21.27
O5 BGC C . -20.60 -37.51 22.84
O6 BGC C . -22.73 -38.16 24.60
C1 GLC C . -24.64 -39.52 21.77
C2 GLC C . -25.73 -39.86 20.76
C3 GLC C . -27.02 -39.03 20.90
C4 GLC C . -27.35 -38.66 22.33
C5 GLC C . -26.11 -38.10 22.98
C6 GLC C . -26.32 -37.62 24.40
O2 GLC C . -25.22 -39.75 19.44
O3 GLC C . -28.10 -39.77 20.33
O4 GLC C . -28.38 -37.68 22.37
O5 GLC C . -25.14 -39.16 23.05
O6 GLC C . -25.51 -38.33 25.31
C1 GLC C . -29.65 -38.04 22.81
C2 GLC C . -30.69 -37.23 22.07
C3 GLC C . -30.52 -35.74 22.35
C4 GLC C . -30.53 -35.49 23.86
C5 GLC C . -29.56 -36.42 24.58
C6 GLC C . -29.71 -36.35 26.08
O2 GLC C . -30.62 -37.51 20.67
O3 GLC C . -31.57 -35.02 21.72
O4 GLC C . -30.13 -34.15 24.10
O5 GLC C . -29.80 -37.78 24.20
O6 GLC C . -29.09 -37.47 26.71
C1 AC1 C . -31.06 -33.27 24.67
O2 AC1 C . -30.88 -32.11 22.56
C2 AC1 C . -31.00 -31.93 23.96
C4A AC1 C . -29.35 -28.09 29.80
C3 AC1 C . -29.85 -31.08 24.48
O3 AC1 C . -29.89 -29.77 23.93
C4 AC1 C . -29.92 -31.02 26.01
N4A AC1 C . -28.98 -30.05 26.58
C5 AC1 C . -29.78 -32.44 26.55
O5 AC1 C . -30.92 -33.18 26.10
C6 AC1 C . -29.75 -32.56 28.07
C1B AC1 C . -29.55 -28.73 26.93
C2B AC1 C . -28.55 -27.72 27.46
O2B AC1 C . -27.43 -27.63 26.58
C3B AC1 C . -28.13 -28.10 28.88
O3B AC1 C . -27.16 -27.18 29.37
O4 AC1 C . -29.00 -28.64 31.07
C5B AC1 C . -30.50 -28.85 29.20
C7B AC1 C . -30.70 -28.91 27.88
C6B AC1 C . -31.43 -29.53 30.16
O6B AC1 C . -32.60 -28.77 30.39
C1 NAG D . 48.11 34.76 -37.22
C2 NAG D . 48.91 35.40 -38.37
C3 NAG D . 49.87 36.45 -37.83
C4 NAG D . 49.23 37.45 -36.85
C5 NAG D . 48.28 36.75 -35.89
C6 NAG D . 47.37 37.73 -35.18
C7 NAG D . 49.53 34.29 -40.51
C8 NAG D . 48.49 35.12 -41.22
N2 NAG D . 49.66 34.47 -39.18
O3 NAG D . 50.41 37.16 -38.94
O4 NAG D . 50.29 38.05 -36.07
O5 NAG D . 47.41 35.82 -36.57
O6 NAG D . 46.57 38.45 -36.12
O7 NAG D . 50.24 33.50 -41.11
C1 NAG D . 50.45 39.42 -35.87
C2 NAG D . 51.22 39.58 -34.56
C3 NAG D . 51.90 40.95 -34.42
C4 NAG D . 52.56 41.42 -35.72
C5 NAG D . 51.54 41.36 -36.84
C6 NAG D . 52.06 41.82 -38.18
C7 NAG D . 50.73 39.08 -32.19
C8 NAG D . 49.65 39.09 -31.13
N2 NAG D . 50.33 39.39 -33.43
O3 NAG D . 52.87 40.87 -33.38
O4 NAG D . 53.03 42.75 -35.55
O5 NAG D . 51.13 39.98 -37.00
O6 NAG D . 51.05 41.76 -39.19
O7 NAG D . 51.88 38.79 -31.92
C1 NAG E . 34.76 -13.23 -14.35
C2 NAG E . 34.96 -13.86 -12.97
C3 NAG E . 35.64 -15.23 -13.07
C4 NAG E . 34.98 -16.13 -14.10
C5 NAG E . 34.85 -15.39 -15.43
C6 NAG E . 34.12 -16.18 -16.50
C7 NAG E . 35.22 -12.58 -10.88
C8 NAG E . 36.17 -11.78 -10.03
N2 NAG E . 35.72 -13.05 -12.03
O3 NAG E . 35.60 -15.84 -11.78
O4 NAG E . 35.79 -17.31 -14.27
O5 NAG E . 34.12 -14.16 -15.24
O6 NAG E . 32.78 -16.53 -16.12
O7 NAG E . 34.07 -12.79 -10.51
C1 NAG E . 35.31 -18.59 -14.00
C2 NAG E . 36.39 -19.61 -14.38
C3 NAG E . 35.95 -21.02 -14.01
C4 NAG E . 35.51 -21.10 -12.54
C5 NAG E . 34.46 -20.04 -12.25
C6 NAG E . 34.05 -19.95 -10.79
C7 NAG E . 37.89 -19.06 -16.26
C8 NAG E . 38.05 -19.08 -17.75
N2 NAG E . 36.72 -19.53 -15.78
O3 NAG E . 37.00 -21.94 -14.26
O4 NAG E . 34.96 -22.40 -12.28
O5 NAG E . 34.97 -18.74 -12.62
O6 NAG E . 35.16 -19.61 -9.95
O7 NAG E . 38.77 -18.62 -15.53
C1 NAG F . -2.02 -7.54 -41.46
C2 NAG F . -2.34 -7.66 -42.95
C3 NAG F . -2.84 -6.32 -43.50
C4 NAG F . -4.02 -5.80 -42.67
C5 NAG F . -3.65 -5.78 -41.19
C6 NAG F . -4.83 -5.48 -40.27
C7 NAG F . 0.01 -7.89 -43.88
C8 NAG F . 0.36 -6.47 -43.56
N2 NAG F . -1.27 -8.29 -43.71
O3 NAG F . -3.19 -6.50 -44.86
O4 NAG F . -4.32 -4.47 -43.10
O5 NAG F . -3.16 -7.06 -40.76
O6 NAG F . -5.81 -6.52 -40.34
O7 NAG F . 0.85 -8.68 -44.30
C1 NAG F . -5.63 -4.06 -43.41
C2 NAG F . -5.67 -2.54 -43.48
C3 NAG F . -7.05 -2.05 -43.91
C4 NAG F . -7.52 -2.75 -45.19
C5 NAG F . -7.39 -4.27 -45.06
C6 NAG F . -7.66 -5.01 -46.35
C7 NAG F . -5.85 -1.84 -41.09
C8 NAG F . -5.14 -1.10 -39.99
N2 NAG F . -5.21 -1.88 -42.27
O3 NAG F . -7.00 -0.65 -44.11
O4 NAG F . -8.89 -2.43 -45.41
O5 NAG F . -6.04 -4.62 -44.66
O6 NAG F . -6.71 -4.64 -47.36
O7 NAG F . -6.93 -2.40 -40.91
C1 NAG G . -35.97 -34.82 47.51
C2 NAG G . -36.78 -35.53 48.59
C3 NAG G . -35.98 -36.61 49.32
C4 NAG G . -35.18 -37.50 48.38
C5 NAG G . -34.42 -36.65 47.36
C6 NAG G . -33.70 -37.48 46.31
C7 NAG G . -38.58 -34.29 49.72
C8 NAG G . -38.88 -33.21 50.71
N2 NAG G . -37.29 -34.59 49.58
O3 NAG G . -36.89 -37.38 50.09
O4 NAG G . -34.25 -38.27 49.16
O5 NAG G . -35.35 -35.79 46.67
O6 NAG G . -34.62 -38.32 45.57
O7 NAG G . -39.47 -34.87 49.09
C1 NAG G . -34.23 -39.67 49.11
C2 NAG G . -32.88 -40.19 49.59
C3 NAG G . -32.91 -41.71 49.79
C4 NAG G . -34.12 -42.18 50.57
C5 NAG G . -35.39 -41.60 49.96
C6 NAG G . -36.67 -41.93 50.73
C7 NAG G . -30.81 -39.02 48.90
C8 NAG G . -29.80 -38.86 47.80
N2 NAG G . -31.82 -39.87 48.65
O3 NAG G . -31.71 -42.09 50.47
O4 NAG G . -34.17 -43.60 50.55
O5 NAG G . -35.29 -40.15 49.94
O6 NAG G . -37.82 -41.36 50.10
O7 NAG G . -30.71 -38.40 49.96
C1 FUC G . -34.13 -39.58 45.15
C2 FUC G . -35.34 -40.47 44.86
C3 FUC G . -36.10 -40.02 43.61
C4 FUC G . -35.16 -39.82 42.43
C5 FUC G . -34.02 -38.89 42.83
C6 FUC G . -32.98 -38.70 41.74
O2 FUC G . -36.21 -40.51 45.99
O3 FUC G . -37.10 -40.99 43.27
O4 FUC G . -34.64 -41.10 42.01
O5 FUC G . -33.33 -39.43 43.99
C1 NAG H . -52.19 -30.64 21.54
C2 NAG H . -53.29 -31.67 21.36
C3 NAG H . -53.61 -31.92 19.89
C4 NAG H . -53.75 -30.61 19.11
C5 NAG H . -52.55 -29.70 19.38
C6 NAG H . -52.62 -28.35 18.72
C7 NAG H . -53.33 -33.30 23.19
C8 NAG H . -52.92 -34.68 23.62
N2 NAG H . -52.88 -32.91 22.00
O3 NAG H . -54.79 -32.70 19.84
O4 NAG H . -53.80 -30.90 17.71
O5 NAG H . -52.48 -29.47 20.79
O6 NAG H . -53.72 -27.59 19.18
O7 NAG H . -54.06 -32.59 23.88
C1 NAG H . -54.93 -30.50 17.00
C2 NAG H . -54.71 -30.43 15.50
C3 NAG H . -56.02 -30.06 14.81
C4 NAG H . -57.15 -31.00 15.20
C5 NAG H . -57.24 -31.13 16.73
C6 NAG H . -58.18 -32.23 17.20
C7 NAG H . -52.51 -29.79 14.50
C8 NAG H . -52.15 -31.25 14.42
N2 NAG H . -53.69 -29.49 15.08
O3 NAG H . -55.82 -30.07 13.40
O4 NAG H . -58.38 -30.50 14.70
O5 NAG H . -55.95 -31.46 17.28
O6 NAG H . -57.72 -33.52 16.81
O7 NAG H . -51.77 -28.92 14.05
C1 NAG I . -42.16 -1.12 17.05
C2 NAG I . -42.79 -0.08 16.12
C3 NAG I . -41.85 1.10 15.91
C4 NAG I . -41.30 1.62 17.23
C5 NAG I . -40.68 0.47 18.01
C6 NAG I . -40.15 0.90 19.36
C7 NAG I . -44.19 -1.44 14.62
C8 NAG I . -45.47 -1.02 15.29
N2 NAG I . -43.14 -0.65 14.83
O3 NAG I . -42.54 2.11 15.19
O4 NAG I . -40.28 2.58 16.98
O5 NAG I . -41.69 -0.53 18.25
O6 NAG I . -41.12 1.64 20.08
O7 NAG I . -44.12 -2.45 13.92
C1 NAG I . -40.55 3.95 17.05
C2 NAG I . -39.24 4.68 16.78
C3 NAG I . -39.47 6.18 16.72
C4 NAG I . -40.63 6.53 15.79
C5 NAG I . -41.87 5.74 16.23
C6 NAG I . -43.06 5.99 15.34
C7 NAG I . -37.30 3.45 17.62
C8 NAG I . -36.16 3.49 18.60
N2 NAG I . -38.25 4.37 17.79
O3 NAG I . -38.27 6.82 16.29
O4 NAG I . -40.90 7.92 15.88
O5 NAG I . -41.58 4.34 16.15
O6 NAG I . -44.28 5.64 15.98
O7 NAG I . -37.35 2.62 16.72
C1 NAG J . -10.14 -39.83 47.59
C2 NAG J . -9.18 -40.62 48.48
C3 NAG J . -7.91 -40.95 47.71
C4 NAG J . -8.22 -41.62 46.38
C5 NAG J . -9.22 -40.77 45.60
C6 NAG J . -9.68 -41.42 44.32
C7 NAG J . -9.48 -40.11 50.86
C8 NAG J . -10.14 -41.44 51.03
N2 NAG J . -8.85 -39.91 49.70
O3 NAG J . -7.07 -41.78 48.50
O4 NAG J . -7.02 -41.72 45.63
O5 NAG J . -10.39 -40.58 46.41
O6 NAG J . -10.81 -42.25 44.54
O7 NAG J . -9.50 -39.25 51.73
C1 NAG J . -6.71 -42.96 45.06
C2 NAG J . -5.60 -42.73 44.03
C3 NAG J . -5.01 -44.07 43.57
C4 NAG J . -4.67 -44.95 44.76
C5 NAG J . -5.92 -45.14 45.63
C6 NAG J . -5.68 -45.99 46.84
C7 NAG J . -5.85 -40.69 42.72
C8 NAG J . -4.75 -40.09 43.56
N2 NAG J . -6.07 -41.99 42.89
O3 NAG J . -3.87 -43.83 42.77
O4 NAG J . -4.24 -46.23 44.30
O5 NAG J . -6.34 -43.85 46.10
O6 NAG J . -6.85 -46.08 47.64
O7 NAG J . -6.49 -40.02 41.91
C1 NAG K . 7.48 -36.25 33.13
C2 NAG K . 8.90 -36.54 33.63
C3 NAG K . 9.59 -37.60 32.78
C4 NAG K . 8.64 -38.76 32.51
C5 NAG K . 7.40 -38.23 31.81
C6 NAG K . 6.43 -39.29 31.38
C7 NAG K . 10.50 -34.97 34.61
C8 NAG K . 11.63 -34.05 34.24
N2 NAG K . 9.68 -35.31 33.61
O3 NAG K . 10.75 -38.06 33.46
O4 NAG K . 9.30 -39.72 31.67
O5 NAG K . 6.71 -37.38 32.75
O6 NAG K . 5.93 -40.04 32.49
O7 NAG K . 10.33 -35.36 35.75
C1 NAG K . 9.22 -41.07 32.01
C2 NAG K . 9.59 -41.90 30.78
C3 NAG K . 9.68 -43.38 31.14
C4 NAG K . 10.53 -43.58 32.39
C5 NAG K . 9.94 -42.76 33.52
C6 NAG K . 10.71 -42.91 34.83
C7 NAG K . 8.67 -40.72 28.84
C8 NAG K . 7.52 -40.63 27.90
N2 NAG K . 8.62 -41.71 29.73
O3 NAG K . 10.21 -44.11 30.04
O4 NAG K . 10.53 -44.95 32.74
O5 NAG K . 9.98 -41.37 33.17
O6 NAG K . 12.00 -43.47 34.59
O7 NAG K . 9.60 -39.92 28.81
C1 FUC K . 5.09 -41.09 32.10
C2 FUC K . 4.75 -41.89 33.35
C3 FUC K . 3.74 -41.18 34.23
C4 FUC K . 2.56 -40.65 33.43
C5 FUC K . 3.08 -39.80 32.29
C6 FUC K . 1.97 -39.27 31.40
O2 FUC K . 5.93 -42.18 34.08
O3 FUC K . 3.30 -42.07 35.25
O4 FUC K . 1.79 -41.74 32.92
O5 FUC K . 3.93 -40.60 31.44
C1 NAG L . -1.83 6.54 33.58
C2 NAG L . -1.28 6.46 32.15
C3 NAG L . -0.75 7.82 31.71
C4 NAG L . -1.71 8.94 32.05
C5 NAG L . -2.05 8.88 33.54
C6 NAG L . -3.01 9.97 33.98
C7 NAG L . 0.70 5.24 32.94
C8 NAG L . 0.83 3.84 33.45
N2 NAG L . -0.26 5.44 32.03
O3 NAG L . -0.50 7.75 30.31
O4 NAG L . -1.12 10.22 31.81
O5 NAG L . -2.70 7.63 33.80
O6 NAG L . -3.23 9.91 35.38
O7 NAG L . 1.43 6.14 33.32
C1 NAG L . -1.17 10.83 30.55
C2 NAG L . -0.66 12.25 30.74
C3 NAG L . -0.61 12.98 29.41
C4 NAG L . 0.16 12.17 28.37
C5 NAG L . -0.43 10.77 28.28
C6 NAG L . 0.36 9.87 27.35
C7 NAG L . -1.08 13.17 32.97
C8 NAG L . -2.13 13.72 33.89
N2 NAG L . -1.47 12.97 31.70
O3 NAG L . -0.02 14.26 29.60
O4 NAG L . 0.05 12.80 27.10
O5 NAG L . -0.38 10.15 29.59
O6 NAG L . -0.14 8.54 27.39
O7 NAG L . 0.06 12.93 33.34
C1 NAG M . -0.09 -7.86 58.99
C2 NAG M . 0.05 -9.33 59.39
C3 NAG M . -0.93 -9.66 60.52
C4 NAG M . -0.82 -8.67 61.67
C5 NAG M . -0.96 -7.26 61.13
C6 NAG M . -0.77 -6.19 62.19
C7 NAG M . 0.82 -10.90 57.70
C8 NAG M . 0.44 -11.82 56.60
N2 NAG M . -0.16 -10.20 58.27
O3 NAG M . -0.69 -10.99 60.96
O4 NAG M . -1.89 -8.90 62.58
O5 NAG M . 0.06 -7.03 60.13
O6 NAG M . -1.40 -4.97 61.81
O7 NAG M . 2.00 -10.79 58.08
C1 NAG M . -1.69 -9.63 63.74
C2 NAG M . -3.03 -9.74 64.48
C3 NAG M . -2.80 -10.45 65.81
C4 NAG M . -2.15 -11.81 65.59
C5 NAG M . -0.89 -11.64 64.74
C6 NAG M . -0.29 -12.96 64.33
C7 NAG M . -4.56 -7.98 63.80
C8 NAG M . -4.73 -6.49 63.77
N2 NAG M . -3.65 -8.45 64.67
O3 NAG M . -4.05 -10.59 66.49
O4 NAG M . -1.79 -12.37 66.84
O5 NAG M . -1.21 -10.94 63.51
O6 NAG M . -1.26 -13.82 63.73
O7 NAG M . -5.19 -8.73 63.07
C1 NAG N . -42.62 -48.58 32.31
C2 NAG N . -43.86 -49.33 32.78
C3 NAG N . -43.50 -50.76 33.16
C4 NAG N . -42.67 -51.43 32.08
C5 NAG N . -41.44 -50.58 31.79
C6 NAG N . -40.55 -51.15 30.71
C7 NAG N . -45.82 -48.37 33.86
C8 NAG N . -46.43 -48.19 32.51
N2 NAG N . -44.52 -48.66 33.87
O3 NAG N . -44.70 -51.50 33.40
O4 NAG N . -42.25 -52.71 32.54
O5 NAG N . -41.87 -49.29 31.34
O6 NAG N . -41.26 -51.69 29.59
O7 NAG N . -46.47 -48.28 34.89
C1 NAG O . -7.16 -31.45 53.91
C2 NAG O . -6.12 -32.44 54.44
C3 NAG O . -6.20 -32.53 55.96
C4 NAG O . -6.08 -31.14 56.57
C5 NAG O . -7.13 -30.22 55.95
C6 NAG O . -7.03 -28.78 56.42
C7 NAG O . -7.37 -34.48 53.77
C8 NAG O . -7.34 -35.64 52.82
N2 NAG O . -6.25 -33.76 53.84
O3 NAG O . -5.20 -33.40 56.45
O4 NAG O . -6.29 -31.25 57.98
O5 NAG O . -6.94 -30.19 54.53
O6 NAG O . -5.74 -28.24 56.18
O7 NAG O . -8.36 -34.23 54.47
#